data_5TXM
#
_entry.id   5TXM
#
_cell.length_a   90.337
_cell.length_b   133.946
_cell.length_c   139.399
_cell.angle_alpha   90.00
_cell.angle_beta   97.71
_cell.angle_gamma   90.00
#
_symmetry.space_group_name_H-M   'P 1 21 1'
#
loop_
_entity.id
_entity.type
_entity.pdbx_description
1 polymer 'HIV-1 Reverse Transcriptase P66 subunit'
2 polymer 'HIV-1 Reverse Transcriptase P51 subunit'
3 polymer "DNA (5'-D(*TP*GP*GP*TP*CP*GP*GP*CP*GP*CP*CP*CP*GP*AP*AP*CP*AP*GP*GP*GP*AP*CP*TP*G)-3')"
4 polymer "DNA (5'-D(*CP*AP*GP*TP*CP*CP*CP*TP*GP*TP*TP*CP*GP*GP*(MRG)P*CP*GP*CP*CP*G)-3')"
5 branched beta-D-fructofuranose-(2-1)-alpha-D-glucopyranose
6 non-polymer 'MAGNESIUM ION'
7 non-polymer "2',3'-dideoxyadenosine triphosphate"
8 non-polymer 1,2-ETHANEDIOL
9 non-polymer 'SULFATE ION'
10 water water
#
loop_
_entity_poly.entity_id
_entity_poly.type
_entity_poly.pdbx_seq_one_letter_code
_entity_poly.pdbx_strand_id
1 'polypeptide(L)'
;MVPISPIETVPVKLKPGMDGPKVKQWPLTEEKIKALVEICTEMEKEGKISKIGPENPYNTPVFAIKKKDSTKWRKLVDFR
ELNKRTQDFWEVQLGIPHPAGLKKKKSVTVLDVGDAYFSVPLDEDFRKYTAFTIPSINNETPGIRYQYNVLPQGWKGSPA
IFQSSMTKILEPFKKQNPDIVIYQYMDDLYVGSDLEIGQHRTKIEELRQHLLRWGLTTPDKKHQKEPPFLWMGYELHPDK
WTVQPIVLPEKDSWTVNDICKLVGKLNWASQIYPGIKVRQLSKLLRGTKALTEVIPLTEEAELELAENREILKEPVHGVY
YDPSKDLIAEIQKQGQGQWTYQIYQEPFKNLKTGKYARMRGAHTNDVKQLTEAVQKITTESIVIWGKTPKFKLPIQKETW
ETWWTEYWQATWIPEWEFVNTPPLVKLWYQLEKEPIVGAETFYVDGAANRETKLGKAGYVTNKGRQKVVPLTNTTNQKTE
LQAIYLALQDSGLEVNIVTNSQYALGIIQAQPDKSESELVNQIIEQLIKKEKVYLAWVPAHKGIGGNEQVDKLVSAG
;
A,C
2 'polypeptide(L)'
;PISPIETVPVKLKPGMDGPKVKQWPLTEEKIKALVEICTEMEKEGKISKIGPENPYNTPVFAIKKKDSTKWRKLVDFREL
NKRTQDFWEVQLGIPHPAGLKKKKSVTVLDVGDAYFSVPLDEDFRKYTAFTIPSINNETPGIRYQYNVLPQGWKGSPAIF
QSSMTKILEPFKKQNPDIVIYQYMDDLYVGSDLEIGQHRTKIEELRQHLLRWGLTTPDKKHQKEPPFLWMGYELHPDKWT
VQPIVLPEKDSWTVNDIQKLVGKLNWASQIYPGIKVRQLSKLLRGTKALTEVIPLTEEAELELAENREILKEPVHGVYYD
PSKDLIAEIQKQGQGQWTYQIYQEPFKNLKTGKYARMRGAHTNDVKQLTEAVQKITTESIVIWGKTPKFKLPIQKETWET
WWTEYWQATWIPEWEFVNTPPLVKLWYQ
;
B,D
3 'polydeoxyribonucleotide'
;(DA)(DT)(DG)(DG)(DT)(DC)(DG)(DG)(DC)(DG)(DC)(DC)(DC)(DG)(DA)(DA)(DC)(DA)(DG)(DG)
(DG)(DA)(DC)(DT)(DG)(DT)(DG)
;
T,E
4 'polydeoxyribonucleotide'
;(DA)(DC)(DA)(DG)(DT)(DC)(DC)(DC)(DT)(DG)(DT)(DT)(DC)(DG)(DG)(MRG)(DC)(DG)(DC)
(DC)(DG)
;
P,F
#
loop_
_chem_comp.id
_chem_comp.type
_chem_comp.name
_chem_comp.formula
DA DNA linking 2'-DEOXYADENOSINE-5'-MONOPHOSPHATE 'C10 H14 N5 O6 P'
DC DNA linking 2'-DEOXYCYTIDINE-5'-MONOPHOSPHATE 'C9 H14 N3 O7 P'
DDS non-polymer '2',3'-dideoxyadenosine triphosphate' 'C10 H16 N5 O11 P3'
DG DNA linking 2'-DEOXYGUANOSINE-5'-MONOPHOSPHATE 'C10 H14 N5 O7 P'
DT DNA linking THYMIDINE-5'-MONOPHOSPHATE 'C10 H15 N2 O8 P'
EDO non-polymer 1,2-ETHANEDIOL 'C2 H6 O2'
FRU D-saccharide, beta linking beta-D-fructofuranose 'C6 H12 O6'
GLC D-saccharide, alpha linking alpha-D-glucopyranose 'C6 H12 O6'
MG non-polymer 'MAGNESIUM ION' 'Mg 2'
MRG DNA linking N2-(3-MERCAPTOPROPYL)-2'-DEOXYGUANOSINE-5'-MONOPHOSPHATE 'C13 H20 N5 O7 P S'
SO4 non-polymer 'SULFATE ION' 'O4 S -2'
#
# COMPACT_ATOMS: atom_id res chain seq x y z
N MET A 1 -37.64 -45.93 -8.35
CA MET A 1 -38.05 -44.87 -9.26
C MET A 1 -39.55 -44.59 -9.15
N VAL A 2 -40.01 -44.29 -7.93
CA VAL A 2 -41.44 -44.00 -7.74
C VAL A 2 -41.86 -42.75 -8.50
N PRO A 3 -41.07 -41.66 -8.53
CA PRO A 3 -41.53 -40.47 -9.26
C PRO A 3 -40.65 -40.15 -10.47
N ILE A 4 -41.28 -39.86 -11.59
CA ILE A 4 -40.55 -39.52 -12.81
C ILE A 4 -40.02 -38.09 -12.71
N SER A 5 -39.04 -37.79 -13.57
CA SER A 5 -38.34 -36.50 -13.65
C SER A 5 -38.68 -35.79 -14.96
N PRO A 6 -39.01 -34.45 -14.94
CA PRO A 6 -39.45 -33.77 -16.17
C PRO A 6 -38.49 -32.76 -16.79
N ILE A 7 -38.28 -31.62 -16.12
CA ILE A 7 -37.48 -30.50 -16.63
C ILE A 7 -36.41 -30.19 -15.59
N GLU A 8 -35.36 -29.51 -16.05
CA GLU A 8 -34.20 -29.26 -15.19
C GLU A 8 -34.58 -28.48 -13.94
N THR A 9 -34.07 -28.91 -12.80
CA THR A 9 -34.42 -28.33 -11.51
C THR A 9 -33.38 -27.30 -11.07
N VAL A 10 -33.69 -26.60 -9.98
CA VAL A 10 -32.86 -25.51 -9.47
C VAL A 10 -32.42 -25.88 -8.06
N PRO A 11 -31.12 -26.06 -7.81
CA PRO A 11 -30.65 -26.36 -6.45
C PRO A 11 -31.04 -25.27 -5.45
N VAL A 12 -31.55 -25.68 -4.30
CA VAL A 12 -32.07 -24.75 -3.30
C VAL A 12 -31.63 -25.16 -1.90
N LYS A 13 -30.57 -24.55 -1.39
CA LYS A 13 -30.10 -24.79 -0.04
C LYS A 13 -30.95 -24.04 0.99
N LEU A 14 -30.94 -24.54 2.22
CA LEU A 14 -31.42 -23.77 3.35
C LEU A 14 -30.37 -22.76 3.78
N LYS A 15 -30.81 -21.74 4.52
CA LYS A 15 -29.84 -20.84 5.13
C LYS A 15 -28.97 -21.63 6.10
N PRO A 16 -27.67 -21.34 6.14
CA PRO A 16 -26.73 -22.25 6.83
C PRO A 16 -27.07 -22.42 8.31
N GLY A 17 -26.82 -23.62 8.80
CA GLY A 17 -27.10 -23.95 10.20
C GLY A 17 -28.55 -23.80 10.60
N MET A 18 -29.49 -24.00 9.68
CA MET A 18 -30.90 -23.89 10.03
C MET A 18 -31.65 -25.07 9.42
N ASP A 19 -32.79 -25.41 10.03
CA ASP A 19 -33.50 -26.65 9.73
C ASP A 19 -34.96 -26.35 9.38
N GLY A 20 -35.60 -27.35 8.78
CA GLY A 20 -36.92 -27.21 8.19
C GLY A 20 -38.02 -26.82 9.14
N PRO A 21 -39.12 -26.31 8.59
CA PRO A 21 -40.18 -25.74 9.43
C PRO A 21 -40.94 -26.82 10.19
N LYS A 22 -41.25 -26.50 11.45
CA LYS A 22 -42.23 -27.27 12.21
C LYS A 22 -43.13 -26.27 12.91
N VAL A 23 -44.44 -26.35 12.64
CA VAL A 23 -45.43 -25.47 13.25
C VAL A 23 -46.80 -26.11 12.99
N LYS A 24 -47.68 -26.06 13.98
CA LYS A 24 -48.94 -26.79 13.87
C LYS A 24 -49.94 -26.10 12.95
N GLN A 25 -50.82 -26.92 12.37
CA GLN A 25 -51.81 -26.48 11.39
C GLN A 25 -52.91 -25.63 12.01
N TRP A 26 -53.66 -24.98 11.12
CA TRP A 26 -54.77 -24.09 11.46
C TRP A 26 -56.04 -24.88 11.79
N PRO A 27 -56.89 -24.36 12.69
CA PRO A 27 -58.22 -24.94 12.88
C PRO A 27 -59.12 -24.65 11.68
N LEU A 28 -58.94 -25.39 10.59
CA LEU A 28 -59.63 -25.09 9.35
C LEU A 28 -61.09 -25.54 9.42
N THR A 29 -62.00 -24.68 8.99
CA THR A 29 -63.42 -25.02 8.95
C THR A 29 -63.69 -26.13 7.93
N GLU A 30 -64.64 -27.01 8.27
CA GLU A 30 -64.92 -28.18 7.44
C GLU A 30 -65.35 -27.80 6.04
N GLU A 31 -66.01 -26.65 5.88
CA GLU A 31 -66.46 -26.24 4.54
C GLU A 31 -65.27 -26.08 3.60
N LYS A 32 -64.20 -25.44 4.07
CA LYS A 32 -62.99 -25.36 3.27
C LYS A 32 -62.35 -26.73 3.09
N ILE A 33 -62.45 -27.60 4.11
CA ILE A 33 -61.80 -28.91 4.08
C ILE A 33 -62.32 -29.76 2.91
N LYS A 34 -63.60 -29.61 2.56
CA LYS A 34 -64.16 -30.39 1.45
C LYS A 34 -63.39 -30.10 0.15
N ALA A 35 -63.14 -28.82 -0.14
CA ALA A 35 -62.44 -28.47 -1.36
C ALA A 35 -60.99 -28.94 -1.33
N LEU A 36 -60.32 -28.76 -0.19
CA LEU A 36 -58.89 -29.07 -0.09
C LEU A 36 -58.63 -30.56 -0.27
N VAL A 37 -59.42 -31.42 0.39
CA VAL A 37 -59.15 -32.85 0.38
C VAL A 37 -59.31 -33.42 -1.02
N GLU A 38 -60.32 -32.96 -1.76
CA GLU A 38 -60.55 -33.45 -3.11
C GLU A 38 -59.36 -33.16 -4.02
N ILE A 39 -58.89 -31.91 -4.01
CA ILE A 39 -57.78 -31.52 -4.88
C ILE A 39 -56.48 -32.18 -4.44
N CYS A 40 -56.20 -32.19 -3.13
CA CYS A 40 -54.91 -32.69 -2.64
C CYS A 40 -54.72 -34.17 -2.96
N THR A 41 -55.77 -34.98 -2.81
CA THR A 41 -55.67 -36.40 -3.15
C THR A 41 -55.35 -36.58 -4.63
N GLU A 42 -55.91 -35.73 -5.49
CA GLU A 42 -55.63 -35.80 -6.92
C GLU A 42 -54.16 -35.58 -7.22
N MET A 43 -53.48 -34.74 -6.44
CA MET A 43 -52.09 -34.40 -6.72
C MET A 43 -51.19 -35.63 -6.75
N GLU A 44 -51.42 -36.58 -5.84
CA GLU A 44 -50.55 -37.76 -5.75
C GLU A 44 -50.58 -38.59 -7.01
N LYS A 45 -51.74 -38.70 -7.66
CA LYS A 45 -51.86 -39.48 -8.89
C LYS A 45 -50.97 -38.92 -9.98
N GLU A 46 -50.93 -37.59 -10.12
CA GLU A 46 -50.02 -36.97 -11.09
C GLU A 46 -48.56 -37.16 -10.71
N GLY A 47 -48.26 -37.18 -9.41
CA GLY A 47 -46.90 -37.16 -8.91
C GLY A 47 -46.46 -35.82 -8.38
N LYS A 48 -47.36 -34.84 -8.32
CA LYS A 48 -47.06 -33.54 -7.74
C LYS A 48 -46.81 -33.62 -6.25
N ILE A 49 -47.50 -34.53 -5.55
CA ILE A 49 -47.39 -34.65 -4.10
C ILE A 49 -47.09 -36.11 -3.76
N SER A 50 -46.45 -36.32 -2.60
CA SER A 50 -46.10 -37.67 -2.15
C SER A 50 -46.39 -37.80 -0.65
N LYS A 51 -46.78 -39.01 -0.25
CA LYS A 51 -46.95 -39.32 1.16
C LYS A 51 -45.60 -39.52 1.83
N ILE A 52 -45.53 -39.20 3.12
CA ILE A 52 -44.30 -39.31 3.90
C ILE A 52 -44.59 -40.01 5.22
N GLY A 53 -43.73 -40.95 5.58
CA GLY A 53 -43.73 -41.53 6.91
C GLY A 53 -43.28 -40.52 7.94
N PRO A 54 -43.68 -40.73 9.20
CA PRO A 54 -43.28 -39.81 10.29
C PRO A 54 -41.77 -39.57 10.39
N GLU A 55 -40.98 -40.27 9.56
CA GLU A 55 -39.57 -39.94 9.38
C GLU A 55 -39.36 -38.49 8.97
N ASN A 56 -40.40 -37.82 8.45
CA ASN A 56 -40.38 -36.42 8.09
C ASN A 56 -40.90 -35.59 9.26
N PRO A 57 -40.01 -34.93 10.04
CA PRO A 57 -40.44 -34.22 11.24
C PRO A 57 -40.71 -32.73 11.00
N TYR A 58 -41.56 -32.43 10.02
CA TYR A 58 -41.84 -31.06 9.62
C TYR A 58 -43.33 -30.84 9.45
N ASN A 59 -43.82 -29.71 9.96
CA ASN A 59 -45.23 -29.35 9.87
C ASN A 59 -45.34 -27.87 9.54
N THR A 60 -46.13 -27.53 8.53
CA THR A 60 -46.34 -26.13 8.15
C THR A 60 -47.81 -25.92 7.81
N PRO A 61 -48.40 -24.81 8.26
CA PRO A 61 -49.84 -24.59 8.05
C PRO A 61 -50.22 -24.54 6.58
N VAL A 62 -51.52 -24.65 6.34
CA VAL A 62 -52.09 -24.75 5.00
C VAL A 62 -53.48 -24.09 5.04
N PHE A 63 -53.89 -23.53 3.90
CA PHE A 63 -55.18 -22.88 3.75
C PHE A 63 -55.48 -22.78 2.26
N ALA A 64 -56.62 -22.14 1.93
CA ALA A 64 -57.05 -22.06 0.54
C ALA A 64 -58.00 -20.89 0.36
N ILE A 65 -58.07 -20.40 -0.87
CA ILE A 65 -59.01 -19.34 -1.25
C ILE A 65 -59.45 -19.59 -2.69
N LYS A 66 -60.71 -19.22 -2.97
CA LYS A 66 -61.26 -19.39 -4.31
C LYS A 66 -60.56 -18.51 -5.34
N LYS A 67 -60.22 -19.10 -6.49
CA LYS A 67 -59.80 -18.33 -7.66
C LYS A 67 -60.87 -17.32 -8.03
N LYS A 68 -60.47 -16.06 -8.18
CA LYS A 68 -61.41 -15.01 -8.56
C LYS A 68 -62.05 -15.33 -9.91
N ASP A 69 -63.34 -15.04 -10.02
CA ASP A 69 -64.13 -15.27 -11.24
C ASP A 69 -64.08 -16.73 -11.69
N SER A 70 -64.05 -17.66 -10.73
CA SER A 70 -64.03 -19.07 -11.07
C SER A 70 -64.58 -19.88 -9.90
N THR A 71 -65.06 -21.09 -10.22
CA THR A 71 -65.46 -22.05 -9.20
C THR A 71 -64.28 -22.77 -8.58
N LYS A 72 -63.13 -22.83 -9.26
CA LYS A 72 -61.98 -23.56 -8.77
C LYS A 72 -61.43 -22.93 -7.49
N TRP A 73 -60.63 -23.72 -6.77
CA TRP A 73 -59.99 -23.30 -5.53
C TRP A 73 -58.48 -23.26 -5.69
N ARG A 74 -57.85 -22.36 -4.94
CA ARG A 74 -56.40 -22.15 -4.99
C ARG A 74 -55.76 -22.73 -3.74
N LYS A 75 -54.69 -23.50 -3.92
CA LYS A 75 -54.06 -24.26 -2.84
C LYS A 75 -52.79 -23.55 -2.40
N LEU A 76 -52.87 -22.91 -1.24
CA LEU A 76 -51.79 -22.06 -0.72
C LEU A 76 -51.21 -22.68 0.54
N VAL A 77 -49.91 -22.43 0.76
CA VAL A 77 -49.21 -22.93 1.94
C VAL A 77 -48.54 -21.74 2.62
N ASP A 78 -48.87 -21.53 3.89
CA ASP A 78 -48.27 -20.45 4.66
C ASP A 78 -46.85 -20.85 5.04
N PHE A 79 -45.92 -20.61 4.12
CA PHE A 79 -44.51 -20.92 4.29
C PHE A 79 -43.73 -19.78 4.92
N ARG A 80 -44.38 -18.94 5.75
CA ARG A 80 -43.70 -17.80 6.33
C ARG A 80 -42.47 -18.21 7.14
N GLU A 81 -42.58 -19.30 7.90
CA GLU A 81 -41.43 -19.77 8.67
C GLU A 81 -40.39 -20.44 7.79
N LEU A 82 -40.80 -21.09 6.70
CA LEU A 82 -39.84 -21.70 5.80
C LEU A 82 -39.10 -20.66 4.97
N ASN A 83 -39.81 -19.64 4.49
CA ASN A 83 -39.16 -18.52 3.82
C ASN A 83 -38.02 -17.94 4.67
N LYS A 84 -38.32 -17.60 5.93
CA LYS A 84 -37.33 -17.05 6.85
C LYS A 84 -36.03 -17.85 6.85
N ARG A 85 -36.12 -19.17 6.74
CA ARG A 85 -34.95 -20.04 6.84
C ARG A 85 -34.44 -20.51 5.49
N THR A 86 -35.09 -20.13 4.39
CA THR A 86 -34.66 -20.51 3.06
C THR A 86 -33.68 -19.49 2.50
N GLN A 87 -32.77 -19.97 1.66
CA GLN A 87 -31.76 -19.11 1.05
C GLN A 87 -32.42 -17.98 0.26
N ASP A 88 -31.72 -16.86 0.17
CA ASP A 88 -32.20 -15.74 -0.62
C ASP A 88 -31.99 -15.98 -2.11
N PHE A 89 -32.95 -15.55 -2.91
CA PHE A 89 -32.83 -15.56 -4.36
C PHE A 89 -32.68 -14.13 -4.88
N TRP A 90 -32.35 -14.02 -6.18
CA TRP A 90 -32.39 -12.75 -6.88
C TRP A 90 -33.60 -12.79 -7.81
N GLU A 91 -34.58 -11.93 -7.51
CA GLU A 91 -35.78 -11.87 -8.33
C GLU A 91 -35.42 -11.47 -9.76
N VAL A 92 -35.99 -12.19 -10.73
CA VAL A 92 -35.74 -11.89 -12.13
C VAL A 92 -36.85 -11.08 -12.77
N GLN A 93 -37.93 -10.81 -12.02
CA GLN A 93 -39.02 -9.97 -12.49
C GLN A 93 -38.67 -8.52 -12.17
N LEU A 94 -38.25 -7.77 -13.18
CA LEU A 94 -37.74 -6.42 -12.97
C LEU A 94 -38.78 -5.34 -13.14
N GLY A 95 -40.02 -5.69 -13.44
CA GLY A 95 -41.05 -4.69 -13.61
C GLY A 95 -42.27 -5.29 -14.28
N ILE A 96 -43.19 -4.42 -14.65
CA ILE A 96 -44.47 -4.80 -15.22
C ILE A 96 -44.52 -4.32 -16.67
N PRO A 97 -44.96 -5.16 -17.61
CA PRO A 97 -45.09 -4.69 -18.99
C PRO A 97 -46.26 -3.75 -19.12
N HIS A 98 -46.09 -2.71 -19.95
CA HIS A 98 -47.17 -1.79 -20.18
C HIS A 98 -47.67 -1.87 -21.62
N PRO A 99 -48.99 -1.83 -21.83
CA PRO A 99 -49.54 -1.92 -23.20
C PRO A 99 -49.05 -0.83 -24.13
N ALA A 100 -48.76 0.37 -23.61
CA ALA A 100 -48.22 1.44 -24.45
C ALA A 100 -46.88 1.03 -25.07
N GLY A 101 -46.19 0.08 -24.44
CA GLY A 101 -44.99 -0.51 -25.02
C GLY A 101 -45.23 -1.32 -26.28
N LEU A 102 -46.38 -2.00 -26.36
CA LEU A 102 -46.64 -2.93 -27.46
C LEU A 102 -46.70 -2.20 -28.80
N LYS A 103 -46.09 -2.81 -29.81
CA LYS A 103 -46.27 -2.39 -31.19
C LYS A 103 -47.52 -3.07 -31.76
N LYS A 104 -48.05 -2.49 -32.83
CA LYS A 104 -49.22 -3.09 -33.47
C LYS A 104 -48.85 -4.42 -34.11
N LYS A 105 -49.71 -5.42 -33.92
CA LYS A 105 -49.51 -6.73 -34.49
C LYS A 105 -50.77 -7.15 -35.23
N LYS A 106 -50.58 -7.84 -36.35
CA LYS A 106 -51.73 -8.29 -37.13
C LYS A 106 -52.54 -9.33 -36.38
N SER A 107 -51.86 -10.30 -35.76
CA SER A 107 -52.51 -11.39 -35.06
C SER A 107 -51.93 -11.51 -33.66
N VAL A 108 -52.82 -11.58 -32.67
CA VAL A 108 -52.45 -11.61 -31.26
C VAL A 108 -53.11 -12.81 -30.61
N THR A 109 -52.33 -13.61 -29.88
CA THR A 109 -52.84 -14.71 -29.06
C THR A 109 -52.37 -14.53 -27.64
N VAL A 110 -53.28 -14.67 -26.68
CA VAL A 110 -52.95 -14.68 -25.27
C VAL A 110 -53.29 -16.06 -24.73
N LEU A 111 -52.31 -16.74 -24.15
CA LEU A 111 -52.51 -18.07 -23.61
C LEU A 111 -51.90 -18.16 -22.21
N ASP A 112 -52.41 -19.12 -21.45
CA ASP A 112 -52.21 -19.21 -20.01
C ASP A 112 -51.80 -20.63 -19.68
N VAL A 113 -50.64 -20.80 -19.06
CA VAL A 113 -50.22 -22.13 -18.62
C VAL A 113 -51.12 -22.57 -17.47
N GLY A 114 -51.43 -23.86 -17.43
CA GLY A 114 -52.32 -24.41 -16.42
C GLY A 114 -51.53 -25.13 -15.34
N ASP A 115 -51.83 -24.81 -14.09
CA ASP A 115 -51.12 -25.35 -12.93
C ASP A 115 -49.62 -25.08 -13.08
N ALA A 116 -49.31 -23.81 -13.40
CA ALA A 116 -47.96 -23.44 -13.80
C ALA A 116 -46.93 -23.75 -12.70
N TYR A 117 -47.24 -23.40 -11.46
CA TYR A 117 -46.33 -23.72 -10.36
C TYR A 117 -46.19 -25.23 -10.18
N PHE A 118 -47.30 -25.95 -10.28
CA PHE A 118 -47.33 -27.39 -10.05
C PHE A 118 -46.75 -28.21 -11.20
N SER A 119 -46.31 -27.56 -12.29
CA SER A 119 -45.66 -28.23 -13.41
C SER A 119 -44.15 -28.10 -13.40
N VAL A 120 -43.57 -27.47 -12.38
CA VAL A 120 -42.14 -27.20 -12.30
C VAL A 120 -41.58 -27.94 -11.10
N PRO A 121 -40.63 -28.86 -11.30
CA PRO A 121 -40.12 -29.68 -10.18
C PRO A 121 -39.37 -28.87 -9.13
N LEU A 122 -39.66 -29.17 -7.87
CA LEU A 122 -38.89 -28.64 -6.75
C LEU A 122 -37.56 -29.40 -6.64
N ASP A 123 -36.61 -28.79 -5.94
CA ASP A 123 -35.31 -29.44 -5.77
C ASP A 123 -35.47 -30.71 -4.97
N GLU A 124 -34.80 -31.77 -5.42
CA GLU A 124 -35.01 -33.09 -4.84
C GLU A 124 -34.67 -33.12 -3.35
N ASP A 125 -33.47 -32.64 -3.00
CA ASP A 125 -33.07 -32.62 -1.60
C ASP A 125 -33.99 -31.73 -0.77
N PHE A 126 -34.46 -30.63 -1.35
CA PHE A 126 -35.30 -29.67 -0.63
C PHE A 126 -36.73 -30.17 -0.44
N ARG A 127 -37.14 -31.22 -1.14
CA ARG A 127 -38.54 -31.62 -1.11
C ARG A 127 -39.03 -31.94 0.30
N LYS A 128 -38.14 -32.42 1.16
CA LYS A 128 -38.55 -32.87 2.50
C LYS A 128 -39.16 -31.74 3.31
N TYR A 129 -38.64 -30.51 3.16
CA TYR A 129 -39.04 -29.39 4.00
C TYR A 129 -40.48 -28.92 3.76
N THR A 130 -41.11 -29.35 2.66
CA THR A 130 -42.48 -28.94 2.36
C THR A 130 -43.51 -29.45 3.38
N ALA A 131 -43.16 -30.46 4.17
CA ALA A 131 -44.14 -31.35 4.81
C ALA A 131 -45.23 -30.60 5.56
N PHE A 132 -46.48 -31.03 5.33
CA PHE A 132 -47.65 -30.50 6.00
C PHE A 132 -48.64 -31.64 6.23
N THR A 133 -49.49 -31.47 7.23
CA THR A 133 -50.49 -32.49 7.59
C THR A 133 -51.89 -32.01 7.22
N ILE A 134 -52.63 -32.87 6.52
CA ILE A 134 -53.98 -32.58 6.02
C ILE A 134 -54.98 -32.67 7.18
N PRO A 135 -56.11 -31.95 7.15
CA PRO A 135 -57.10 -32.07 8.23
C PRO A 135 -58.36 -32.82 7.79
N SER A 136 -59.17 -33.24 8.75
CA SER A 136 -60.36 -34.03 8.50
C SER A 136 -61.60 -33.29 8.99
N ILE A 137 -62.77 -33.84 8.63
CA ILE A 137 -64.03 -33.24 9.04
C ILE A 137 -64.16 -33.23 10.56
N ASN A 138 -63.68 -34.28 11.21
CA ASN A 138 -63.53 -34.33 12.65
C ASN A 138 -62.06 -34.28 13.03
N ASN A 139 -61.81 -34.19 14.32
CA ASN A 139 -60.45 -34.30 14.85
C ASN A 139 -60.05 -35.75 15.11
N GLU A 140 -60.96 -36.69 14.87
CA GLU A 140 -60.65 -38.10 15.06
C GLU A 140 -59.73 -38.63 13.98
N THR A 141 -60.10 -38.43 12.71
CA THR A 141 -59.28 -38.90 11.59
C THR A 141 -58.00 -38.07 11.50
N PRO A 142 -56.82 -38.71 11.47
CA PRO A 142 -55.56 -37.95 11.52
C PRO A 142 -55.26 -37.11 10.28
N GLY A 143 -55.42 -37.68 9.09
CA GLY A 143 -55.00 -37.01 7.87
C GLY A 143 -53.57 -37.30 7.46
N ILE A 144 -53.33 -37.40 6.16
CA ILE A 144 -52.03 -37.84 5.63
C ILE A 144 -51.06 -36.68 5.60
N ARG A 145 -49.77 -36.99 5.68
CA ARG A 145 -48.68 -36.03 5.57
C ARG A 145 -48.11 -36.05 4.16
N TYR A 146 -47.83 -34.87 3.62
CA TYR A 146 -47.48 -34.71 2.20
C TYR A 146 -46.26 -33.83 2.03
N GLN A 147 -45.43 -34.20 1.05
CA GLN A 147 -44.28 -33.39 0.62
C GLN A 147 -44.42 -33.05 -0.86
N TYR A 148 -44.20 -31.78 -1.20
CA TYR A 148 -44.31 -31.36 -2.59
C TYR A 148 -43.20 -31.96 -3.45
N ASN A 149 -43.57 -32.37 -4.66
CA ASN A 149 -42.63 -32.80 -5.67
C ASN A 149 -42.38 -31.72 -6.72
N VAL A 150 -42.98 -30.54 -6.56
CA VAL A 150 -43.00 -29.48 -7.56
C VAL A 150 -43.14 -28.16 -6.82
N LEU A 151 -42.99 -27.06 -7.57
CA LEU A 151 -43.05 -25.72 -6.97
C LEU A 151 -44.38 -25.51 -6.27
N PRO A 152 -44.39 -25.01 -5.04
CA PRO A 152 -45.66 -24.77 -4.35
C PRO A 152 -45.96 -23.29 -4.20
N GLN A 153 -47.21 -22.98 -3.86
CA GLN A 153 -47.67 -21.60 -3.76
C GLN A 153 -47.58 -21.15 -2.30
N GLY A 154 -46.94 -20.01 -2.08
CA GLY A 154 -46.69 -19.47 -0.76
C GLY A 154 -45.26 -19.53 -0.33
N TRP A 155 -44.42 -20.27 -1.04
CA TRP A 155 -42.98 -20.24 -0.83
C TRP A 155 -42.42 -18.94 -1.42
N LYS A 156 -41.20 -18.61 -1.04
CA LYS A 156 -40.59 -17.38 -1.52
C LYS A 156 -39.66 -17.61 -2.70
N GLY A 157 -39.43 -18.85 -3.10
CA GLY A 157 -38.58 -19.12 -4.25
C GLY A 157 -39.38 -19.52 -5.47
N SER A 158 -40.69 -19.64 -5.30
CA SER A 158 -41.54 -20.12 -6.39
C SER A 158 -41.56 -19.19 -7.59
N PRO A 159 -41.85 -17.89 -7.46
CA PRO A 159 -41.92 -17.04 -8.68
C PRO A 159 -40.63 -17.00 -9.47
N ALA A 160 -39.48 -16.78 -8.81
CA ALA A 160 -38.23 -16.64 -9.54
C ALA A 160 -37.85 -17.94 -10.25
N ILE A 161 -38.05 -19.08 -9.59
CA ILE A 161 -37.74 -20.37 -10.21
C ILE A 161 -38.63 -20.62 -11.41
N PHE A 162 -39.93 -20.32 -11.28
CA PHE A 162 -40.84 -20.53 -12.41
C PHE A 162 -40.49 -19.62 -13.57
N GLN A 163 -40.23 -18.34 -13.27
CA GLN A 163 -39.94 -17.39 -14.34
C GLN A 163 -38.66 -17.77 -15.08
N SER A 164 -37.63 -18.16 -14.33
CA SER A 164 -36.37 -18.60 -14.96
C SER A 164 -36.56 -19.90 -15.73
N SER A 165 -37.30 -20.86 -15.17
CA SER A 165 -37.56 -22.10 -15.89
C SER A 165 -38.36 -21.86 -17.15
N MET A 166 -39.38 -21.00 -17.05
CA MET A 166 -40.20 -20.67 -18.22
C MET A 166 -39.38 -20.01 -19.32
N THR A 167 -38.47 -19.11 -18.94
CA THR A 167 -37.64 -18.43 -19.93
C THR A 167 -36.75 -19.41 -20.67
N LYS A 168 -36.17 -20.38 -19.95
CA LYS A 168 -35.29 -21.36 -20.58
C LYS A 168 -36.02 -22.19 -21.61
N ILE A 169 -37.26 -22.59 -21.30
CA ILE A 169 -38.07 -23.35 -22.26
C ILE A 169 -38.42 -22.50 -23.48
N LEU A 170 -38.80 -21.24 -23.25
CA LEU A 170 -39.21 -20.39 -24.37
C LEU A 170 -38.04 -20.06 -25.30
N GLU A 171 -36.82 -19.99 -24.78
CA GLU A 171 -35.69 -19.50 -25.56
C GLU A 171 -35.45 -20.28 -26.86
N PRO A 172 -35.56 -21.61 -26.92
CA PRO A 172 -35.40 -22.28 -28.22
C PRO A 172 -36.46 -21.90 -29.23
N PHE A 173 -37.72 -21.76 -28.81
CA PHE A 173 -38.78 -21.40 -29.74
C PHE A 173 -38.55 -20.00 -30.29
N LYS A 174 -38.12 -19.05 -29.45
CA LYS A 174 -37.93 -17.69 -29.93
C LYS A 174 -36.73 -17.58 -30.85
N LYS A 175 -35.75 -18.48 -30.69
CA LYS A 175 -34.61 -18.50 -31.60
C LYS A 175 -35.00 -19.07 -32.96
N GLN A 176 -35.90 -20.06 -32.98
CA GLN A 176 -36.41 -20.58 -34.24
C GLN A 176 -37.43 -19.66 -34.89
N ASN A 177 -38.06 -18.76 -34.12
CA ASN A 177 -39.09 -17.86 -34.62
C ASN A 177 -38.72 -16.42 -34.27
N PRO A 178 -37.64 -15.89 -34.84
CA PRO A 178 -37.15 -14.55 -34.45
C PRO A 178 -38.17 -13.44 -34.59
N ASP A 179 -39.17 -13.59 -35.46
CA ASP A 179 -40.11 -12.52 -35.76
C ASP A 179 -41.40 -12.62 -34.96
N ILE A 180 -41.51 -13.58 -34.06
CA ILE A 180 -42.65 -13.66 -33.14
C ILE A 180 -42.33 -12.88 -31.88
N VAL A 181 -43.31 -12.14 -31.38
CA VAL A 181 -43.21 -11.40 -30.12
C VAL A 181 -43.88 -12.22 -29.03
N ILE A 182 -43.12 -12.57 -27.99
CA ILE A 182 -43.64 -13.28 -26.83
C ILE A 182 -43.36 -12.45 -25.58
N TYR A 183 -44.41 -11.87 -25.01
CA TYR A 183 -44.34 -11.24 -23.70
C TYR A 183 -44.63 -12.31 -22.65
N GLN A 184 -43.62 -12.64 -21.85
CA GLN A 184 -43.76 -13.68 -20.84
C GLN A 184 -43.84 -13.01 -19.48
N TYR A 185 -45.01 -13.09 -18.84
CA TYR A 185 -45.20 -12.56 -17.49
C TYR A 185 -45.81 -13.65 -16.63
N MET A 186 -44.99 -14.24 -15.75
CA MET A 186 -45.38 -15.37 -14.91
C MET A 186 -45.80 -16.48 -15.87
N ASP A 187 -47.03 -17.00 -15.81
CA ASP A 187 -47.50 -18.00 -16.75
C ASP A 187 -48.30 -17.45 -17.91
N ASP A 188 -48.61 -16.15 -17.93
CA ASP A 188 -49.36 -15.57 -19.03
C ASP A 188 -48.43 -15.24 -20.18
N LEU A 189 -48.78 -15.73 -21.38
CA LEU A 189 -47.97 -15.52 -22.58
C LEU A 189 -48.77 -14.72 -23.59
N TYR A 190 -48.18 -13.65 -24.09
CA TYR A 190 -48.76 -12.83 -25.15
C TYR A 190 -47.95 -13.11 -26.40
N VAL A 191 -48.61 -13.57 -27.45
CA VAL A 191 -47.92 -13.94 -28.68
C VAL A 191 -48.50 -13.07 -29.80
N GLY A 192 -47.64 -12.34 -30.47
CA GLY A 192 -48.06 -11.45 -31.54
C GLY A 192 -47.16 -11.60 -32.75
N SER A 193 -47.78 -11.63 -33.92
CA SER A 193 -47.06 -11.73 -35.17
C SER A 193 -47.76 -10.91 -36.22
N ASP A 194 -47.01 -10.54 -37.26
CA ASP A 194 -47.60 -9.99 -38.46
C ASP A 194 -48.00 -11.08 -39.46
N LEU A 195 -47.89 -12.35 -39.09
CA LEU A 195 -48.41 -13.43 -39.91
C LEU A 195 -49.92 -13.30 -40.08
N GLU A 196 -50.40 -13.73 -41.24
CA GLU A 196 -51.83 -13.74 -41.47
C GLU A 196 -52.48 -14.77 -40.55
N ILE A 197 -53.76 -14.54 -40.23
CA ILE A 197 -54.39 -15.15 -39.07
C ILE A 197 -54.28 -16.67 -39.12
N GLY A 198 -54.42 -17.26 -40.32
CA GLY A 198 -54.28 -18.70 -40.43
C GLY A 198 -52.89 -19.20 -40.09
N GLN A 199 -51.86 -18.56 -40.66
CA GLN A 199 -50.48 -18.96 -40.37
C GLN A 199 -50.12 -18.74 -38.91
N HIS A 200 -50.64 -17.67 -38.32
CA HIS A 200 -50.33 -17.35 -36.92
C HIS A 200 -50.81 -18.47 -35.99
N ARG A 201 -52.03 -18.97 -36.21
CA ARG A 201 -52.55 -20.06 -35.40
C ARG A 201 -51.72 -21.32 -35.55
N THR A 202 -51.09 -21.51 -36.71
CA THR A 202 -50.17 -22.63 -36.88
C THR A 202 -49.01 -22.53 -35.90
N LYS A 203 -48.38 -21.35 -35.83
CA LYS A 203 -47.30 -21.13 -34.87
C LYS A 203 -47.81 -21.26 -33.43
N ILE A 204 -49.02 -20.77 -33.15
CA ILE A 204 -49.54 -20.84 -31.79
C ILE A 204 -49.67 -22.28 -31.33
N GLU A 205 -50.29 -23.13 -32.16
CA GLU A 205 -50.39 -24.54 -31.79
C GLU A 205 -49.02 -25.19 -31.75
N GLU A 206 -48.15 -24.82 -32.69
CA GLU A 206 -46.79 -25.34 -32.69
C GLU A 206 -46.04 -24.93 -31.42
N LEU A 207 -46.26 -23.70 -30.94
CA LEU A 207 -45.73 -23.28 -29.65
C LEU A 207 -46.35 -24.11 -28.52
N ARG A 208 -47.64 -24.39 -28.59
CA ARG A 208 -48.29 -25.20 -27.56
C ARG A 208 -47.66 -26.60 -27.49
N GLN A 209 -47.33 -27.17 -28.65
CA GLN A 209 -46.64 -28.44 -28.68
C GLN A 209 -45.26 -28.32 -28.02
N HIS A 210 -44.57 -27.22 -28.28
CA HIS A 210 -43.25 -27.02 -27.68
C HIS A 210 -43.35 -26.97 -26.15
N LEU A 211 -44.32 -26.21 -25.63
CA LEU A 211 -44.53 -26.18 -24.19
C LEU A 211 -45.01 -27.51 -23.66
N LEU A 212 -45.79 -28.24 -24.45
CA LEU A 212 -46.30 -29.54 -24.01
C LEU A 212 -45.15 -30.51 -23.73
N ARG A 213 -44.10 -30.44 -24.55
CA ARG A 213 -42.97 -31.36 -24.40
C ARG A 213 -42.37 -31.28 -23.01
N TRP A 214 -42.40 -30.10 -22.37
CA TRP A 214 -41.89 -29.95 -21.02
C TRP A 214 -42.99 -30.08 -19.97
N GLY A 215 -44.18 -30.54 -20.37
CA GLY A 215 -45.25 -30.74 -19.42
C GLY A 215 -46.05 -29.50 -19.11
N LEU A 216 -45.88 -28.43 -19.88
CA LEU A 216 -46.65 -27.21 -19.69
C LEU A 216 -47.90 -27.29 -20.55
N THR A 217 -49.06 -27.16 -19.92
CA THR A 217 -50.34 -27.36 -20.59
C THR A 217 -51.07 -26.04 -20.70
N THR A 218 -51.50 -25.71 -21.91
CA THR A 218 -52.29 -24.51 -22.16
C THR A 218 -53.74 -24.89 -22.44
N PRO A 219 -54.64 -24.77 -21.46
CA PRO A 219 -56.04 -25.12 -21.71
C PRO A 219 -56.71 -24.15 -22.66
N ASP A 220 -57.68 -24.68 -23.42
CA ASP A 220 -58.47 -23.84 -24.32
C ASP A 220 -59.27 -22.79 -23.56
N LYS A 221 -59.65 -23.07 -22.32
CA LYS A 221 -60.52 -22.16 -21.56
C LYS A 221 -59.87 -20.78 -21.42
N LYS A 222 -58.56 -20.75 -21.17
CA LYS A 222 -57.80 -19.52 -21.05
C LYS A 222 -57.16 -19.07 -22.37
N HIS A 223 -57.31 -19.85 -23.43
CA HIS A 223 -56.88 -19.42 -24.75
C HIS A 223 -57.72 -18.23 -25.20
N GLN A 224 -57.09 -17.28 -25.90
CA GLN A 224 -57.76 -16.05 -26.34
C GLN A 224 -57.50 -15.85 -27.84
N LYS A 225 -58.29 -16.54 -28.66
CA LYS A 225 -58.18 -16.41 -30.11
C LYS A 225 -58.64 -15.05 -30.61
N GLU A 226 -59.68 -14.48 -30.00
CA GLU A 226 -60.40 -13.36 -30.60
C GLU A 226 -60.35 -12.12 -29.71
N PRO A 227 -60.10 -10.92 -30.29
CA PRO A 227 -60.11 -9.63 -29.56
C PRO A 227 -61.52 -9.23 -29.12
N PRO A 228 -61.64 -8.42 -28.04
CA PRO A 228 -60.54 -7.80 -27.29
C PRO A 228 -59.92 -8.71 -26.22
N PHE A 229 -58.59 -8.86 -26.28
CA PHE A 229 -57.89 -9.71 -25.33
C PHE A 229 -57.81 -9.06 -23.96
N LEU A 230 -57.83 -9.89 -22.93
CA LEU A 230 -57.67 -9.46 -21.55
C LEU A 230 -56.27 -9.85 -21.09
N TRP A 231 -55.46 -8.84 -20.76
CA TRP A 231 -54.04 -9.05 -20.51
C TRP A 231 -53.54 -7.99 -19.53
N MET A 232 -52.96 -8.44 -18.41
CA MET A 232 -52.39 -7.56 -17.39
C MET A 232 -53.35 -6.44 -16.95
N GLY A 233 -54.63 -6.78 -16.81
CA GLY A 233 -55.62 -5.80 -16.40
C GLY A 233 -56.05 -4.81 -17.47
N TYR A 234 -55.66 -5.03 -18.73
CA TYR A 234 -56.04 -4.15 -19.82
C TYR A 234 -56.89 -4.92 -20.82
N GLU A 235 -57.63 -4.17 -21.63
CA GLU A 235 -58.36 -4.71 -22.77
C GLU A 235 -57.62 -4.32 -24.04
N LEU A 236 -57.19 -5.33 -24.81
CA LEU A 236 -56.39 -5.09 -26.00
C LEU A 236 -57.24 -5.24 -27.25
N HIS A 237 -57.30 -4.20 -28.05
CA HIS A 237 -57.99 -4.17 -29.33
C HIS A 237 -56.95 -4.05 -30.43
N PRO A 238 -57.32 -4.25 -31.68
CA PRO A 238 -56.31 -4.18 -32.75
C PRO A 238 -55.55 -2.86 -32.82
N ASP A 239 -56.23 -1.72 -32.62
CA ASP A 239 -55.57 -0.42 -32.71
C ASP A 239 -55.60 0.40 -31.43
N LYS A 240 -56.22 -0.10 -30.34
CA LYS A 240 -56.28 0.68 -29.12
C LYS A 240 -56.29 -0.27 -27.92
N TRP A 241 -56.10 0.30 -26.74
CA TRP A 241 -56.16 -0.45 -25.49
C TRP A 241 -56.76 0.45 -24.42
N THR A 242 -57.23 -0.17 -23.35
CA THR A 242 -57.75 0.57 -22.21
C THR A 242 -57.68 -0.30 -20.97
N VAL A 243 -57.83 0.36 -19.82
CA VAL A 243 -57.89 -0.35 -18.55
C VAL A 243 -59.24 -1.03 -18.42
N GLN A 244 -59.24 -2.21 -17.82
CA GLN A 244 -60.50 -2.86 -17.49
C GLN A 244 -61.25 -1.99 -16.49
N PRO A 245 -62.57 -1.87 -16.62
CA PRO A 245 -63.32 -0.87 -15.84
C PRO A 245 -63.05 -0.94 -14.35
N ILE A 246 -62.93 0.23 -13.72
CA ILE A 246 -62.62 0.37 -12.31
C ILE A 246 -63.87 0.87 -11.58
N VAL A 247 -64.28 0.14 -10.56
CA VAL A 247 -65.41 0.52 -9.72
C VAL A 247 -64.89 1.26 -8.50
N LEU A 248 -65.38 2.51 -8.29
CA LEU A 248 -65.04 3.35 -7.14
C LEU A 248 -66.13 3.25 -6.08
N PRO A 249 -65.78 2.89 -4.85
CA PRO A 249 -66.78 2.82 -3.77
C PRO A 249 -67.65 4.06 -3.68
N GLU A 250 -68.92 3.86 -3.34
CA GLU A 250 -69.92 4.92 -3.28
C GLU A 250 -70.22 5.39 -1.86
N LYS A 251 -69.49 4.87 -0.85
CA LYS A 251 -69.86 5.03 0.55
C LYS A 251 -70.22 6.46 0.90
N ASP A 252 -71.28 6.61 1.71
CA ASP A 252 -71.66 7.92 2.22
C ASP A 252 -70.81 8.34 3.41
N SER A 253 -70.29 7.39 4.18
CA SER A 253 -69.40 7.65 5.30
C SER A 253 -68.10 6.91 5.06
N TRP A 254 -66.99 7.64 5.06
CA TRP A 254 -65.70 7.10 4.66
C TRP A 254 -64.84 6.80 5.88
N THR A 255 -64.29 5.58 5.94
CA THR A 255 -63.31 5.22 6.95
C THR A 255 -61.91 5.54 6.44
N VAL A 256 -60.88 5.08 7.16
CA VAL A 256 -59.51 5.25 6.69
C VAL A 256 -59.21 4.25 5.59
N ASN A 257 -59.50 2.97 5.84
CA ASN A 257 -59.32 1.93 4.82
C ASN A 257 -60.04 2.27 3.52
N ASP A 258 -61.20 2.94 3.61
CA ASP A 258 -61.92 3.36 2.41
C ASP A 258 -61.05 4.24 1.51
N ILE A 259 -60.43 5.27 2.09
CA ILE A 259 -59.67 6.23 1.29
C ILE A 259 -58.49 5.56 0.59
N CYS A 260 -57.87 4.57 1.24
CA CYS A 260 -56.73 3.87 0.64
C CYS A 260 -57.12 3.19 -0.66
N LYS A 261 -58.19 2.40 -0.62
CA LYS A 261 -58.71 1.80 -1.86
C LYS A 261 -58.96 2.86 -2.92
N LEU A 262 -59.71 3.90 -2.55
CA LEU A 262 -59.98 5.01 -3.46
C LEU A 262 -58.70 5.55 -4.09
N VAL A 263 -57.77 6.03 -3.25
CA VAL A 263 -56.50 6.57 -3.74
C VAL A 263 -55.80 5.57 -4.66
N GLY A 264 -55.66 4.33 -4.20
CA GLY A 264 -54.94 3.33 -4.99
C GLY A 264 -55.63 3.02 -6.30
N LYS A 265 -56.96 3.12 -6.34
CA LYS A 265 -57.70 2.95 -7.59
C LYS A 265 -57.42 4.10 -8.55
N LEU A 266 -57.45 5.34 -8.03
CA LEU A 266 -57.22 6.51 -8.87
C LEU A 266 -55.79 6.55 -9.42
N ASN A 267 -54.83 6.02 -8.67
CA ASN A 267 -53.47 5.94 -9.18
C ASN A 267 -53.38 4.99 -10.36
N TRP A 268 -54.06 3.83 -10.24
CA TRP A 268 -54.16 2.92 -11.37
C TRP A 268 -54.85 3.58 -12.54
N ALA A 269 -55.92 4.33 -12.29
CA ALA A 269 -56.67 4.99 -13.37
C ALA A 269 -55.84 6.05 -14.08
N SER A 270 -54.96 6.76 -13.35
CA SER A 270 -54.29 7.91 -13.94
C SER A 270 -53.29 7.54 -15.02
N GLN A 271 -53.08 6.25 -15.29
CA GLN A 271 -52.16 5.88 -16.36
C GLN A 271 -52.74 6.14 -17.74
N ILE A 272 -54.06 6.34 -17.84
CA ILE A 272 -54.68 6.63 -19.12
C ILE A 272 -55.66 7.80 -19.02
N TYR A 273 -56.48 7.83 -17.98
CA TYR A 273 -57.39 8.96 -17.73
C TYR A 273 -56.61 10.23 -17.36
N PRO A 274 -56.59 11.26 -18.22
CA PRO A 274 -55.80 12.45 -17.90
C PRO A 274 -56.37 13.25 -16.74
N GLY A 275 -55.46 13.85 -15.98
CA GLY A 275 -55.84 14.85 -14.99
C GLY A 275 -56.37 14.34 -13.68
N ILE A 276 -56.11 13.08 -13.31
CA ILE A 276 -56.52 12.59 -12.00
C ILE A 276 -55.69 13.28 -10.93
N LYS A 277 -56.36 13.69 -9.85
CA LYS A 277 -55.72 14.41 -8.74
C LYS A 277 -56.08 13.72 -7.44
N VAL A 278 -55.07 13.31 -6.68
CA VAL A 278 -55.26 12.64 -5.41
C VAL A 278 -54.77 13.47 -4.22
N ARG A 279 -54.29 14.70 -4.46
CA ARG A 279 -53.69 15.51 -3.39
C ARG A 279 -54.61 15.66 -2.18
N GLN A 280 -55.83 16.16 -2.41
CA GLN A 280 -56.71 16.47 -1.29
C GLN A 280 -57.30 15.21 -0.66
N LEU A 281 -57.52 14.15 -1.44
CA LEU A 281 -57.96 12.89 -0.88
C LEU A 281 -56.90 12.25 0.01
N SER A 282 -55.62 12.42 -0.34
CA SER A 282 -54.55 11.87 0.48
C SER A 282 -54.29 12.72 1.72
N LYS A 283 -54.59 14.02 1.64
CA LYS A 283 -54.52 14.89 2.82
C LYS A 283 -55.31 14.31 4.00
N LEU A 284 -56.34 13.52 3.73
CA LEU A 284 -57.15 12.95 4.80
C LEU A 284 -56.43 11.83 5.54
N LEU A 285 -55.38 11.26 4.98
CA LEU A 285 -54.73 10.09 5.55
C LEU A 285 -53.53 10.41 6.42
N ARG A 286 -53.13 11.68 6.53
CA ARG A 286 -51.88 12.02 7.21
C ARG A 286 -52.06 12.03 8.71
N GLY A 287 -51.24 11.27 9.41
CA GLY A 287 -51.23 11.25 10.86
C GLY A 287 -52.48 10.64 11.48
N THR A 288 -52.96 9.54 10.93
CA THR A 288 -54.13 8.87 11.45
C THR A 288 -53.72 7.54 12.10
N LYS A 289 -54.45 7.18 13.15
CA LYS A 289 -54.10 6.02 13.98
C LYS A 289 -54.68 4.74 13.40
N ALA A 290 -56.01 4.61 13.41
CA ALA A 290 -56.69 3.36 13.11
C ALA A 290 -57.05 3.29 11.63
N LEU A 291 -56.72 2.16 10.99
CA LEU A 291 -57.20 1.89 9.65
C LEU A 291 -58.72 1.84 9.60
N THR A 292 -59.36 1.50 10.72
CA THR A 292 -60.82 1.41 10.79
C THR A 292 -61.49 2.76 11.03
N GLU A 293 -60.78 3.72 11.64
CA GLU A 293 -61.36 5.00 12.02
C GLU A 293 -62.09 5.66 10.86
N VAL A 294 -63.24 6.27 11.16
CA VAL A 294 -64.04 7.01 10.19
C VAL A 294 -63.55 8.44 10.13
N ILE A 295 -63.53 9.02 8.93
CA ILE A 295 -63.06 10.39 8.74
C ILE A 295 -63.98 11.13 7.77
N PRO A 296 -64.38 12.37 8.08
CA PRO A 296 -65.22 13.13 7.16
C PRO A 296 -64.41 13.81 6.08
N LEU A 297 -65.00 13.93 4.89
CA LEU A 297 -64.33 14.54 3.75
C LEU A 297 -64.46 16.05 3.80
N THR A 298 -63.32 16.75 3.71
CA THR A 298 -63.36 18.19 3.56
C THR A 298 -63.96 18.58 2.22
N GLU A 299 -64.36 19.86 2.12
CA GLU A 299 -64.89 20.35 0.84
C GLU A 299 -63.81 20.41 -0.22
N GLU A 300 -62.54 20.22 0.15
CA GLU A 300 -61.46 20.15 -0.84
C GLU A 300 -61.37 18.75 -1.42
N ALA A 301 -61.23 17.74 -0.56
CA ALA A 301 -61.23 16.35 -1.01
C ALA A 301 -62.55 15.96 -1.67
N GLU A 302 -63.65 16.62 -1.32
CA GLU A 302 -64.94 16.30 -1.94
C GLU A 302 -65.04 16.88 -3.35
N LEU A 303 -64.72 18.16 -3.51
CA LEU A 303 -64.70 18.78 -4.83
C LEU A 303 -63.77 18.03 -5.77
N GLU A 304 -62.54 17.76 -5.31
CA GLU A 304 -61.59 16.92 -6.05
C GLU A 304 -62.23 15.61 -6.50
N LEU A 305 -62.68 14.79 -5.54
CA LEU A 305 -63.34 13.52 -5.83
C LEU A 305 -64.49 13.66 -6.83
N ALA A 306 -65.18 14.80 -6.82
CA ALA A 306 -66.31 14.97 -7.74
C ALA A 306 -65.82 15.01 -9.19
N GLU A 307 -64.87 15.91 -9.49
CA GLU A 307 -64.33 15.98 -10.84
C GLU A 307 -63.50 14.76 -11.21
N ASN A 308 -62.92 14.08 -10.20
CA ASN A 308 -62.20 12.83 -10.47
C ASN A 308 -63.15 11.76 -11.01
N ARG A 309 -64.33 11.63 -10.40
CA ARG A 309 -65.34 10.70 -10.91
C ARG A 309 -65.79 11.08 -12.31
N GLU A 310 -65.97 12.38 -12.56
CA GLU A 310 -66.45 12.83 -13.87
C GLU A 310 -65.43 12.58 -14.98
N ILE A 311 -64.13 12.64 -14.67
CA ILE A 311 -63.12 12.28 -15.67
C ILE A 311 -63.28 10.82 -16.07
N LEU A 312 -63.55 9.96 -15.10
CA LEU A 312 -63.77 8.53 -15.37
C LEU A 312 -65.05 8.28 -16.15
N LYS A 313 -66.03 9.19 -16.06
CA LYS A 313 -67.30 9.01 -16.76
C LYS A 313 -67.09 8.69 -18.24
N GLU A 314 -66.32 9.52 -18.95
CA GLU A 314 -66.13 9.31 -20.37
C GLU A 314 -65.07 8.24 -20.60
N PRO A 315 -65.31 7.28 -21.50
CA PRO A 315 -64.27 6.29 -21.79
C PRO A 315 -63.10 6.93 -22.53
N VAL A 316 -61.90 6.53 -22.14
CA VAL A 316 -60.67 6.95 -22.80
C VAL A 316 -59.88 5.69 -23.17
N HIS A 317 -58.93 5.88 -24.08
CA HIS A 317 -58.14 4.77 -24.58
C HIS A 317 -56.76 5.25 -24.96
N GLY A 318 -55.79 4.34 -24.90
CA GLY A 318 -54.45 4.60 -25.38
C GLY A 318 -54.21 3.88 -26.68
N VAL A 319 -53.14 4.29 -27.37
CA VAL A 319 -52.77 3.65 -28.63
C VAL A 319 -51.50 2.85 -28.42
N TYR A 320 -50.93 2.30 -29.49
CA TYR A 320 -49.74 1.49 -29.39
C TYR A 320 -48.54 2.27 -29.92
N TYR A 321 -47.37 1.64 -29.86
CA TYR A 321 -46.11 2.33 -30.09
C TYR A 321 -45.64 2.09 -31.53
N ASP A 322 -45.28 3.18 -32.20
CA ASP A 322 -44.78 3.16 -33.57
C ASP A 322 -43.31 3.60 -33.54
N PRO A 323 -42.37 2.66 -33.52
CA PRO A 323 -40.94 3.00 -33.46
C PRO A 323 -40.47 3.99 -34.50
N SER A 324 -41.21 4.12 -35.61
CA SER A 324 -40.79 5.04 -36.66
C SER A 324 -40.97 6.50 -36.25
N LYS A 325 -42.06 6.80 -35.53
CA LYS A 325 -42.37 8.16 -35.12
C LYS A 325 -41.76 8.51 -33.76
N ASP A 326 -41.56 9.81 -33.54
CA ASP A 326 -41.00 10.33 -32.29
C ASP A 326 -41.92 10.08 -31.09
N LEU A 327 -41.32 10.09 -29.90
CA LEU A 327 -42.04 10.10 -28.64
C LEU A 327 -42.09 11.51 -28.07
N ILE A 328 -43.27 11.92 -27.58
CA ILE A 328 -43.44 13.29 -27.09
C ILE A 328 -44.13 13.24 -25.73
N ALA A 329 -43.57 13.96 -24.77
CA ALA A 329 -44.15 14.12 -23.46
C ALA A 329 -44.48 15.59 -23.24
N GLU A 330 -45.73 15.88 -22.91
CA GLU A 330 -46.18 17.21 -22.56
C GLU A 330 -46.62 17.23 -21.10
N ILE A 331 -46.24 18.28 -20.39
CA ILE A 331 -46.48 18.42 -18.97
C ILE A 331 -47.28 19.70 -18.74
N GLN A 332 -48.27 19.63 -17.85
CA GLN A 332 -49.02 20.79 -17.40
C GLN A 332 -48.90 20.93 -15.89
N LYS A 333 -48.83 22.18 -15.43
CA LYS A 333 -48.89 22.46 -14.00
C LYS A 333 -50.33 22.48 -13.54
N GLN A 334 -50.65 21.69 -12.53
CA GLN A 334 -52.01 21.57 -12.03
C GLN A 334 -52.23 22.29 -10.71
N GLY A 335 -51.23 22.99 -10.19
CA GLY A 335 -51.45 23.70 -8.94
C GLY A 335 -51.22 22.84 -7.73
N GLN A 336 -50.82 23.49 -6.63
CA GLN A 336 -50.51 22.83 -5.36
C GLN A 336 -49.53 21.68 -5.56
N GLY A 337 -48.40 22.00 -6.21
CA GLY A 337 -47.38 20.98 -6.50
C GLY A 337 -47.92 19.74 -7.17
N GLN A 338 -48.86 19.88 -8.10
CA GLN A 338 -49.42 18.76 -8.84
C GLN A 338 -49.14 18.96 -10.32
N TRP A 339 -48.67 17.90 -10.97
CA TRP A 339 -48.34 17.96 -12.38
C TRP A 339 -48.90 16.72 -13.06
N THR A 340 -49.45 16.91 -14.25
CA THR A 340 -49.86 15.78 -15.09
C THR A 340 -49.13 15.85 -16.41
N TYR A 341 -49.06 14.70 -17.07
CA TYR A 341 -48.34 14.64 -18.34
C TYR A 341 -49.01 13.66 -19.27
N GLN A 342 -48.78 13.87 -20.56
CA GLN A 342 -49.24 12.96 -21.60
C GLN A 342 -48.07 12.60 -22.48
N ILE A 343 -47.93 11.31 -22.79
CA ILE A 343 -46.94 10.81 -23.72
C ILE A 343 -47.68 10.34 -24.96
N TYR A 344 -47.28 10.85 -26.12
CA TYR A 344 -47.97 10.56 -27.38
C TYR A 344 -46.96 10.61 -28.53
N GLN A 345 -47.43 10.21 -29.72
CA GLN A 345 -46.67 10.35 -30.96
C GLN A 345 -47.40 11.16 -32.00
N GLU A 346 -48.64 10.77 -32.35
CA GLU A 346 -49.54 11.63 -33.11
C GLU A 346 -50.32 12.51 -32.15
N PRO A 347 -50.46 13.80 -32.45
CA PRO A 347 -51.19 14.69 -31.55
C PRO A 347 -52.59 14.17 -31.22
N PHE A 348 -52.92 14.23 -29.93
CA PHE A 348 -54.20 13.86 -29.31
C PHE A 348 -54.45 12.35 -29.26
N LYS A 349 -53.54 11.51 -29.72
CA LYS A 349 -53.66 10.06 -29.56
C LYS A 349 -52.62 9.62 -28.52
N ASN A 350 -53.04 9.50 -27.26
CA ASN A 350 -52.09 9.29 -26.17
C ASN A 350 -51.66 7.83 -26.09
N LEU A 351 -50.37 7.62 -25.85
CA LEU A 351 -49.86 6.32 -25.43
C LEU A 351 -50.19 6.05 -23.97
N LYS A 352 -49.88 7.00 -23.09
CA LYS A 352 -50.27 6.90 -21.69
C LYS A 352 -50.26 8.29 -21.09
N THR A 353 -50.83 8.40 -19.90
CA THR A 353 -50.80 9.63 -19.11
C THR A 353 -50.22 9.32 -17.73
N GLY A 354 -50.15 10.34 -16.88
CA GLY A 354 -49.61 10.13 -15.55
C GLY A 354 -49.54 11.45 -14.80
N LYS A 355 -49.16 11.33 -13.52
CA LYS A 355 -49.06 12.50 -12.66
C LYS A 355 -47.79 12.43 -11.82
N TYR A 356 -47.24 13.60 -11.52
CA TYR A 356 -46.15 13.74 -10.56
C TYR A 356 -46.59 14.79 -9.55
N ALA A 357 -46.87 14.36 -8.32
CA ALA A 357 -47.34 15.25 -7.28
C ALA A 357 -46.37 15.38 -6.09
N ARG A 358 -45.25 14.67 -6.10
CA ARG A 358 -44.42 14.57 -4.91
C ARG A 358 -43.88 15.93 -4.46
N MET A 359 -44.13 16.26 -3.19
CA MET A 359 -43.57 17.46 -2.58
C MET A 359 -42.20 17.11 -2.00
N ARG A 360 -41.16 17.70 -2.55
CA ARG A 360 -39.78 17.38 -2.18
C ARG A 360 -39.10 18.65 -1.69
N GLY A 361 -38.74 18.67 -0.41
CA GLY A 361 -38.08 19.80 0.21
C GLY A 361 -39.02 20.62 1.07
N ALA A 362 -38.45 21.32 2.07
CA ALA A 362 -39.25 22.22 2.87
C ALA A 362 -39.52 23.52 2.13
N HIS A 363 -38.57 23.96 1.29
CA HIS A 363 -38.72 25.13 0.44
C HIS A 363 -38.38 24.71 -0.99
N THR A 364 -39.22 25.12 -1.95
CA THR A 364 -39.02 24.71 -3.34
C THR A 364 -39.65 25.74 -4.26
N ASN A 365 -39.55 25.51 -5.57
CA ASN A 365 -40.25 26.33 -6.54
C ASN A 365 -40.75 25.44 -7.68
N ASP A 366 -41.48 26.06 -8.61
CA ASP A 366 -42.08 25.31 -9.70
C ASP A 366 -41.03 24.76 -10.64
N VAL A 367 -39.91 25.48 -10.85
CA VAL A 367 -38.88 25.04 -11.79
C VAL A 367 -38.23 23.74 -11.33
N LYS A 368 -37.92 23.64 -10.03
CA LYS A 368 -37.38 22.38 -9.52
C LYS A 368 -38.39 21.25 -9.69
N GLN A 369 -39.65 21.51 -9.38
CA GLN A 369 -40.65 20.46 -9.46
C GLN A 369 -40.85 20.03 -10.91
N LEU A 370 -40.81 20.98 -11.84
CA LEU A 370 -40.88 20.64 -13.26
C LEU A 370 -39.71 19.76 -13.65
N THR A 371 -38.51 20.07 -13.14
CA THR A 371 -37.34 19.24 -13.41
C THR A 371 -37.52 17.83 -12.85
N GLU A 372 -38.12 17.70 -11.67
CA GLU A 372 -38.36 16.38 -11.11
C GLU A 372 -39.32 15.59 -11.99
N ALA A 373 -40.38 16.23 -12.48
CA ALA A 373 -41.33 15.53 -13.34
C ALA A 373 -40.67 15.05 -14.63
N VAL A 374 -39.82 15.89 -15.23
CA VAL A 374 -39.10 15.51 -16.43
C VAL A 374 -38.25 14.28 -16.18
N GLN A 375 -37.57 14.23 -15.05
CA GLN A 375 -36.75 13.06 -14.73
C GLN A 375 -37.62 11.83 -14.52
N LYS A 376 -38.74 11.98 -13.79
CA LYS A 376 -39.60 10.83 -13.57
C LYS A 376 -40.16 10.31 -14.88
N ILE A 377 -40.54 11.22 -15.78
CA ILE A 377 -41.03 10.81 -17.09
C ILE A 377 -39.93 10.14 -17.89
N THR A 378 -38.70 10.68 -17.83
CA THR A 378 -37.61 10.12 -18.61
C THR A 378 -37.33 8.68 -18.24
N THR A 379 -37.20 8.38 -16.94
CA THR A 379 -36.94 7.01 -16.51
C THR A 379 -38.11 6.10 -16.83
N GLU A 380 -39.34 6.59 -16.63
CA GLU A 380 -40.51 5.79 -16.98
C GLU A 380 -40.49 5.43 -18.46
N SER A 381 -40.10 6.38 -19.32
CA SER A 381 -40.05 6.12 -20.75
C SER A 381 -38.96 5.12 -21.11
N ILE A 382 -37.80 5.22 -20.47
CA ILE A 382 -36.71 4.31 -20.81
C ILE A 382 -37.11 2.87 -20.48
N VAL A 383 -37.87 2.68 -19.40
CA VAL A 383 -38.38 1.34 -19.08
C VAL A 383 -39.31 0.84 -20.18
N ILE A 384 -40.32 1.63 -20.54
CA ILE A 384 -41.36 1.17 -21.47
C ILE A 384 -40.88 1.12 -22.92
N TRP A 385 -40.19 2.15 -23.39
CA TRP A 385 -39.81 2.24 -24.81
C TRP A 385 -38.31 2.25 -25.04
N GLY A 386 -37.50 2.40 -24.00
CA GLY A 386 -36.06 2.42 -24.20
C GLY A 386 -35.51 3.68 -24.82
N LYS A 387 -36.26 4.78 -24.78
CA LYS A 387 -35.78 6.06 -25.26
C LYS A 387 -36.47 7.18 -24.46
N THR A 388 -35.91 8.37 -24.60
CA THR A 388 -36.38 9.58 -23.94
C THR A 388 -37.28 10.35 -24.88
N PRO A 389 -38.49 10.72 -24.47
CA PRO A 389 -39.35 11.51 -25.35
C PRO A 389 -38.85 12.94 -25.48
N LYS A 390 -39.19 13.56 -26.61
CA LYS A 390 -39.04 14.99 -26.71
C LYS A 390 -40.07 15.64 -25.79
N PHE A 391 -39.68 16.71 -25.12
CA PHE A 391 -40.52 17.32 -24.10
C PHE A 391 -41.12 18.62 -24.61
N LYS A 392 -42.41 18.80 -24.33
CA LYS A 392 -43.10 20.07 -24.52
C LYS A 392 -43.45 20.59 -23.13
N LEU A 393 -42.87 21.74 -22.78
CA LEU A 393 -42.88 22.22 -21.40
C LEU A 393 -43.48 23.63 -21.33
N PRO A 394 -44.34 23.90 -20.32
CA PRO A 394 -44.92 25.23 -20.14
C PRO A 394 -43.98 26.21 -19.44
N ILE A 395 -42.75 26.29 -19.91
CA ILE A 395 -41.76 27.20 -19.34
C ILE A 395 -41.01 27.87 -20.49
N GLN A 396 -40.96 29.19 -20.46
CA GLN A 396 -40.26 29.94 -21.49
C GLN A 396 -38.79 29.50 -21.53
N LYS A 397 -38.23 29.50 -22.73
CA LYS A 397 -36.83 29.11 -22.88
C LYS A 397 -35.89 30.00 -22.09
N GLU A 398 -36.22 31.28 -21.95
CA GLU A 398 -35.34 32.22 -21.23
C GLU A 398 -35.44 32.02 -19.73
N THR A 399 -36.65 31.70 -19.24
CA THR A 399 -36.81 31.36 -17.83
C THR A 399 -35.89 30.21 -17.45
N TRP A 400 -35.96 29.12 -18.21
CA TRP A 400 -35.12 27.97 -17.94
C TRP A 400 -33.63 28.34 -18.02
N GLU A 401 -33.25 29.10 -19.04
CA GLU A 401 -31.85 29.52 -19.16
C GLU A 401 -31.41 30.35 -17.95
N THR A 402 -32.27 31.24 -17.45
CA THR A 402 -31.88 32.02 -16.28
C THR A 402 -31.70 31.11 -15.06
N TRP A 403 -32.63 30.18 -14.85
CA TRP A 403 -32.53 29.29 -13.69
C TRP A 403 -31.25 28.46 -13.71
N TRP A 404 -31.05 27.63 -14.76
CA TRP A 404 -29.99 26.63 -14.68
C TRP A 404 -28.59 27.27 -14.74
N THR A 405 -28.43 28.34 -15.51
CA THR A 405 -27.11 28.99 -15.57
C THR A 405 -26.71 29.57 -14.21
N GLU A 406 -27.68 30.09 -13.46
CA GLU A 406 -27.39 30.76 -12.19
C GLU A 406 -27.39 29.82 -10.98
N TYR A 407 -28.15 28.73 -11.02
CA TYR A 407 -28.22 27.78 -9.91
C TYR A 407 -26.84 27.19 -9.59
N TRP A 408 -26.61 26.87 -8.32
CA TRP A 408 -25.33 26.30 -7.91
C TRP A 408 -25.24 24.78 -8.08
N GLN A 409 -26.36 24.11 -8.33
CA GLN A 409 -26.35 22.68 -8.60
C GLN A 409 -26.35 22.44 -10.10
N ALA A 410 -25.70 21.37 -10.52
CA ALA A 410 -25.82 20.92 -11.89
C ALA A 410 -27.26 20.53 -12.16
N THR A 411 -27.87 21.13 -13.19
CA THR A 411 -29.24 20.75 -13.50
C THR A 411 -29.44 20.81 -15.00
N TRP A 412 -30.29 19.92 -15.51
CA TRP A 412 -30.42 19.81 -16.96
C TRP A 412 -31.75 19.18 -17.30
N ILE A 413 -32.29 19.59 -18.45
CA ILE A 413 -33.48 18.99 -19.06
C ILE A 413 -33.10 18.53 -20.46
N PRO A 414 -33.51 17.31 -20.90
CA PRO A 414 -33.19 16.86 -22.27
C PRO A 414 -33.97 17.64 -23.32
N GLU A 415 -33.74 17.33 -24.61
CA GLU A 415 -34.29 18.13 -25.71
C GLU A 415 -35.78 18.44 -25.56
N TRP A 416 -36.13 19.73 -25.66
CA TRP A 416 -37.49 20.16 -25.34
C TRP A 416 -37.82 21.45 -26.09
N GLU A 417 -39.11 21.73 -26.18
CA GLU A 417 -39.57 22.99 -26.75
C GLU A 417 -40.63 23.62 -25.85
N PHE A 418 -40.79 24.93 -26.00
CA PHE A 418 -41.77 25.66 -25.22
C PHE A 418 -43.15 25.46 -25.82
N VAL A 419 -44.13 25.15 -24.96
CA VAL A 419 -45.54 25.19 -25.33
C VAL A 419 -46.23 26.25 -24.48
N ASN A 420 -46.98 27.14 -25.13
CA ASN A 420 -47.58 28.32 -24.51
C ASN A 420 -48.92 28.02 -23.85
N THR A 421 -49.05 26.86 -23.19
CA THR A 421 -50.27 26.53 -22.47
C THR A 421 -50.17 27.01 -21.03
N PRO A 422 -50.93 28.05 -20.62
CA PRO A 422 -50.89 28.49 -19.22
C PRO A 422 -51.52 27.50 -18.25
N PRO A 423 -51.15 27.57 -16.97
CA PRO A 423 -50.22 28.51 -16.33
C PRO A 423 -48.74 28.26 -16.61
N LEU A 424 -48.03 29.29 -17.07
CA LEU A 424 -46.60 29.14 -17.33
C LEU A 424 -45.82 29.06 -16.03
N VAL A 425 -44.70 28.37 -16.08
CA VAL A 425 -43.78 28.23 -14.95
C VAL A 425 -42.73 29.32 -15.04
N LYS A 426 -42.57 30.09 -13.96
CA LYS A 426 -41.63 31.19 -14.00
C LYS A 426 -40.99 31.38 -12.63
N LEU A 427 -39.92 32.17 -12.62
CA LEU A 427 -39.31 32.62 -11.39
C LEU A 427 -40.02 33.89 -10.89
N TRP A 428 -40.49 33.85 -9.64
CA TRP A 428 -41.29 34.95 -9.14
C TRP A 428 -40.44 36.17 -8.76
N TYR A 429 -39.17 35.97 -8.40
CA TYR A 429 -38.29 37.10 -8.12
C TYR A 429 -36.86 36.73 -8.47
N GLN A 430 -36.03 37.74 -8.66
CA GLN A 430 -34.62 37.61 -8.99
C GLN A 430 -33.80 38.46 -8.02
N LEU A 431 -32.82 37.84 -7.37
CA LEU A 431 -31.87 38.59 -6.56
C LEU A 431 -30.82 39.26 -7.44
N GLU A 432 -30.49 40.51 -7.10
CA GLU A 432 -29.47 41.26 -7.84
C GLU A 432 -28.08 40.64 -7.66
N LYS A 433 -27.28 40.74 -8.72
CA LYS A 433 -25.89 40.29 -8.65
C LYS A 433 -24.98 41.29 -7.94
N GLU A 434 -25.29 42.59 -7.99
CA GLU A 434 -24.48 43.66 -7.43
C GLU A 434 -25.31 44.55 -6.52
N PRO A 435 -24.68 45.23 -5.57
CA PRO A 435 -25.44 46.14 -4.68
C PRO A 435 -26.10 47.26 -5.47
N ILE A 436 -27.26 47.68 -4.98
CA ILE A 436 -28.09 48.67 -5.65
C ILE A 436 -27.70 50.08 -5.20
N VAL A 437 -27.32 50.93 -6.15
CA VAL A 437 -26.93 52.30 -5.84
C VAL A 437 -28.16 53.11 -5.45
N GLY A 438 -28.06 53.84 -4.36
CA GLY A 438 -29.18 54.65 -3.91
C GLY A 438 -30.28 53.91 -3.14
N ALA A 439 -30.13 52.62 -2.90
CA ALA A 439 -31.06 51.87 -2.09
C ALA A 439 -30.58 51.79 -0.64
N GLU A 440 -31.52 51.89 0.28
CA GLU A 440 -31.15 51.84 1.70
C GLU A 440 -30.57 50.47 2.02
N THR A 441 -29.53 50.46 2.84
CA THR A 441 -28.84 49.23 3.24
C THR A 441 -29.30 48.85 4.63
N PHE A 442 -29.92 47.69 4.75
CA PHE A 442 -30.39 47.17 6.03
C PHE A 442 -29.44 46.10 6.54
N TYR A 443 -28.78 46.36 7.67
CA TYR A 443 -28.05 45.33 8.40
C TYR A 443 -28.97 44.61 9.37
N VAL A 444 -29.15 43.29 9.16
CA VAL A 444 -30.15 42.53 9.89
C VAL A 444 -29.47 41.45 10.70
N ASP A 445 -30.04 41.17 11.89
CA ASP A 445 -29.56 40.08 12.72
C ASP A 445 -30.68 39.69 13.68
N GLY A 446 -30.54 38.50 14.25
CA GLY A 446 -31.46 38.04 15.28
C GLY A 446 -30.76 37.03 16.17
N ALA A 447 -31.21 36.97 17.41
CA ALA A 447 -30.68 35.98 18.34
C ALA A 447 -31.82 35.50 19.23
N ALA A 448 -31.60 34.35 19.85
CA ALA A 448 -32.59 33.73 20.71
C ALA A 448 -31.88 32.91 21.75
N ASN A 449 -32.53 32.73 22.89
CA ASN A 449 -31.98 32.03 24.03
C ASN A 449 -32.44 30.58 23.99
N ARG A 450 -31.47 29.66 23.94
CA ARG A 450 -31.79 28.23 23.80
C ARG A 450 -32.71 27.74 24.90
N GLU A 451 -32.55 28.26 26.13
CA GLU A 451 -33.34 27.78 27.25
C GLU A 451 -34.72 28.43 27.31
N THR A 452 -34.76 29.77 27.31
CA THR A 452 -36.04 30.45 27.43
C THR A 452 -36.87 30.41 26.16
N LYS A 453 -36.23 30.21 25.00
CA LYS A 453 -36.86 30.32 23.68
C LYS A 453 -37.35 31.75 23.40
N LEU A 454 -36.70 32.74 24.00
CA LEU A 454 -37.00 34.13 23.78
C LEU A 454 -35.91 34.74 22.91
N GLY A 455 -36.30 35.72 22.10
CA GLY A 455 -35.34 36.28 21.17
C GLY A 455 -35.78 37.64 20.65
N LYS A 456 -34.86 38.24 19.91
CA LYS A 456 -35.04 39.54 19.29
C LYS A 456 -34.64 39.47 17.83
N ALA A 457 -35.36 40.21 16.99
CA ALA A 457 -35.02 40.39 15.59
C ALA A 457 -35.04 41.89 15.29
N GLY A 458 -34.05 42.36 14.53
CA GLY A 458 -33.95 43.80 14.31
C GLY A 458 -33.05 44.16 13.15
N TYR A 459 -33.03 45.45 12.83
CA TYR A 459 -32.13 45.94 11.80
C TYR A 459 -31.61 47.33 12.18
N VAL A 460 -30.52 47.72 11.51
CA VAL A 460 -29.95 49.06 11.50
C VAL A 460 -29.63 49.38 10.06
N THR A 461 -29.75 50.67 9.68
CA THR A 461 -29.53 51.06 8.30
C THR A 461 -28.62 52.29 8.23
N ASN A 462 -28.06 52.50 7.04
CA ASN A 462 -27.16 53.62 6.81
C ASN A 462 -27.86 54.97 6.94
N LYS A 463 -29.17 55.02 6.68
CA LYS A 463 -29.93 56.26 6.86
C LYS A 463 -30.28 56.55 8.31
N GLY A 464 -29.97 55.64 9.24
CA GLY A 464 -30.31 55.78 10.64
C GLY A 464 -31.58 55.07 11.08
N ARG A 465 -32.31 54.44 10.17
CA ARG A 465 -33.48 53.67 10.53
C ARG A 465 -33.07 52.48 11.37
N GLN A 466 -33.87 52.18 12.39
CA GLN A 466 -33.61 51.13 13.35
C GLN A 466 -34.91 50.48 13.80
N LYS A 467 -34.83 49.18 14.13
CA LYS A 467 -35.94 48.47 14.74
C LYS A 467 -35.38 47.31 15.53
N VAL A 468 -36.03 47.00 16.66
CA VAL A 468 -35.84 45.76 17.40
C VAL A 468 -37.21 45.29 17.85
N VAL A 469 -37.46 43.99 17.69
CA VAL A 469 -38.74 43.39 18.01
C VAL A 469 -38.51 42.20 18.92
N PRO A 470 -39.23 42.07 20.02
CA PRO A 470 -39.09 40.89 20.86
C PRO A 470 -39.93 39.76 20.31
N LEU A 471 -39.44 38.54 20.50
CA LEU A 471 -40.10 37.36 19.97
C LEU A 471 -40.10 36.29 21.05
N THR A 472 -41.13 35.45 21.01
CA THR A 472 -41.38 34.43 22.03
C THR A 472 -41.50 33.07 21.34
N ASN A 473 -40.88 32.06 21.93
CA ASN A 473 -40.97 30.68 21.41
C ASN A 473 -40.35 30.59 20.02
N THR A 474 -39.07 30.96 19.93
CA THR A 474 -38.39 31.04 18.65
C THR A 474 -37.04 30.33 18.75
N THR A 475 -36.27 30.41 17.66
CA THR A 475 -34.94 29.83 17.59
C THR A 475 -34.02 30.85 16.91
N ASN A 476 -32.72 30.59 16.98
CA ASN A 476 -31.77 31.46 16.28
C ASN A 476 -32.09 31.54 14.80
N GLN A 477 -32.32 30.38 14.17
CA GLN A 477 -32.67 30.37 12.75
C GLN A 477 -33.90 31.23 12.48
N LYS A 478 -34.96 31.05 13.29
CA LYS A 478 -36.22 31.76 13.06
C LYS A 478 -36.07 33.27 13.24
N THR A 479 -35.21 33.73 14.14
CA THR A 479 -35.03 35.16 14.30
C THR A 479 -34.18 35.72 13.17
N GLU A 480 -33.29 34.92 12.60
CA GLU A 480 -32.51 35.39 11.46
C GLU A 480 -33.41 35.62 10.26
N LEU A 481 -34.36 34.71 10.01
CA LEU A 481 -35.37 34.93 8.99
C LEU A 481 -36.22 36.15 9.31
N GLN A 482 -36.65 36.25 10.57
CA GLN A 482 -37.49 37.36 11.00
C GLN A 482 -36.82 38.71 10.72
N ALA A 483 -35.54 38.84 11.09
CA ALA A 483 -34.78 40.05 10.79
C ALA A 483 -34.86 40.43 9.32
N ILE A 484 -34.73 39.43 8.43
CA ILE A 484 -34.81 39.70 6.99
C ILE A 484 -36.22 40.14 6.62
N TYR A 485 -37.23 39.45 7.16
CA TYR A 485 -38.61 39.88 6.92
C TYR A 485 -38.84 41.33 7.33
N LEU A 486 -38.31 41.74 8.49
CA LEU A 486 -38.50 43.12 8.95
C LEU A 486 -37.88 44.10 7.97
N ALA A 487 -36.66 43.81 7.49
CA ALA A 487 -36.04 44.71 6.52
C ALA A 487 -36.89 44.83 5.26
N LEU A 488 -37.47 43.72 4.81
CA LEU A 488 -38.28 43.74 3.59
C LEU A 488 -39.58 44.49 3.82
N GLN A 489 -40.23 44.28 4.96
CA GLN A 489 -41.44 45.03 5.27
C GLN A 489 -41.17 46.53 5.27
N ASP A 490 -40.11 46.95 5.95
CA ASP A 490 -39.90 48.37 6.25
C ASP A 490 -39.08 49.10 5.20
N SER A 491 -38.86 48.54 4.03
CA SER A 491 -37.99 49.15 3.04
C SER A 491 -38.78 49.54 1.79
N GLY A 492 -38.18 50.40 0.99
CA GLY A 492 -38.75 50.72 -0.31
C GLY A 492 -38.63 49.60 -1.31
N LEU A 493 -38.99 49.92 -2.55
CA LEU A 493 -39.05 48.91 -3.61
C LEU A 493 -37.67 48.40 -4.00
N GLU A 494 -36.60 49.09 -3.62
CA GLU A 494 -35.25 48.60 -3.85
C GLU A 494 -34.52 48.61 -2.51
N VAL A 495 -33.83 47.52 -2.19
CA VAL A 495 -33.24 47.39 -0.86
C VAL A 495 -32.02 46.49 -0.94
N ASN A 496 -30.96 46.90 -0.23
CA ASN A 496 -29.79 46.06 0.05
C ASN A 496 -29.93 45.52 1.47
N ILE A 497 -29.75 44.20 1.62
CA ILE A 497 -29.82 43.55 2.92
C ILE A 497 -28.53 42.79 3.17
N VAL A 498 -27.88 43.04 4.32
CA VAL A 498 -26.68 42.36 4.77
C VAL A 498 -27.02 41.52 6.00
N THR A 499 -26.88 40.21 5.89
CA THR A 499 -27.07 39.25 6.98
C THR A 499 -25.80 38.46 7.21
N ASN A 500 -25.66 37.89 8.41
CA ASN A 500 -24.62 36.89 8.65
C ASN A 500 -25.18 35.48 8.77
N SER A 501 -26.45 35.27 8.45
CA SER A 501 -27.10 33.97 8.54
C SER A 501 -26.91 33.14 7.27
N GLN A 502 -26.09 32.08 7.34
CA GLN A 502 -25.94 31.19 6.19
C GLN A 502 -27.24 30.43 5.95
N TYR A 503 -27.93 30.02 7.03
CA TYR A 503 -29.22 29.37 6.93
C TYR A 503 -30.21 30.16 6.07
N ALA A 504 -30.46 31.42 6.43
CA ALA A 504 -31.46 32.21 5.71
C ALA A 504 -31.02 32.47 4.27
N LEU A 505 -29.76 32.86 4.08
CA LEU A 505 -29.26 33.15 2.74
C LEU A 505 -29.39 31.93 1.83
N GLY A 506 -29.17 30.73 2.38
CA GLY A 506 -29.28 29.53 1.57
C GLY A 506 -30.69 29.30 1.08
N ILE A 507 -31.68 29.48 1.97
CA ILE A 507 -33.09 29.33 1.57
C ILE A 507 -33.46 30.32 0.48
N ILE A 508 -33.13 31.60 0.70
CA ILE A 508 -33.65 32.65 -0.17
C ILE A 508 -32.94 32.64 -1.53
N GLN A 509 -31.65 32.27 -1.57
CA GLN A 509 -30.94 32.30 -2.85
C GLN A 509 -31.47 31.27 -3.85
N ALA A 510 -32.09 30.20 -3.38
CA ALA A 510 -32.67 29.18 -4.24
C ALA A 510 -34.02 29.60 -4.80
N GLN A 511 -34.40 30.86 -4.66
CA GLN A 511 -35.60 31.40 -5.29
C GLN A 511 -36.87 30.58 -5.06
N PRO A 512 -37.15 30.17 -3.82
CA PRO A 512 -38.36 29.39 -3.57
C PRO A 512 -39.61 30.24 -3.78
N ASP A 513 -40.66 29.62 -4.31
CA ASP A 513 -41.96 30.25 -4.38
C ASP A 513 -43.00 29.65 -3.44
N LYS A 514 -42.69 28.54 -2.78
CA LYS A 514 -43.56 27.88 -1.82
C LYS A 514 -42.71 27.36 -0.67
N SER A 515 -43.29 27.36 0.54
CA SER A 515 -42.56 26.86 1.70
C SER A 515 -43.54 26.24 2.68
N GLU A 516 -43.08 25.21 3.39
CA GLU A 516 -43.83 24.69 4.52
C GLU A 516 -43.91 25.72 5.64
N SER A 517 -42.84 26.50 5.82
CA SER A 517 -42.80 27.53 6.85
C SER A 517 -43.58 28.77 6.40
N GLU A 518 -44.53 29.20 7.24
CA GLU A 518 -45.30 30.39 6.92
C GLU A 518 -44.42 31.63 6.88
N LEU A 519 -43.38 31.66 7.73
CA LEU A 519 -42.49 32.81 7.76
C LEU A 519 -41.78 32.98 6.42
N VAL A 520 -41.31 31.88 5.82
CA VAL A 520 -40.67 31.96 4.51
C VAL A 520 -41.67 32.43 3.46
N ASN A 521 -42.91 31.93 3.52
CA ASN A 521 -43.93 32.38 2.58
C ASN A 521 -44.13 33.88 2.64
N GLN A 522 -44.13 34.46 3.84
CA GLN A 522 -44.29 35.91 3.96
C GLN A 522 -43.09 36.64 3.39
N ILE A 523 -41.89 36.09 3.63
CA ILE A 523 -40.69 36.64 3.01
C ILE A 523 -40.79 36.58 1.50
N ILE A 524 -41.24 35.44 0.96
CA ILE A 524 -41.48 35.32 -0.48
C ILE A 524 -42.44 36.40 -0.95
N GLU A 525 -43.60 36.51 -0.28
CA GLU A 525 -44.58 37.52 -0.64
C GLU A 525 -43.94 38.90 -0.78
N GLN A 526 -43.02 39.24 0.13
CA GLN A 526 -42.37 40.54 0.06
C GLN A 526 -41.35 40.60 -1.07
N LEU A 527 -40.56 39.53 -1.25
CA LEU A 527 -39.60 39.51 -2.35
C LEU A 527 -40.28 39.74 -3.71
N ILE A 528 -41.47 39.17 -3.92
CA ILE A 528 -42.18 39.36 -5.18
C ILE A 528 -42.57 40.82 -5.42
N LYS A 529 -42.90 41.55 -4.35
CA LYS A 529 -43.34 42.94 -4.49
C LYS A 529 -42.19 43.92 -4.75
N LYS A 530 -40.96 43.54 -4.43
CA LYS A 530 -39.83 44.42 -4.61
C LYS A 530 -39.45 44.53 -6.09
N GLU A 531 -38.81 45.65 -6.43
CA GLU A 531 -38.19 45.78 -7.75
C GLU A 531 -36.76 45.26 -7.76
N LYS A 532 -35.99 45.50 -6.71
CA LYS A 532 -34.61 45.02 -6.67
C LYS A 532 -34.25 44.67 -5.24
N VAL A 533 -33.74 43.45 -5.03
CA VAL A 533 -33.22 43.04 -3.73
C VAL A 533 -31.80 42.54 -3.92
N TYR A 534 -30.87 43.07 -3.15
CA TYR A 534 -29.52 42.53 -3.06
C TYR A 534 -29.30 41.99 -1.66
N LEU A 535 -29.09 40.68 -1.56
CA LEU A 535 -28.73 40.01 -0.32
C LEU A 535 -27.23 39.74 -0.30
N ALA A 536 -26.59 40.07 0.82
CA ALA A 536 -25.16 39.84 0.99
C ALA A 536 -24.89 39.23 2.35
N TRP A 537 -23.81 38.47 2.43
CA TRP A 537 -23.42 37.75 3.63
C TRP A 537 -22.08 38.26 4.13
N VAL A 538 -21.98 38.41 5.45
CA VAL A 538 -20.71 38.68 6.11
C VAL A 538 -20.57 37.72 7.27
N PRO A 539 -19.34 37.46 7.72
CA PRO A 539 -19.16 36.60 8.88
C PRO A 539 -19.50 37.34 10.17
N ALA A 540 -20.13 36.63 11.09
CA ALA A 540 -20.47 37.22 12.37
C ALA A 540 -19.22 37.42 13.23
N HIS A 541 -19.31 38.37 14.17
CA HIS A 541 -18.31 38.55 15.22
C HIS A 541 -16.95 38.94 14.68
N LYS A 542 -16.91 39.60 13.52
CA LYS A 542 -15.67 40.07 12.93
C LYS A 542 -15.51 41.57 13.01
N GLY A 543 -16.38 42.26 13.74
CA GLY A 543 -16.30 43.71 13.84
C GLY A 543 -16.56 44.42 12.54
N ILE A 544 -17.54 43.96 11.78
CA ILE A 544 -17.89 44.54 10.48
C ILE A 544 -19.08 45.47 10.67
N GLY A 545 -18.84 46.76 10.46
CA GLY A 545 -19.87 47.69 10.02
C GLY A 545 -21.17 47.60 10.77
N GLY A 546 -22.26 47.63 10.00
CA GLY A 546 -23.59 47.55 10.60
C GLY A 546 -23.83 46.23 11.29
N ASN A 547 -23.22 45.16 10.80
CA ASN A 547 -23.46 43.83 11.37
C ASN A 547 -23.11 43.80 12.86
N GLU A 548 -22.03 44.45 13.26
CA GLU A 548 -21.66 44.52 14.67
C GLU A 548 -22.72 45.25 15.49
N GLN A 549 -23.25 46.37 14.97
CA GLN A 549 -24.22 47.17 15.71
C GLN A 549 -25.53 46.42 15.94
N VAL A 550 -26.11 45.87 14.88
CA VAL A 550 -27.36 45.14 15.01
C VAL A 550 -27.19 43.87 15.84
N ASP A 551 -26.01 43.25 15.80
CA ASP A 551 -25.76 42.08 16.64
C ASP A 551 -25.84 42.44 18.12
N LYS A 552 -25.32 43.61 18.49
CA LYS A 552 -25.40 44.05 19.88
C LYS A 552 -26.86 44.27 20.31
N LEU A 553 -27.68 44.87 19.43
CA LEU A 553 -29.07 45.14 19.78
C LEU A 553 -29.84 43.85 20.06
N VAL A 554 -29.75 42.88 19.16
CA VAL A 554 -30.55 41.66 19.29
C VAL A 554 -29.98 40.72 20.35
N SER A 555 -28.68 40.79 20.65
CA SER A 555 -28.12 39.94 21.69
C SER A 555 -28.70 40.27 23.06
N ALA A 556 -28.93 41.56 23.33
CA ALA A 556 -29.44 42.05 24.61
C ALA A 556 -30.62 41.26 25.15
N PRO B 4 -6.98 -24.61 -18.52
CA PRO B 4 -6.20 -25.50 -17.66
C PRO B 4 -5.09 -24.76 -16.90
N ILE B 5 -5.38 -23.52 -16.51
CA ILE B 5 -4.49 -22.72 -15.68
C ILE B 5 -4.99 -22.79 -14.24
N GLU B 6 -4.05 -22.74 -13.29
CA GLU B 6 -4.44 -22.70 -11.90
C GLU B 6 -5.23 -21.43 -11.60
N THR B 7 -6.26 -21.56 -10.77
CA THR B 7 -7.11 -20.43 -10.40
C THR B 7 -6.73 -19.98 -9.00
N VAL B 8 -6.31 -18.73 -8.88
CA VAL B 8 -5.99 -18.16 -7.58
C VAL B 8 -7.27 -18.06 -6.76
N PRO B 9 -7.32 -18.63 -5.56
CA PRO B 9 -8.53 -18.50 -4.73
C PRO B 9 -8.70 -17.07 -4.24
N VAL B 10 -9.96 -16.67 -4.09
CA VAL B 10 -10.31 -15.34 -3.65
C VAL B 10 -11.36 -15.44 -2.56
N LYS B 11 -11.33 -14.49 -1.63
CA LYS B 11 -12.32 -14.44 -0.57
C LYS B 11 -12.73 -13.00 -0.34
N LEU B 12 -13.96 -12.84 0.16
CA LEU B 12 -14.43 -11.52 0.54
C LEU B 12 -13.80 -11.11 1.86
N LYS B 13 -13.86 -9.82 2.14
CA LYS B 13 -13.41 -9.36 3.44
C LYS B 13 -14.25 -10.03 4.54
N PRO B 14 -13.66 -10.37 5.67
CA PRO B 14 -14.38 -11.19 6.65
C PRO B 14 -15.64 -10.49 7.17
N GLY B 15 -16.71 -11.26 7.32
CA GLY B 15 -17.97 -10.71 7.78
C GLY B 15 -18.77 -9.97 6.74
N MET B 16 -18.40 -10.04 5.47
CA MET B 16 -19.05 -9.30 4.40
C MET B 16 -19.66 -10.25 3.38
N ASP B 17 -20.94 -10.09 3.10
CA ASP B 17 -21.60 -10.88 2.08
C ASP B 17 -21.36 -10.24 0.70
N GLY B 18 -21.76 -10.96 -0.34
CA GLY B 18 -21.61 -10.50 -1.70
C GLY B 18 -22.51 -9.35 -2.10
N PRO B 19 -22.26 -8.77 -3.27
CA PRO B 19 -23.05 -7.61 -3.70
C PRO B 19 -24.48 -7.99 -4.09
N LYS B 20 -25.43 -7.16 -3.68
CA LYS B 20 -26.83 -7.31 -4.08
C LYS B 20 -27.34 -5.93 -4.50
N VAL B 21 -27.22 -5.60 -5.78
CA VAL B 21 -27.51 -4.26 -6.28
C VAL B 21 -28.40 -4.40 -7.50
N LYS B 22 -29.59 -3.82 -7.44
CA LYS B 22 -30.55 -3.93 -8.53
C LYS B 22 -30.02 -3.33 -9.82
N GLN B 23 -30.37 -3.97 -10.92
CA GLN B 23 -30.06 -3.46 -12.25
C GLN B 23 -30.97 -2.30 -12.57
N TRP B 24 -30.41 -1.23 -13.10
CA TRP B 24 -31.21 -0.06 -13.46
C TRP B 24 -31.66 -0.15 -14.90
N PRO B 25 -32.67 0.63 -15.30
CA PRO B 25 -33.17 0.57 -16.68
C PRO B 25 -32.10 0.96 -17.69
N LEU B 26 -32.15 0.33 -18.86
CA LEU B 26 -31.18 0.62 -19.91
C LEU B 26 -31.92 1.04 -21.17
N THR B 27 -31.27 1.91 -21.95
CA THR B 27 -31.81 2.34 -23.22
C THR B 27 -31.77 1.19 -24.23
N GLU B 28 -32.58 1.32 -25.29
CA GLU B 28 -32.66 0.24 -26.26
C GLU B 28 -31.31 -0.04 -26.90
N GLU B 29 -30.55 1.02 -27.22
CA GLU B 29 -29.23 0.81 -27.83
C GLU B 29 -28.29 0.07 -26.90
N LYS B 30 -28.29 0.43 -25.61
CA LYS B 30 -27.41 -0.27 -24.68
C LYS B 30 -27.83 -1.73 -24.50
N ILE B 31 -29.13 -2.01 -24.42
CA ILE B 31 -29.57 -3.41 -24.26
C ILE B 31 -29.19 -4.21 -25.49
N LYS B 32 -29.39 -3.64 -26.69
CA LYS B 32 -29.02 -4.35 -27.91
C LYS B 32 -27.52 -4.63 -27.93
N ALA B 33 -26.73 -3.64 -27.54
CA ALA B 33 -25.28 -3.83 -27.50
C ALA B 33 -24.91 -4.93 -26.51
N LEU B 34 -25.53 -4.91 -25.33
CA LEU B 34 -25.21 -5.89 -24.31
C LEU B 34 -25.58 -7.29 -24.75
N VAL B 35 -26.75 -7.44 -25.38
CA VAL B 35 -27.18 -8.77 -25.83
C VAL B 35 -26.20 -9.33 -26.85
N GLU B 36 -25.73 -8.50 -27.77
CA GLU B 36 -24.73 -8.93 -28.74
C GLU B 36 -23.40 -9.26 -28.07
N ILE B 37 -22.95 -8.41 -27.12
CA ILE B 37 -21.68 -8.64 -26.44
C ILE B 37 -21.75 -9.93 -25.63
N CYS B 38 -22.86 -10.14 -24.92
CA CYS B 38 -22.97 -11.31 -24.06
C CYS B 38 -23.13 -12.60 -24.86
N THR B 39 -23.79 -12.54 -26.01
CA THR B 39 -23.92 -13.74 -26.83
C THR B 39 -22.53 -14.23 -27.26
N GLU B 40 -21.67 -13.32 -27.73
CA GLU B 40 -20.32 -13.70 -28.11
C GLU B 40 -19.52 -14.18 -26.91
N MET B 41 -19.65 -13.50 -25.78
CA MET B 41 -18.91 -13.90 -24.59
C MET B 41 -19.35 -15.28 -24.10
N GLU B 42 -20.64 -15.59 -24.21
CA GLU B 42 -21.09 -16.93 -23.85
C GLU B 42 -20.52 -17.98 -24.81
N LYS B 43 -20.53 -17.67 -26.11
CA LYS B 43 -20.01 -18.59 -27.12
C LYS B 43 -18.52 -18.86 -26.88
N GLU B 44 -17.77 -17.84 -26.48
CA GLU B 44 -16.35 -17.98 -26.18
C GLU B 44 -16.09 -18.50 -24.77
N GLY B 45 -17.14 -18.80 -24.00
CA GLY B 45 -17.02 -19.38 -22.69
C GLY B 45 -16.63 -18.42 -21.58
N LYS B 46 -16.52 -17.11 -21.88
CA LYS B 46 -16.18 -16.13 -20.84
C LYS B 46 -17.25 -16.03 -19.76
N ILE B 47 -18.53 -16.11 -20.14
CA ILE B 47 -19.63 -16.05 -19.18
C ILE B 47 -20.58 -17.18 -19.51
N SER B 48 -21.38 -17.56 -18.51
CA SER B 48 -22.42 -18.55 -18.72
C SER B 48 -23.66 -18.20 -17.90
N LYS B 49 -24.82 -18.61 -18.40
CA LYS B 49 -26.08 -18.27 -17.77
C LYS B 49 -26.26 -18.97 -16.43
N ILE B 50 -27.02 -18.33 -15.54
CA ILE B 50 -27.22 -18.80 -14.17
C ILE B 50 -28.68 -18.58 -13.78
N GLY B 51 -29.06 -19.24 -12.69
CA GLY B 51 -30.41 -19.19 -12.19
C GLY B 51 -30.62 -18.17 -11.10
N PRO B 52 -31.86 -18.05 -10.62
CA PRO B 52 -32.14 -17.17 -9.47
C PRO B 52 -31.59 -17.71 -8.15
N GLU B 53 -31.11 -18.96 -8.09
CA GLU B 53 -30.56 -19.47 -6.85
C GLU B 53 -29.33 -18.67 -6.39
N ASN B 54 -28.56 -18.16 -7.34
CA ASN B 54 -27.53 -17.18 -7.02
C ASN B 54 -28.17 -15.90 -6.49
N PRO B 55 -27.83 -15.43 -5.29
CA PRO B 55 -28.52 -14.26 -4.72
C PRO B 55 -27.78 -12.94 -4.88
N TYR B 56 -26.72 -12.90 -5.69
CA TYR B 56 -25.86 -11.74 -5.83
C TYR B 56 -26.09 -11.12 -7.21
N ASN B 57 -26.13 -9.79 -7.26
CA ASN B 57 -26.23 -9.11 -8.53
C ASN B 57 -25.45 -7.79 -8.51
N THR B 58 -24.91 -7.45 -9.68
CA THR B 58 -24.17 -6.23 -9.93
C THR B 58 -24.73 -5.58 -11.19
N PRO B 59 -24.83 -4.25 -11.22
CA PRO B 59 -25.42 -3.59 -12.39
C PRO B 59 -24.48 -3.66 -13.59
N VAL B 60 -25.09 -3.68 -14.78
CA VAL B 60 -24.34 -3.70 -16.02
C VAL B 60 -24.90 -2.63 -16.94
N PHE B 61 -24.05 -2.05 -17.77
CA PHE B 61 -24.46 -1.10 -18.81
C PHE B 61 -23.32 -0.99 -19.79
N ALA B 62 -23.54 -0.21 -20.86
CA ALA B 62 -22.53 -0.09 -21.91
C ALA B 62 -22.15 1.36 -22.14
N ILE B 63 -20.90 1.58 -22.52
CA ILE B 63 -20.36 2.91 -22.80
C ILE B 63 -19.62 2.88 -24.13
N LYS B 64 -19.42 4.08 -24.67
CA LYS B 64 -18.50 4.33 -25.78
C LYS B 64 -17.39 5.24 -25.29
N LYS B 65 -16.14 4.79 -25.42
CA LYS B 65 -15.01 5.63 -25.06
C LYS B 65 -14.87 6.81 -26.05
N LYS B 66 -14.08 7.80 -25.66
CA LYS B 66 -14.00 9.03 -26.45
C LYS B 66 -13.61 8.70 -27.88
N ASP B 67 -14.48 9.06 -28.82
CA ASP B 67 -14.29 8.93 -30.27
C ASP B 67 -14.37 7.47 -30.74
N SER B 68 -14.68 6.52 -29.84
CA SER B 68 -14.60 5.10 -30.17
C SER B 68 -15.63 4.66 -31.21
N THR B 69 -16.91 5.02 -31.01
CA THR B 69 -18.07 4.58 -31.80
C THR B 69 -18.44 3.10 -31.62
N LYS B 70 -17.72 2.35 -30.80
CA LYS B 70 -17.98 0.93 -30.61
C LYS B 70 -18.32 0.64 -29.15
N TRP B 71 -19.42 -0.06 -28.94
CA TRP B 71 -19.92 -0.27 -27.58
C TRP B 71 -18.94 -1.11 -26.77
N ARG B 72 -18.82 -0.78 -25.49
CA ARG B 72 -17.97 -1.49 -24.55
C ARG B 72 -18.82 -1.86 -23.34
N LYS B 73 -18.84 -3.13 -22.99
CA LYS B 73 -19.56 -3.56 -21.80
C LYS B 73 -18.87 -3.03 -20.56
N LEU B 74 -19.67 -2.58 -19.59
CA LEU B 74 -19.11 -2.01 -18.36
C LEU B 74 -19.97 -2.46 -17.19
N VAL B 75 -19.31 -3.04 -16.20
CA VAL B 75 -19.97 -3.58 -15.03
C VAL B 75 -19.61 -2.69 -13.86
N ASP B 76 -20.61 -2.34 -13.06
CA ASP B 76 -20.43 -1.45 -11.92
C ASP B 76 -20.09 -2.33 -10.73
N PHE B 77 -18.79 -2.63 -10.61
CA PHE B 77 -18.29 -3.57 -9.60
C PHE B 77 -17.93 -2.87 -8.31
N ARG B 78 -18.39 -1.63 -8.11
CA ARG B 78 -17.95 -0.87 -6.95
C ARG B 78 -18.32 -1.57 -5.65
N GLU B 79 -19.54 -2.13 -5.58
CA GLU B 79 -19.93 -2.86 -4.39
C GLU B 79 -19.08 -4.12 -4.18
N LEU B 80 -18.82 -4.88 -5.24
CA LEU B 80 -17.98 -6.07 -5.12
C LEU B 80 -16.56 -5.70 -4.73
N ASN B 81 -16.04 -4.63 -5.35
CA ASN B 81 -14.65 -4.23 -5.11
C ASN B 81 -14.44 -3.88 -3.64
N LYS B 82 -15.38 -3.15 -3.03
CA LYS B 82 -15.24 -2.80 -1.63
C LYS B 82 -15.23 -4.07 -0.77
N ARG B 83 -16.06 -5.04 -1.12
CA ARG B 83 -16.13 -6.33 -0.44
C ARG B 83 -14.88 -7.20 -0.67
N THR B 84 -14.12 -6.95 -1.72
CA THR B 84 -12.85 -7.63 -1.99
C THR B 84 -11.65 -6.75 -1.63
N GLN B 85 -11.88 -5.60 -0.95
CA GLN B 85 -10.89 -4.52 -0.86
C GLN B 85 -9.57 -4.95 -0.22
N ASP B 86 -9.63 -5.76 0.83
CA ASP B 86 -8.39 -6.18 1.47
C ASP B 86 -7.52 -6.98 0.51
N PHE B 87 -8.11 -7.86 -0.28
CA PHE B 87 -7.32 -8.77 -1.10
C PHE B 87 -6.44 -8.04 -2.12
N TRP B 88 -7.02 -7.12 -2.89
CA TRP B 88 -6.25 -6.45 -3.94
C TRP B 88 -5.17 -5.51 -3.41
N GLU B 89 -5.49 -4.64 -2.43
CA GLU B 89 -4.43 -3.79 -1.87
C GLU B 89 -3.40 -4.54 -1.04
N VAL B 90 -3.85 -5.40 -0.11
CA VAL B 90 -2.95 -6.07 0.83
C VAL B 90 -2.07 -7.13 0.18
N GLN B 91 -2.61 -7.96 -0.71
CA GLN B 91 -1.90 -9.16 -1.12
C GLN B 91 -1.16 -9.06 -2.45
N LEU B 92 -1.82 -8.56 -3.50
CA LEU B 92 -1.21 -8.50 -4.83
C LEU B 92 -1.13 -7.06 -5.36
N GLY B 93 -1.19 -6.07 -4.48
CA GLY B 93 -1.29 -4.69 -4.91
C GLY B 93 -0.08 -4.21 -5.70
N ILE B 94 -0.31 -3.24 -6.56
CA ILE B 94 0.69 -2.71 -7.47
C ILE B 94 1.33 -1.47 -6.85
N PRO B 95 2.67 -1.37 -6.83
CA PRO B 95 3.30 -0.16 -6.30
C PRO B 95 3.07 1.01 -7.25
N HIS B 96 2.99 2.22 -6.69
CA HIS B 96 2.68 3.38 -7.52
C HIS B 96 3.94 4.14 -7.91
N PRO B 97 4.24 4.27 -9.21
CA PRO B 97 5.41 5.02 -9.67
C PRO B 97 5.31 6.53 -9.49
N ALA B 98 5.90 7.06 -8.41
CA ALA B 98 5.94 8.50 -8.19
C ALA B 98 6.39 9.30 -9.42
N GLY B 99 7.09 8.68 -10.37
CA GLY B 99 7.57 9.39 -11.53
C GLY B 99 6.61 9.53 -12.69
N LEU B 100 5.47 8.84 -12.64
CA LEU B 100 4.55 8.87 -13.77
C LEU B 100 4.00 10.27 -14.01
N LYS B 101 3.67 11.00 -12.93
CA LYS B 101 3.15 12.36 -13.07
C LYS B 101 4.16 13.33 -13.68
N LYS B 102 5.46 13.00 -13.65
CA LYS B 102 6.49 13.91 -14.15
C LYS B 102 6.77 13.75 -15.65
N LYS B 103 6.26 12.70 -16.28
CA LYS B 103 6.57 12.43 -17.67
C LYS B 103 5.83 13.36 -18.62
N LYS B 104 6.52 13.79 -19.68
CA LYS B 104 5.93 14.75 -20.61
C LYS B 104 4.73 14.17 -21.35
N SER B 105 4.68 12.84 -21.52
CA SER B 105 3.55 12.24 -22.21
C SER B 105 3.26 10.88 -21.59
N VAL B 106 1.97 10.62 -21.40
CA VAL B 106 1.47 9.40 -20.77
C VAL B 106 0.27 8.92 -21.58
N THR B 107 0.36 7.71 -22.11
CA THR B 107 -0.76 7.15 -22.86
C THR B 107 -1.44 6.07 -22.02
N VAL B 108 -2.75 5.96 -22.18
CA VAL B 108 -3.56 5.02 -21.42
C VAL B 108 -4.05 3.97 -22.40
N LEU B 109 -3.82 2.70 -22.07
CA LEU B 109 -4.21 1.58 -22.93
C LEU B 109 -5.18 0.69 -22.19
N ASP B 110 -6.19 0.19 -22.91
CA ASP B 110 -7.18 -0.72 -22.34
C ASP B 110 -6.68 -2.15 -22.59
N VAL B 111 -6.09 -2.76 -21.56
CA VAL B 111 -5.63 -4.13 -21.62
C VAL B 111 -6.64 -5.10 -21.00
N GLY B 112 -7.87 -4.62 -20.74
CA GLY B 112 -8.86 -5.47 -20.10
C GLY B 112 -9.09 -6.80 -20.79
N ASP B 113 -8.97 -6.83 -22.12
CA ASP B 113 -9.21 -8.06 -22.88
C ASP B 113 -8.28 -9.16 -22.42
N ALA B 114 -7.05 -8.82 -22.04
CA ALA B 114 -6.10 -9.81 -21.56
C ALA B 114 -6.68 -10.62 -20.40
N TYR B 115 -7.45 -9.96 -19.52
CA TYR B 115 -7.97 -10.62 -18.33
C TYR B 115 -8.85 -11.83 -18.67
N PHE B 116 -9.45 -11.84 -19.86
CA PHE B 116 -10.33 -12.95 -20.25
C PHE B 116 -9.57 -14.25 -20.39
N SER B 117 -8.27 -14.19 -20.70
CA SER B 117 -7.44 -15.38 -20.76
C SER B 117 -7.52 -16.21 -19.49
N VAL B 118 -7.08 -15.63 -18.37
CA VAL B 118 -7.03 -16.35 -17.09
C VAL B 118 -8.43 -16.79 -16.68
N PRO B 119 -8.61 -17.96 -16.07
CA PRO B 119 -9.92 -18.30 -15.52
C PRO B 119 -10.06 -17.77 -14.11
N LEU B 120 -11.24 -17.94 -13.51
CA LEU B 120 -11.56 -17.35 -12.22
C LEU B 120 -11.95 -18.45 -11.24
N ASP B 121 -11.58 -18.27 -9.97
CA ASP B 121 -11.89 -19.23 -8.93
C ASP B 121 -13.36 -19.61 -8.96
N GLU B 122 -13.63 -20.91 -9.04
CA GLU B 122 -15.01 -21.38 -9.17
C GLU B 122 -15.86 -20.92 -7.99
N ASP B 123 -15.27 -20.85 -6.80
CA ASP B 123 -16.04 -20.41 -5.64
C ASP B 123 -16.36 -18.93 -5.69
N PHE B 124 -15.59 -18.15 -6.45
CA PHE B 124 -15.80 -16.71 -6.53
C PHE B 124 -16.81 -16.31 -7.60
N ARG B 125 -16.98 -17.13 -8.64
CA ARG B 125 -17.81 -16.74 -9.77
C ARG B 125 -19.24 -16.39 -9.38
N LYS B 126 -19.73 -16.92 -8.26
CA LYS B 126 -21.08 -16.61 -7.82
C LYS B 126 -21.29 -15.13 -7.55
N TYR B 127 -20.20 -14.38 -7.32
CA TYR B 127 -20.29 -12.97 -6.94
C TYR B 127 -20.23 -12.02 -8.13
N THR B 128 -19.90 -12.51 -9.31
CA THR B 128 -19.82 -11.69 -10.51
C THR B 128 -21.13 -11.67 -11.30
N ALA B 129 -22.21 -12.14 -10.71
CA ALA B 129 -23.51 -12.20 -11.38
C ALA B 129 -23.98 -10.81 -11.80
N PHE B 130 -24.57 -10.73 -13.00
CA PHE B 130 -25.20 -9.53 -13.52
C PHE B 130 -26.42 -9.90 -14.33
N THR B 131 -27.48 -9.10 -14.22
CA THR B 131 -28.73 -9.31 -14.95
C THR B 131 -28.87 -8.34 -16.11
N ILE B 132 -29.33 -8.85 -17.25
CA ILE B 132 -29.61 -8.04 -18.44
C ILE B 132 -31.11 -7.79 -18.48
N PRO B 133 -31.57 -6.55 -18.50
CA PRO B 133 -32.99 -6.26 -18.53
C PRO B 133 -33.53 -6.28 -19.96
N SER B 134 -34.86 -6.24 -20.06
CA SER B 134 -35.53 -6.21 -21.35
C SER B 134 -36.41 -4.97 -21.45
N ILE B 135 -36.51 -4.43 -22.67
CA ILE B 135 -37.41 -3.31 -22.91
C ILE B 135 -38.83 -3.72 -22.57
N ASN B 136 -39.53 -2.83 -21.86
CA ASN B 136 -40.93 -3.01 -21.47
C ASN B 136 -41.15 -4.32 -20.71
N ASN B 137 -40.09 -4.87 -20.14
CA ASN B 137 -40.15 -6.10 -19.35
C ASN B 137 -40.83 -7.23 -20.13
N GLU B 138 -40.47 -7.34 -21.41
CA GLU B 138 -41.00 -8.42 -22.23
C GLU B 138 -40.56 -9.78 -21.67
N THR B 139 -39.29 -9.89 -21.31
CA THR B 139 -38.76 -11.10 -20.70
C THR B 139 -38.31 -10.78 -19.28
N PRO B 140 -38.24 -11.78 -18.40
CA PRO B 140 -37.53 -11.56 -17.14
C PRO B 140 -36.05 -11.31 -17.39
N GLY B 141 -35.30 -11.01 -16.34
CA GLY B 141 -33.89 -10.71 -16.51
C GLY B 141 -33.10 -11.96 -16.87
N ILE B 142 -32.20 -11.81 -17.84
CA ILE B 142 -31.31 -12.88 -18.27
C ILE B 142 -30.02 -12.77 -17.46
N ARG B 143 -29.83 -13.66 -16.50
CA ARG B 143 -28.69 -13.58 -15.59
C ARG B 143 -27.47 -14.34 -16.13
N TYR B 144 -26.29 -13.79 -15.89
CA TYR B 144 -25.04 -14.45 -16.22
C TYR B 144 -24.11 -14.45 -15.00
N GLN B 145 -22.98 -15.13 -15.15
CA GLN B 145 -21.88 -14.98 -14.21
C GLN B 145 -20.59 -15.20 -15.00
N TYR B 146 -19.49 -14.75 -14.42
CA TYR B 146 -18.23 -14.76 -15.13
C TYR B 146 -17.47 -16.05 -14.86
N ASN B 147 -16.94 -16.66 -15.92
CA ASN B 147 -16.04 -17.79 -15.80
C ASN B 147 -14.58 -17.39 -15.85
N VAL B 148 -14.27 -16.15 -16.24
CA VAL B 148 -12.89 -15.70 -16.33
C VAL B 148 -12.72 -14.46 -15.46
N LEU B 149 -11.58 -13.80 -15.56
CA LEU B 149 -11.36 -12.57 -14.82
C LEU B 149 -12.15 -11.44 -15.47
N PRO B 150 -13.10 -10.83 -14.76
CA PRO B 150 -13.94 -9.79 -15.36
C PRO B 150 -13.23 -8.45 -15.44
N GLN B 151 -13.51 -7.72 -16.52
CA GLN B 151 -13.08 -6.34 -16.61
C GLN B 151 -13.77 -5.50 -15.53
N GLY B 152 -13.01 -4.59 -14.92
CA GLY B 152 -13.57 -3.70 -13.94
C GLY B 152 -13.60 -4.25 -12.52
N TRP B 153 -13.32 -5.53 -12.32
CA TRP B 153 -13.09 -6.04 -10.98
C TRP B 153 -11.65 -5.74 -10.57
N LYS B 154 -11.44 -5.51 -9.28
CA LYS B 154 -10.13 -5.12 -8.80
C LYS B 154 -9.22 -6.31 -8.58
N GLY B 155 -9.75 -7.54 -8.60
CA GLY B 155 -8.90 -8.70 -8.57
C GLY B 155 -8.28 -9.04 -9.91
N SER B 156 -8.93 -8.66 -11.02
CA SER B 156 -8.39 -8.97 -12.35
C SER B 156 -6.98 -8.46 -12.57
N PRO B 157 -6.65 -7.18 -12.34
CA PRO B 157 -5.26 -6.76 -12.56
C PRO B 157 -4.28 -7.35 -11.56
N ALA B 158 -4.74 -7.74 -10.37
CA ALA B 158 -3.86 -8.31 -9.37
C ALA B 158 -3.51 -9.76 -9.68
N ILE B 159 -4.51 -10.58 -10.00
CA ILE B 159 -4.27 -11.97 -10.36
C ILE B 159 -3.44 -12.07 -11.63
N PHE B 160 -3.63 -11.13 -12.55
CA PHE B 160 -2.93 -11.13 -13.82
C PHE B 160 -1.60 -10.40 -13.76
N GLN B 161 -1.22 -9.86 -12.60
CA GLN B 161 0.02 -9.09 -12.50
C GLN B 161 1.24 -9.96 -12.73
N SER B 162 1.21 -11.20 -12.26
CA SER B 162 2.31 -12.13 -12.55
C SER B 162 2.45 -12.32 -14.06
N SER B 163 1.33 -12.58 -14.74
CA SER B 163 1.35 -12.71 -16.19
C SER B 163 1.77 -11.41 -16.86
N MET B 164 1.29 -10.27 -16.34
CA MET B 164 1.54 -9.00 -17.02
C MET B 164 3.02 -8.65 -17.04
N THR B 165 3.71 -8.82 -15.91
CA THR B 165 5.09 -8.39 -15.82
C THR B 165 5.98 -9.16 -16.79
N LYS B 166 5.76 -10.46 -16.95
CA LYS B 166 6.56 -11.25 -17.87
C LYS B 166 6.39 -10.74 -19.29
N ILE B 167 5.16 -10.41 -19.67
CA ILE B 167 4.89 -9.82 -20.99
C ILE B 167 5.56 -8.46 -21.11
N LEU B 168 5.50 -7.65 -20.05
CA LEU B 168 6.12 -6.34 -20.04
C LEU B 168 7.65 -6.42 -20.06
N GLU B 169 8.22 -7.43 -19.39
CA GLU B 169 9.64 -7.38 -19.04
C GLU B 169 10.58 -7.22 -20.23
N PRO B 170 10.37 -7.82 -21.40
CA PRO B 170 11.26 -7.51 -22.53
C PRO B 170 11.20 -6.06 -22.95
N PHE B 171 10.00 -5.47 -22.99
CA PHE B 171 9.86 -4.05 -23.36
C PHE B 171 10.54 -3.14 -22.34
N LYS B 172 10.40 -3.45 -21.05
CA LYS B 172 10.96 -2.61 -20.01
C LYS B 172 12.48 -2.55 -20.10
N LYS B 173 13.12 -3.71 -20.32
CA LYS B 173 14.57 -3.72 -20.43
C LYS B 173 15.03 -2.96 -21.67
N GLN B 174 14.31 -3.09 -22.78
CA GLN B 174 14.68 -2.39 -23.99
C GLN B 174 14.60 -0.87 -23.82
N ASN B 175 13.57 -0.38 -23.12
CA ASN B 175 13.47 1.03 -22.73
C ASN B 175 13.38 1.16 -21.22
N PRO B 176 14.52 1.31 -20.53
CA PRO B 176 14.48 1.40 -19.06
C PRO B 176 13.80 2.66 -18.55
N ASP B 177 13.96 3.79 -19.25
CA ASP B 177 13.45 5.07 -18.78
C ASP B 177 11.92 5.09 -18.70
N ILE B 178 11.25 4.44 -19.67
CA ILE B 178 9.79 4.51 -19.77
C ILE B 178 9.16 3.93 -18.52
N VAL B 179 8.04 4.52 -18.08
CA VAL B 179 7.35 4.14 -16.85
C VAL B 179 5.98 3.58 -17.20
N ILE B 180 5.65 2.43 -16.62
CA ILE B 180 4.38 1.75 -16.85
C ILE B 180 3.69 1.55 -15.51
N TYR B 181 2.41 1.94 -15.45
CA TYR B 181 1.55 1.75 -14.30
C TYR B 181 0.26 1.10 -14.75
N GLN B 182 -0.27 0.21 -13.92
CA GLN B 182 -1.49 -0.53 -14.23
C GLN B 182 -2.55 -0.22 -13.20
N TYR B 183 -3.65 0.38 -13.65
CA TYR B 183 -4.83 0.61 -12.82
C TYR B 183 -6.05 -0.02 -13.49
N MET B 184 -6.64 -1.02 -12.84
CA MET B 184 -7.79 -1.81 -13.36
C MET B 184 -7.50 -2.20 -14.81
N ASP B 185 -8.45 -1.99 -15.73
CA ASP B 185 -8.32 -2.39 -17.13
C ASP B 185 -7.28 -1.57 -17.89
N ASP B 186 -6.63 -0.58 -17.26
CA ASP B 186 -5.83 0.39 -17.98
C ASP B 186 -4.34 0.20 -17.72
N LEU B 187 -3.55 0.51 -18.74
CA LEU B 187 -2.10 0.55 -18.66
C LEU B 187 -1.67 1.98 -18.95
N TYR B 188 -0.99 2.61 -18.00
CA TYR B 188 -0.49 3.98 -18.16
C TYR B 188 0.98 3.94 -18.55
N VAL B 189 1.30 4.50 -19.71
CA VAL B 189 2.65 4.39 -20.30
C VAL B 189 3.23 5.80 -20.45
N GLY B 190 4.17 6.14 -19.59
CA GLY B 190 4.79 7.46 -19.55
C GLY B 190 6.23 7.58 -20.05
N SER B 191 6.43 8.34 -21.13
CA SER B 191 7.78 8.61 -21.63
C SER B 191 8.05 10.11 -21.63
N ASP B 192 9.34 10.45 -21.59
CA ASP B 192 9.81 11.82 -21.80
C ASP B 192 10.21 12.08 -23.25
N LEU B 193 9.98 11.11 -24.13
CA LEU B 193 10.37 11.24 -25.52
C LEU B 193 9.59 12.35 -26.21
N GLU B 194 10.03 12.70 -27.41
CA GLU B 194 9.25 13.58 -28.26
C GLU B 194 7.98 12.85 -28.72
N ILE B 195 7.00 13.62 -29.17
CA ILE B 195 5.69 13.08 -29.48
C ILE B 195 5.79 11.86 -30.40
N GLY B 196 6.46 12.03 -31.54
CA GLY B 196 6.49 10.96 -32.52
C GLY B 196 7.14 9.68 -32.01
N GLN B 197 8.31 9.82 -31.37
CA GLN B 197 8.96 8.63 -30.80
C GLN B 197 8.06 7.97 -29.77
N HIS B 198 7.40 8.76 -28.94
CA HIS B 198 6.51 8.22 -27.91
C HIS B 198 5.41 7.34 -28.54
N ARG B 199 4.65 7.91 -29.48
CA ARG B 199 3.60 7.14 -30.15
C ARG B 199 4.15 5.86 -30.77
N THR B 200 5.38 5.92 -31.30
CA THR B 200 5.97 4.73 -31.91
C THR B 200 6.23 3.66 -30.86
N LYS B 201 6.83 4.05 -29.73
CA LYS B 201 7.09 3.09 -28.66
C LYS B 201 5.80 2.46 -28.13
N ILE B 202 4.68 3.18 -28.23
CA ILE B 202 3.40 2.60 -27.81
C ILE B 202 3.00 1.50 -28.76
N GLU B 203 3.21 1.72 -30.07
CA GLU B 203 2.99 0.64 -31.05
C GLU B 203 3.86 -0.57 -30.74
N GLU B 204 5.11 -0.35 -30.33
CA GLU B 204 5.98 -1.46 -29.97
C GLU B 204 5.37 -2.27 -28.82
N LEU B 205 4.90 -1.58 -27.78
CA LEU B 205 4.22 -2.25 -26.68
C LEU B 205 2.89 -2.84 -27.10
N ARG B 206 2.29 -2.33 -28.18
CA ARG B 206 1.06 -2.94 -28.71
C ARG B 206 1.35 -4.30 -29.33
N GLN B 207 2.29 -4.35 -30.28
CA GLN B 207 2.71 -5.64 -30.85
C GLN B 207 3.10 -6.61 -29.75
N HIS B 208 3.88 -6.13 -28.78
CA HIS B 208 4.30 -6.95 -27.65
C HIS B 208 3.10 -7.58 -26.93
N LEU B 209 2.03 -6.82 -26.75
CA LEU B 209 0.80 -7.38 -26.20
C LEU B 209 0.11 -8.32 -27.19
N LEU B 210 0.29 -8.08 -28.49
CA LEU B 210 -0.42 -8.87 -29.50
C LEU B 210 0.11 -10.30 -29.55
N ARG B 211 1.44 -10.47 -29.52
CA ARG B 211 2.02 -11.81 -29.61
C ARG B 211 1.80 -12.63 -28.34
N TRP B 212 1.31 -12.04 -27.26
CA TRP B 212 0.86 -12.76 -26.09
C TRP B 212 -0.65 -13.00 -26.12
N GLY B 213 -1.28 -12.83 -27.27
CA GLY B 213 -2.71 -13.05 -27.43
C GLY B 213 -3.54 -11.80 -27.18
N LEU B 228 -7.49 -3.63 -29.36
CA LEU B 228 -6.59 -3.31 -28.25
C LEU B 228 -5.91 -1.96 -28.52
N TRP B 229 -6.07 -1.46 -29.74
CA TRP B 229 -5.58 -0.14 -30.10
C TRP B 229 -6.16 0.92 -29.17
N MET B 230 -5.32 1.85 -28.73
CA MET B 230 -5.72 2.83 -27.74
C MET B 230 -5.08 4.18 -28.04
N GLY B 231 -5.90 5.22 -28.01
CA GLY B 231 -5.42 6.55 -28.31
C GLY B 231 -5.94 7.58 -27.34
N TYR B 232 -5.49 7.53 -26.10
CA TYR B 232 -5.85 8.54 -25.10
C TYR B 232 -4.55 9.01 -24.46
N GLU B 233 -4.18 10.25 -24.72
CA GLU B 233 -2.87 10.80 -24.38
C GLU B 233 -3.01 11.89 -23.33
N LEU B 234 -2.15 11.84 -22.32
CA LEU B 234 -2.14 12.76 -21.20
C LEU B 234 -0.80 13.47 -21.16
N HIS B 235 -0.80 14.67 -20.59
CA HIS B 235 0.42 15.47 -20.43
C HIS B 235 0.48 16.02 -19.02
N PRO B 236 0.81 15.16 -18.04
CA PRO B 236 0.74 15.57 -16.63
C PRO B 236 1.62 16.76 -16.27
N ASP B 237 2.64 17.07 -17.08
CA ASP B 237 3.48 18.23 -16.76
C ASP B 237 2.76 19.53 -17.08
N LYS B 238 1.95 19.54 -18.14
CA LYS B 238 1.07 20.67 -18.42
C LYS B 238 0.10 20.97 -17.27
N TRP B 239 -0.34 19.94 -16.54
CA TRP B 239 -1.31 20.12 -15.46
C TRP B 239 -0.84 21.18 -14.48
N THR B 240 -1.74 22.12 -14.16
CA THR B 240 -1.45 23.19 -13.22
C THR B 240 -2.50 23.22 -12.11
N VAL B 241 -2.33 24.15 -11.18
CA VAL B 241 -3.22 24.30 -10.05
C VAL B 241 -3.93 25.64 -10.14
N GLN B 242 -4.89 25.83 -9.24
CA GLN B 242 -5.72 27.03 -9.24
C GLN B 242 -5.58 27.71 -7.89
N PRO B 243 -4.74 28.74 -7.78
CA PRO B 243 -4.56 29.40 -6.48
C PRO B 243 -5.77 30.25 -6.12
N ILE B 244 -5.99 30.40 -4.81
CA ILE B 244 -6.92 31.40 -4.33
C ILE B 244 -6.40 32.78 -4.72
N VAL B 245 -7.27 33.60 -5.32
CA VAL B 245 -6.84 34.88 -5.86
C VAL B 245 -7.77 35.96 -5.30
N LEU B 246 -7.21 37.13 -5.01
CA LEU B 246 -7.86 38.31 -4.48
C LEU B 246 -7.94 39.39 -5.56
N PRO B 247 -9.08 40.08 -5.65
CA PRO B 247 -9.26 41.02 -6.75
C PRO B 247 -8.33 42.23 -6.67
N GLU B 248 -8.04 42.78 -7.84
CA GLU B 248 -7.31 44.04 -7.97
C GLU B 248 -8.32 45.11 -8.36
N LYS B 249 -8.39 46.17 -7.56
CA LYS B 249 -9.38 47.22 -7.82
C LYS B 249 -8.76 48.60 -7.64
N ASP B 250 -9.07 49.51 -8.55
CA ASP B 250 -8.65 50.90 -8.40
C ASP B 250 -9.37 51.57 -7.24
N SER B 251 -10.67 51.28 -7.07
CA SER B 251 -11.45 51.78 -5.94
C SER B 251 -12.29 50.63 -5.36
N TRP B 252 -12.51 50.69 -4.05
CA TRP B 252 -13.21 49.66 -3.29
C TRP B 252 -14.46 50.23 -2.64
N THR B 253 -15.61 49.61 -2.91
CA THR B 253 -16.82 49.94 -2.17
C THR B 253 -16.90 49.15 -0.86
N VAL B 254 -17.86 49.55 -0.02
CA VAL B 254 -18.10 48.84 1.23
C VAL B 254 -18.46 47.39 0.96
N ASN B 255 -19.24 47.16 -0.09
CA ASN B 255 -19.57 45.79 -0.46
C ASN B 255 -18.33 45.02 -0.86
N ASP B 256 -17.43 45.66 -1.62
CA ASP B 256 -16.21 44.97 -2.06
C ASP B 256 -15.38 44.56 -0.87
N ILE B 257 -15.20 45.46 0.10
CA ILE B 257 -14.41 45.15 1.28
C ILE B 257 -15.10 44.08 2.13
N GLN B 258 -16.43 44.13 2.24
CA GLN B 258 -17.16 43.09 2.98
C GLN B 258 -16.98 41.74 2.32
N LYS B 259 -17.06 41.67 0.99
CA LYS B 259 -16.80 40.40 0.31
C LYS B 259 -15.37 39.94 0.54
N LEU B 260 -14.41 40.87 0.46
CA LEU B 260 -13.00 40.52 0.64
C LEU B 260 -12.73 40.00 2.05
N VAL B 261 -13.32 40.64 3.06
CA VAL B 261 -13.10 40.19 4.44
C VAL B 261 -13.67 38.80 4.65
N GLY B 262 -14.85 38.54 4.09
CA GLY B 262 -15.44 37.21 4.23
C GLY B 262 -14.58 36.14 3.56
N LYS B 263 -14.08 36.46 2.37
CA LYS B 263 -13.21 35.52 1.67
C LYS B 263 -11.90 35.28 2.43
N LEU B 264 -11.28 36.36 2.93
CA LEU B 264 -10.03 36.20 3.68
C LEU B 264 -10.25 35.43 4.97
N ASN B 265 -11.36 35.69 5.64
CA ASN B 265 -11.63 34.98 6.89
C ASN B 265 -11.80 33.48 6.64
N TRP B 266 -12.50 33.12 5.56
CA TRP B 266 -12.60 31.71 5.21
C TRP B 266 -11.25 31.16 4.81
N ALA B 267 -10.49 31.92 4.02
CA ALA B 267 -9.16 31.48 3.63
C ALA B 267 -8.26 31.24 4.85
N SER B 268 -8.46 31.98 5.93
CA SER B 268 -7.61 31.84 7.11
C SER B 268 -7.73 30.49 7.78
N GLN B 269 -8.76 29.70 7.45
CA GLN B 269 -8.78 28.31 7.88
C GLN B 269 -7.77 27.44 7.16
N ILE B 270 -7.20 27.92 6.05
CA ILE B 270 -6.22 27.19 5.26
C ILE B 270 -4.82 27.77 5.44
N TYR B 271 -4.68 29.08 5.27
CA TYR B 271 -3.43 29.79 5.53
C TYR B 271 -3.57 30.55 6.83
N PRO B 272 -2.99 30.09 7.93
CA PRO B 272 -3.21 30.74 9.23
C PRO B 272 -2.61 32.14 9.33
N GLY B 273 -1.72 32.54 8.42
CA GLY B 273 -1.12 33.86 8.44
C GLY B 273 -1.98 35.01 7.91
N ILE B 274 -3.17 34.72 7.40
CA ILE B 274 -4.06 35.77 6.91
C ILE B 274 -4.52 36.64 8.08
N LYS B 275 -4.55 37.95 7.85
CA LYS B 275 -4.99 38.94 8.84
C LYS B 275 -5.97 39.88 8.17
N VAL B 276 -7.08 40.17 8.88
CA VAL B 276 -8.10 41.07 8.35
C VAL B 276 -8.22 42.39 9.14
N ARG B 277 -7.45 42.56 10.22
CA ARG B 277 -7.63 43.71 11.11
C ARG B 277 -7.65 45.05 10.37
N GLN B 278 -6.60 45.34 9.58
CA GLN B 278 -6.51 46.64 8.91
C GLN B 278 -7.59 46.80 7.84
N LEU B 279 -8.05 45.70 7.24
CA LEU B 279 -9.15 45.80 6.28
C LEU B 279 -10.49 45.95 6.96
N SER B 280 -10.67 45.31 8.12
CA SER B 280 -11.91 45.50 8.88
C SER B 280 -12.07 46.95 9.33
N LYS B 281 -10.97 47.59 9.75
CA LYS B 281 -11.03 49.00 10.15
C LYS B 281 -11.74 49.87 9.13
N LEU B 282 -11.69 49.49 7.85
CA LEU B 282 -12.31 50.28 6.80
C LEU B 282 -13.84 50.25 6.87
N LEU B 283 -14.42 49.27 7.56
CA LEU B 283 -15.88 49.15 7.65
C LEU B 283 -16.35 49.31 9.08
N ARG B 284 -15.93 50.37 9.77
CA ARG B 284 -16.35 50.54 11.15
C ARG B 284 -17.79 51.08 11.27
N GLY B 285 -18.20 51.99 10.38
CA GLY B 285 -19.51 52.63 10.53
C GLY B 285 -20.72 51.75 10.23
N THR B 286 -21.86 52.36 9.92
CA THR B 286 -23.02 51.65 9.35
C THR B 286 -23.28 52.32 8.00
N LYS B 287 -22.68 51.78 6.96
CA LYS B 287 -22.50 52.51 5.72
C LYS B 287 -23.25 51.85 4.57
N ALA B 288 -23.62 52.66 3.59
CA ALA B 288 -24.26 52.15 2.39
C ALA B 288 -23.28 51.28 1.59
N LEU B 289 -23.80 50.18 1.02
CA LEU B 289 -22.96 49.16 0.38
C LEU B 289 -22.16 49.74 -0.79
N THR B 290 -22.75 50.66 -1.54
CA THR B 290 -22.10 51.23 -2.72
C THR B 290 -21.16 52.41 -2.43
N GLU B 291 -21.02 52.80 -1.16
CA GLU B 291 -20.09 53.89 -0.82
C GLU B 291 -18.65 53.49 -1.09
N VAL B 292 -17.93 54.34 -1.82
CA VAL B 292 -16.53 54.10 -2.14
C VAL B 292 -15.67 54.39 -0.90
N ILE B 293 -14.74 53.49 -0.62
CA ILE B 293 -13.85 53.60 0.53
C ILE B 293 -12.40 53.58 0.06
N PRO B 294 -11.66 54.69 0.19
CA PRO B 294 -10.23 54.65 -0.09
C PRO B 294 -9.50 53.73 0.88
N LEU B 295 -8.52 53.00 0.36
CA LEU B 295 -7.70 52.13 1.20
C LEU B 295 -6.61 52.93 1.90
N THR B 296 -6.38 52.62 3.17
CA THR B 296 -5.24 53.17 3.90
C THR B 296 -3.97 52.40 3.56
N GLU B 297 -2.82 53.02 3.89
CA GLU B 297 -1.54 52.35 3.68
C GLU B 297 -1.45 51.04 4.45
N GLU B 298 -2.00 51.01 5.67
CA GLU B 298 -1.96 49.78 6.46
C GLU B 298 -2.77 48.67 5.81
N ALA B 299 -3.92 49.02 5.21
CA ALA B 299 -4.74 48.04 4.53
C ALA B 299 -4.11 47.61 3.21
N GLU B 300 -3.56 48.56 2.45
CA GLU B 300 -2.83 48.21 1.23
C GLU B 300 -1.72 47.21 1.50
N LEU B 301 -0.97 47.42 2.59
CA LEU B 301 0.10 46.49 2.95
C LEU B 301 -0.46 45.17 3.47
N GLU B 302 -1.52 45.22 4.29
CA GLU B 302 -2.15 43.99 4.75
C GLU B 302 -2.68 43.17 3.58
N LEU B 303 -3.27 43.85 2.60
CA LEU B 303 -3.75 43.15 1.41
C LEU B 303 -2.59 42.61 0.59
N ALA B 304 -1.51 43.40 0.46
CA ALA B 304 -0.31 42.93 -0.24
C ALA B 304 0.28 41.69 0.43
N GLU B 305 0.52 41.75 1.75
CA GLU B 305 1.06 40.60 2.45
C GLU B 305 0.16 39.37 2.27
N ASN B 306 -1.15 39.57 2.25
CA ASN B 306 -2.08 38.47 2.06
C ASN B 306 -1.93 37.84 0.68
N ARG B 307 -1.90 38.65 -0.37
CA ARG B 307 -1.73 38.11 -1.71
C ARG B 307 -0.47 37.27 -1.82
N GLU B 308 0.61 37.68 -1.14
CA GLU B 308 1.84 36.90 -1.15
C GLU B 308 1.64 35.55 -0.47
N ILE B 309 1.00 35.54 0.71
CA ILE B 309 0.78 34.30 1.44
C ILE B 309 0.00 33.30 0.59
N LEU B 310 -0.95 33.79 -0.20
CA LEU B 310 -1.78 32.88 -0.99
C LEU B 310 -1.00 32.25 -2.13
N LYS B 311 0.09 32.88 -2.56
CA LYS B 311 1.01 32.22 -3.48
C LYS B 311 1.73 31.04 -2.83
N GLU B 312 1.92 31.09 -1.50
CA GLU B 312 2.71 30.09 -0.81
C GLU B 312 1.94 28.78 -0.67
N PRO B 313 2.63 27.68 -0.36
CA PRO B 313 1.93 26.44 -0.05
C PRO B 313 1.49 26.40 1.41
N VAL B 314 0.46 25.58 1.66
CA VAL B 314 0.04 25.31 3.02
C VAL B 314 1.12 24.50 3.73
N HIS B 315 1.29 24.75 5.03
CA HIS B 315 2.33 24.06 5.79
C HIS B 315 1.89 22.64 6.15
N GLY B 316 2.76 21.68 5.88
CA GLY B 316 2.52 20.30 6.28
C GLY B 316 1.32 19.65 5.61
N VAL B 317 1.15 19.86 4.31
CA VAL B 317 0.20 19.09 3.51
C VAL B 317 1.00 18.07 2.73
N TYR B 318 0.80 16.79 3.04
CA TYR B 318 1.44 15.72 2.31
C TYR B 318 0.48 14.55 2.20
N TYR B 319 0.60 13.81 1.11
CA TYR B 319 -0.26 12.66 0.89
C TYR B 319 0.05 11.56 1.90
N ASP B 320 -1.00 10.89 2.37
CA ASP B 320 -0.92 9.76 3.30
C ASP B 320 -1.51 8.53 2.61
N PRO B 321 -0.73 7.47 2.38
CA PRO B 321 -1.25 6.32 1.60
C PRO B 321 -2.43 5.60 2.24
N SER B 322 -2.52 5.57 3.57
CA SER B 322 -3.63 4.89 4.25
C SER B 322 -4.98 5.59 4.00
N LYS B 323 -5.02 6.92 4.04
CA LYS B 323 -6.27 7.69 4.00
C LYS B 323 -6.89 7.79 2.59
N ASP B 324 -8.22 7.88 2.56
CA ASP B 324 -8.95 8.05 1.30
C ASP B 324 -8.83 9.47 0.75
N LEU B 325 -8.77 9.57 -0.57
CA LEU B 325 -8.89 10.85 -1.26
C LEU B 325 -10.35 11.29 -1.36
N ILE B 326 -10.58 12.57 -1.16
CA ILE B 326 -11.89 13.20 -1.31
C ILE B 326 -11.78 14.32 -2.33
N ALA B 327 -12.71 14.36 -3.27
CA ALA B 327 -12.78 15.42 -4.28
C ALA B 327 -14.07 16.20 -4.12
N GLU B 328 -13.97 17.52 -4.10
CA GLU B 328 -15.11 18.42 -4.05
C GLU B 328 -15.11 19.26 -5.32
N ILE B 329 -16.29 19.47 -5.88
CA ILE B 329 -16.45 20.23 -7.11
C ILE B 329 -17.43 21.37 -6.87
N GLN B 330 -17.15 22.53 -7.47
CA GLN B 330 -18.05 23.66 -7.43
C GLN B 330 -18.37 24.13 -8.84
N LYS B 331 -19.66 24.39 -9.07
CA LYS B 331 -20.13 24.94 -10.33
C LYS B 331 -20.04 26.47 -10.26
N GLN B 332 -19.16 27.04 -11.06
CA GLN B 332 -18.92 28.47 -11.05
C GLN B 332 -19.69 29.24 -12.11
N GLY B 333 -20.39 28.55 -13.01
CA GLY B 333 -21.10 29.20 -14.08
C GLY B 333 -20.23 29.46 -15.29
N GLN B 334 -20.89 29.74 -16.40
CA GLN B 334 -20.22 30.04 -17.67
C GLN B 334 -19.25 28.91 -18.05
N GLY B 335 -19.65 27.67 -17.78
CA GLY B 335 -18.83 26.54 -18.12
C GLY B 335 -17.58 26.36 -17.29
N GLN B 336 -17.53 26.95 -16.10
CA GLN B 336 -16.31 26.87 -15.28
C GLN B 336 -16.59 26.03 -14.05
N TRP B 337 -15.66 25.14 -13.73
CA TRP B 337 -15.80 24.26 -12.59
C TRP B 337 -14.47 24.25 -11.85
N THR B 338 -14.55 24.22 -10.53
CA THR B 338 -13.39 24.21 -9.67
C THR B 338 -13.47 22.97 -8.80
N TYR B 339 -12.32 22.42 -8.46
CA TYR B 339 -12.26 21.23 -7.65
C TYR B 339 -11.08 21.30 -6.68
N GLN B 340 -11.24 20.60 -5.57
CA GLN B 340 -10.20 20.43 -4.58
C GLN B 340 -10.13 18.95 -4.25
N ILE B 341 -8.91 18.40 -4.23
CA ILE B 341 -8.66 17.04 -3.77
C ILE B 341 -7.93 17.14 -2.43
N TYR B 342 -8.41 16.39 -1.44
CA TYR B 342 -7.80 16.43 -0.13
C TYR B 342 -8.08 15.12 0.59
N GLN B 343 -7.42 14.95 1.74
CA GLN B 343 -7.68 13.85 2.67
C GLN B 343 -8.17 14.33 4.02
N GLU B 344 -7.56 15.34 4.57
CA GLU B 344 -8.03 16.05 5.73
C GLU B 344 -8.65 17.39 5.34
N PRO B 345 -9.68 17.85 6.04
CA PRO B 345 -10.26 19.17 5.73
C PRO B 345 -9.20 20.26 5.79
N PHE B 346 -9.22 21.13 4.80
CA PHE B 346 -8.40 22.33 4.67
C PHE B 346 -6.95 22.01 4.38
N LYS B 347 -6.60 20.74 4.23
CA LYS B 347 -5.28 20.33 3.75
C LYS B 347 -5.46 19.77 2.35
N ASN B 348 -5.33 20.65 1.34
CA ASN B 348 -5.68 20.30 -0.03
C ASN B 348 -4.41 19.83 -0.76
N LEU B 349 -4.47 18.63 -1.32
CA LEU B 349 -3.33 18.10 -2.06
C LEU B 349 -3.25 18.68 -3.46
N LYS B 350 -4.39 19.04 -4.05
CA LYS B 350 -4.42 19.72 -5.34
C LYS B 350 -5.71 20.49 -5.44
N THR B 351 -5.66 21.61 -6.17
CA THR B 351 -6.85 22.40 -6.46
C THR B 351 -6.78 22.82 -7.92
N GLY B 352 -7.92 22.75 -8.61
CA GLY B 352 -7.90 23.03 -10.04
C GLY B 352 -9.19 23.65 -10.52
N LYS B 353 -9.15 24.04 -11.79
CA LYS B 353 -10.29 24.60 -12.51
C LYS B 353 -10.35 24.00 -13.91
N TYR B 354 -11.56 23.75 -14.38
CA TYR B 354 -11.81 23.26 -15.73
C TYR B 354 -12.76 24.22 -16.44
N ALA B 355 -12.48 24.51 -17.70
CA ALA B 355 -13.29 25.42 -18.48
C ALA B 355 -13.50 24.85 -19.87
N ARG B 356 -14.59 25.27 -20.51
CA ARG B 356 -14.84 24.98 -21.93
C ARG B 356 -14.78 23.49 -22.22
N MET B 357 -15.38 22.69 -21.35
CA MET B 357 -15.42 21.25 -21.54
C MET B 357 -16.57 20.90 -22.47
N ARG B 358 -16.70 19.62 -22.81
CA ARG B 358 -17.82 19.22 -23.65
C ARG B 358 -19.12 19.46 -22.90
N GLY B 359 -20.13 19.93 -23.62
CA GLY B 359 -21.39 20.35 -23.06
C GLY B 359 -21.37 21.70 -22.37
N ALA B 360 -20.31 22.49 -22.52
CA ALA B 360 -20.26 23.80 -21.89
C ALA B 360 -21.34 24.70 -22.50
N HIS B 361 -22.07 25.40 -21.62
CA HIS B 361 -23.10 26.36 -22.00
C HIS B 361 -24.37 25.66 -22.45
N THR B 362 -24.41 24.33 -22.47
CA THR B 362 -25.68 23.68 -22.80
C THR B 362 -26.09 22.59 -21.82
N ASN B 363 -25.13 21.90 -21.19
CA ASN B 363 -25.43 20.72 -20.37
C ASN B 363 -24.52 20.65 -19.14
N ASP B 364 -25.11 20.88 -17.96
CA ASP B 364 -24.38 20.76 -16.70
C ASP B 364 -23.98 19.32 -16.40
N VAL B 365 -24.88 18.38 -16.66
CA VAL B 365 -24.63 17.00 -16.27
C VAL B 365 -23.49 16.41 -17.10
N LYS B 366 -23.49 16.66 -18.41
CA LYS B 366 -22.34 16.25 -19.22
C LYS B 366 -21.04 16.91 -18.75
N GLN B 367 -21.10 18.20 -18.40
CA GLN B 367 -19.88 18.87 -17.97
C GLN B 367 -19.40 18.31 -16.65
N LEU B 368 -20.34 18.09 -15.71
CA LEU B 368 -19.95 17.53 -14.42
C LEU B 368 -19.38 16.13 -14.60
N THR B 369 -19.95 15.36 -15.54
CA THR B 369 -19.46 14.03 -15.83
C THR B 369 -18.04 14.08 -16.35
N GLU B 370 -17.79 14.94 -17.35
CA GLU B 370 -16.42 15.10 -17.85
C GLU B 370 -15.46 15.47 -16.72
N ALA B 371 -15.88 16.36 -15.83
CA ALA B 371 -15.02 16.80 -14.74
C ALA B 371 -14.67 15.63 -13.81
N VAL B 372 -15.67 14.83 -13.43
CA VAL B 372 -15.39 13.67 -12.56
C VAL B 372 -14.36 12.76 -13.21
N GLN B 373 -14.50 12.48 -14.50
CA GLN B 373 -13.55 11.63 -15.20
C GLN B 373 -12.15 12.22 -15.17
N LYS B 374 -12.01 13.48 -15.58
CA LYS B 374 -10.68 14.12 -15.57
C LYS B 374 -10.05 14.10 -14.18
N ILE B 375 -10.82 14.42 -13.13
CA ILE B 375 -10.27 14.43 -11.78
C ILE B 375 -9.82 13.04 -11.37
N THR B 376 -10.63 12.02 -11.68
CA THR B 376 -10.23 10.66 -11.35
C THR B 376 -8.95 10.26 -12.06
N THR B 377 -8.83 10.62 -13.33
CA THR B 377 -7.62 10.30 -14.09
C THR B 377 -6.38 10.92 -13.45
N GLU B 378 -6.45 12.19 -13.08
CA GLU B 378 -5.32 12.83 -12.42
C GLU B 378 -4.95 12.10 -11.12
N SER B 379 -5.96 11.68 -10.35
CA SER B 379 -5.68 10.97 -9.10
C SER B 379 -5.02 9.62 -9.35
N ILE B 380 -5.43 8.92 -10.42
CA ILE B 380 -4.78 7.64 -10.75
C ILE B 380 -3.32 7.88 -11.12
N VAL B 381 -3.05 8.92 -11.91
CA VAL B 381 -1.69 9.25 -12.32
C VAL B 381 -0.86 9.71 -11.11
N ILE B 382 -1.39 10.61 -10.29
CA ILE B 382 -0.61 11.20 -9.21
C ILE B 382 -0.45 10.25 -8.02
N TRP B 383 -1.53 9.57 -7.62
CA TRP B 383 -1.52 8.79 -6.39
C TRP B 383 -1.93 7.32 -6.56
N GLY B 384 -2.33 6.92 -7.76
CA GLY B 384 -2.84 5.57 -7.98
C GLY B 384 -4.10 5.26 -7.19
N LYS B 385 -4.94 6.25 -6.95
CA LYS B 385 -6.21 6.05 -6.27
C LYS B 385 -7.27 6.86 -6.98
N THR B 386 -8.50 6.47 -6.79
CA THR B 386 -9.61 7.29 -7.25
C THR B 386 -10.29 7.90 -6.04
N PRO B 387 -10.63 9.18 -6.11
CA PRO B 387 -11.22 9.84 -4.95
C PRO B 387 -12.70 9.51 -4.81
N LYS B 388 -13.22 9.81 -3.62
CA LYS B 388 -14.66 9.81 -3.39
C LYS B 388 -15.17 11.22 -3.66
N PHE B 389 -16.12 11.34 -4.58
CA PHE B 389 -16.60 12.64 -5.04
C PHE B 389 -17.78 13.15 -4.21
N LYS B 390 -17.72 14.41 -3.85
CA LYS B 390 -18.87 15.14 -3.31
C LYS B 390 -19.47 15.96 -4.46
N LEU B 391 -20.55 15.49 -5.01
CA LEU B 391 -21.07 16.03 -6.27
C LEU B 391 -22.12 17.11 -6.03
N PRO B 392 -21.96 18.44 -6.72
CA PRO B 392 -22.98 19.51 -6.58
C PRO B 392 -24.17 19.28 -7.48
N ILE B 393 -24.96 18.25 -7.18
CA ILE B 393 -26.09 17.87 -8.02
C ILE B 393 -27.07 17.09 -7.15
N GLN B 394 -28.32 17.04 -7.59
CA GLN B 394 -29.33 16.28 -6.87
C GLN B 394 -29.25 14.83 -7.29
N LYS B 395 -29.37 13.92 -6.31
CA LYS B 395 -29.17 12.50 -6.56
C LYS B 395 -29.95 12.01 -7.77
N GLU B 396 -31.21 12.43 -7.90
CA GLU B 396 -32.04 11.92 -8.99
C GLU B 396 -31.61 12.50 -10.33
N THR B 397 -31.08 13.72 -10.35
CA THR B 397 -30.62 14.27 -11.62
C THR B 397 -29.41 13.52 -12.13
N TRP B 398 -28.47 13.21 -11.24
CA TRP B 398 -27.26 12.52 -11.66
C TRP B 398 -27.58 11.10 -12.13
N GLU B 399 -28.37 10.35 -11.35
CA GLU B 399 -28.64 8.97 -11.67
C GLU B 399 -29.39 8.81 -12.98
N THR B 400 -30.24 9.79 -13.32
CA THR B 400 -30.97 9.74 -14.58
C THR B 400 -30.03 9.80 -15.79
N TRP B 401 -28.99 10.64 -15.72
CA TRP B 401 -28.23 11.00 -16.92
C TRP B 401 -26.78 10.54 -16.96
N TRP B 402 -26.15 10.19 -15.84
CA TRP B 402 -24.69 10.12 -15.85
C TRP B 402 -24.18 9.05 -16.81
N THR B 403 -24.84 7.89 -16.87
CA THR B 403 -24.38 6.82 -17.76
C THR B 403 -24.38 7.25 -19.23
N GLU B 404 -25.27 8.19 -19.58
CA GLU B 404 -25.30 8.70 -20.96
C GLU B 404 -23.98 9.34 -21.37
N TYR B 405 -23.26 9.95 -20.43
CA TYR B 405 -22.04 10.69 -20.76
C TYR B 405 -20.77 10.03 -20.28
N TRP B 406 -20.84 8.80 -19.78
CA TRP B 406 -19.67 8.19 -19.15
C TRP B 406 -18.84 7.46 -20.19
N GLN B 407 -17.54 7.76 -20.23
CA GLN B 407 -16.66 7.21 -21.25
C GLN B 407 -15.44 6.51 -20.64
N ALA B 408 -15.48 6.18 -19.36
CA ALA B 408 -14.36 5.54 -18.68
C ALA B 408 -14.72 4.12 -18.26
N THR B 409 -13.69 3.29 -18.06
CA THR B 409 -13.89 1.89 -17.72
C THR B 409 -13.95 1.65 -16.21
N TRP B 410 -13.59 2.65 -15.39
CA TRP B 410 -13.76 2.61 -13.94
C TRP B 410 -14.89 3.53 -13.52
N ILE B 411 -15.29 3.43 -12.26
CA ILE B 411 -16.36 4.25 -11.71
C ILE B 411 -16.01 4.66 -10.29
N PRO B 412 -15.77 5.94 -10.01
CA PRO B 412 -15.40 6.34 -8.66
C PRO B 412 -16.59 6.25 -7.74
N GLU B 413 -16.35 6.43 -6.44
CA GLU B 413 -17.41 6.53 -5.45
C GLU B 413 -17.86 7.98 -5.37
N TRP B 414 -19.17 8.19 -5.18
CA TRP B 414 -19.65 9.56 -5.06
C TRP B 414 -20.74 9.68 -4.02
N GLU B 415 -20.92 10.91 -3.53
CA GLU B 415 -22.05 11.29 -2.72
C GLU B 415 -22.54 12.66 -3.20
N PHE B 416 -23.73 13.05 -2.74
CA PHE B 416 -24.38 14.27 -3.23
C PHE B 416 -24.48 15.32 -2.13
N VAL B 417 -24.15 16.57 -2.47
CA VAL B 417 -24.13 17.70 -1.56
C VAL B 417 -24.92 18.87 -2.15
N ASN B 418 -25.45 19.73 -1.27
CA ASN B 418 -26.13 20.97 -1.68
C ASN B 418 -25.60 22.12 -0.82
N THR B 419 -24.44 22.68 -1.19
CA THR B 419 -23.89 23.80 -0.46
C THR B 419 -24.09 25.09 -1.26
N PRO B 420 -25.02 25.94 -0.89
CA PRO B 420 -25.13 27.26 -1.55
C PRO B 420 -23.89 28.09 -1.27
N PRO B 421 -23.43 28.90 -2.24
CA PRO B 421 -22.15 29.59 -2.08
C PRO B 421 -22.27 30.97 -1.47
N LEU B 422 -21.91 31.06 -0.18
CA LEU B 422 -21.91 32.35 0.51
C LEU B 422 -20.80 33.25 -0.03
N VAL B 423 -19.61 32.69 -0.28
CA VAL B 423 -18.47 33.41 -0.83
C VAL B 423 -17.85 32.55 -1.92
N LYS B 424 -17.34 33.22 -2.96
CA LYS B 424 -16.61 32.58 -4.07
C LYS B 424 -15.12 32.51 -3.73
N LEU B 425 -14.76 31.58 -2.84
CA LEU B 425 -13.36 31.42 -2.46
C LEU B 425 -12.50 30.89 -3.61
N TRP B 426 -12.92 29.79 -4.25
CA TRP B 426 -12.08 29.13 -5.25
C TRP B 426 -12.02 29.88 -6.59
N TYR B 427 -13.13 30.44 -7.04
CA TYR B 427 -13.13 31.22 -8.27
C TYR B 427 -13.13 32.69 -7.93
N GLN B 428 -13.09 33.54 -8.95
CA GLN B 428 -13.07 34.97 -8.71
C GLN B 428 -14.42 35.55 -9.13
P MRG D 16 -48.94 -3.74 6.81
OP1 MRG D 16 -49.77 -4.58 7.75
OP2 MRG D 16 -48.05 -4.63 5.90
O5' MRG D 16 -49.84 -2.78 5.95
N9 MRG D 16 -49.71 0.25 3.14
C4 MRG D 16 -49.38 1.00 2.06
N3 MRG D 16 -50.00 2.15 1.43
C2 MRG D 16 -49.42 2.77 0.26
N1 MRG D 16 -48.22 2.23 -0.28
C6 MRG D 16 -47.60 1.10 0.31
O6 MRG D 16 -46.56 0.63 -0.17
C5 MRG D 16 -48.21 0.48 1.51
N7 MRG D 16 -47.85 -0.59 2.28
C8 MRG D 16 -48.76 -0.72 3.27
N2 MRG D 16 -50.02 3.96 -0.40
C21 MRG D 16 -51.24 4.67 -0.02
C22 MRG D 16 -51.72 4.73 1.42
C23 MRG D 16 -52.76 3.70 1.82
S24 MRG D 16 -53.68 3.99 3.31
C2' MRG D 16 -52.04 -0.34 3.55
C5' MRG D 16 -50.84 -2.03 6.55
C4' MRG D 16 -51.55 -0.98 5.71
O4' MRG D 16 -50.67 0.05 5.41
C1' MRG D 16 -50.88 0.44 4.01
C3' MRG D 16 -52.04 -1.51 4.40
O3' MRG D 16 -53.32 -2.01 4.47
N MET E 1 38.56 -56.97 21.93
CA MET E 1 39.30 -56.28 22.98
C MET E 1 38.46 -56.17 24.25
N VAL E 2 39.04 -55.66 25.33
CA VAL E 2 38.34 -55.47 26.60
C VAL E 2 37.22 -54.44 26.49
N PRO E 3 37.41 -53.27 25.83
CA PRO E 3 36.33 -52.28 25.78
C PRO E 3 35.77 -52.06 24.38
N ILE E 4 34.45 -51.97 24.30
CA ILE E 4 33.77 -51.72 23.04
C ILE E 4 33.93 -50.25 22.63
N SER E 5 33.76 -50.01 21.33
CA SER E 5 33.81 -48.68 20.73
C SER E 5 32.46 -48.32 20.12
N PRO E 6 31.93 -47.09 20.34
CA PRO E 6 30.56 -46.79 19.87
C PRO E 6 30.45 -46.00 18.56
N ILE E 7 31.14 -44.85 18.46
CA ILE E 7 31.03 -43.93 17.32
C ILE E 7 32.33 -43.16 17.22
N GLU E 8 32.54 -42.51 16.07
CA GLU E 8 33.83 -41.89 15.79
C GLU E 8 34.20 -40.81 16.79
N THR E 9 35.45 -40.82 17.21
CA THR E 9 35.93 -39.86 18.21
C THR E 9 36.47 -38.63 17.48
N VAL E 10 36.87 -37.62 18.24
CA VAL E 10 37.36 -36.36 17.69
C VAL E 10 38.75 -36.12 18.26
N PRO E 11 39.79 -36.13 17.43
CA PRO E 11 41.16 -35.88 17.93
C PRO E 11 41.26 -34.55 18.65
N VAL E 12 41.89 -34.57 19.82
CA VAL E 12 42.04 -33.39 20.66
C VAL E 12 43.47 -33.38 21.19
N LYS E 13 43.99 -32.17 21.40
CA LYS E 13 45.34 -31.99 21.94
C LYS E 13 45.32 -30.82 22.91
N LEU E 14 46.31 -30.81 23.80
CA LEU E 14 46.59 -29.62 24.56
C LEU E 14 47.39 -28.64 23.71
N LYS E 15 47.44 -27.39 24.13
CA LYS E 15 48.31 -26.43 23.47
C LYS E 15 49.75 -26.92 23.58
N PRO E 16 50.55 -26.79 22.53
CA PRO E 16 51.83 -27.50 22.47
C PRO E 16 52.75 -27.13 23.63
N GLY E 17 53.53 -28.11 24.08
CA GLY E 17 54.43 -27.90 25.19
C GLY E 17 53.75 -27.53 26.49
N MET E 18 52.53 -28.03 26.71
CA MET E 18 51.81 -27.75 27.95
C MET E 18 51.21 -29.04 28.49
N ASP E 19 50.98 -29.07 29.79
CA ASP E 19 50.64 -30.28 30.51
C ASP E 19 49.36 -30.08 31.31
N GLY E 20 48.75 -31.19 31.71
CA GLY E 20 47.44 -31.22 32.33
C GLY E 20 47.33 -30.51 33.66
N PRO E 21 46.11 -30.18 34.06
CA PRO E 21 45.90 -29.40 35.29
C PRO E 21 46.16 -30.21 36.55
N LYS E 22 46.67 -29.53 37.57
CA LYS E 22 46.68 -30.06 38.93
C LYS E 22 46.10 -29.00 39.86
N VAL E 23 45.01 -29.34 40.55
CA VAL E 23 44.29 -28.47 41.48
C VAL E 23 43.43 -29.37 42.35
N LYS E 24 43.42 -29.09 43.66
CA LYS E 24 42.66 -29.91 44.59
C LYS E 24 41.20 -29.47 44.62
N GLN E 25 40.32 -30.42 44.94
CA GLN E 25 38.89 -30.13 44.94
C GLN E 25 38.51 -29.24 46.11
N TRP E 26 37.28 -28.66 46.04
CA TRP E 26 36.74 -27.78 47.06
C TRP E 26 36.19 -28.62 48.23
N PRO E 27 36.23 -28.08 49.44
CA PRO E 27 35.50 -28.72 50.55
C PRO E 27 34.00 -28.61 50.38
N LEU E 28 33.45 -29.43 49.49
CA LEU E 28 32.03 -29.37 49.15
C LEU E 28 31.18 -29.97 50.27
N THR E 29 30.01 -29.36 50.50
CA THR E 29 29.12 -29.83 51.56
C THR E 29 28.74 -31.28 51.33
N GLU E 30 28.63 -32.04 52.43
CA GLU E 30 28.46 -33.50 52.34
C GLU E 30 27.19 -33.89 51.60
N GLU E 31 26.13 -33.08 51.67
CA GLU E 31 24.90 -33.42 50.97
C GLU E 31 25.14 -33.56 49.47
N LYS E 32 25.92 -32.66 48.89
CA LYS E 32 26.33 -32.79 47.50
C LYS E 32 27.22 -34.01 47.30
N ILE E 33 28.10 -34.29 48.27
CA ILE E 33 29.07 -35.38 48.12
C ILE E 33 28.35 -36.73 48.06
N LYS E 34 27.33 -36.91 48.90
CA LYS E 34 26.55 -38.15 48.84
C LYS E 34 25.82 -38.27 47.51
N ALA E 35 25.21 -37.18 47.04
CA ALA E 35 24.48 -37.23 45.78
C ALA E 35 25.43 -37.49 44.61
N LEU E 36 26.60 -36.88 44.64
CA LEU E 36 27.56 -37.06 43.55
C LEU E 36 28.03 -38.50 43.45
N VAL E 37 28.31 -39.15 44.59
CA VAL E 37 28.82 -40.51 44.57
C VAL E 37 27.79 -41.46 43.98
N GLU E 38 26.51 -41.24 44.30
CA GLU E 38 25.45 -42.09 43.75
C GLU E 38 25.41 -42.00 42.23
N ILE E 39 25.40 -40.78 41.69
CA ILE E 39 25.35 -40.61 40.23
C ILE E 39 26.64 -41.09 39.59
N CYS E 40 27.79 -40.77 40.19
CA CYS E 40 29.06 -41.16 39.61
C CYS E 40 29.21 -42.68 39.57
N THR E 41 28.76 -43.38 40.62
CA THR E 41 28.81 -44.83 40.62
C THR E 41 27.98 -45.42 39.49
N GLU E 42 26.83 -44.81 39.18
CA GLU E 42 26.04 -45.28 38.05
C GLU E 42 26.82 -45.19 36.74
N MET E 43 27.61 -44.12 36.59
CA MET E 43 28.38 -43.94 35.36
C MET E 43 29.39 -45.07 35.15
N GLU E 44 30.06 -45.52 36.21
CA GLU E 44 31.12 -46.51 36.03
C GLU E 44 30.56 -47.83 35.48
N LYS E 45 29.37 -48.23 35.95
CA LYS E 45 28.76 -49.46 35.45
C LYS E 45 28.44 -49.33 33.96
N GLU E 46 27.92 -48.17 33.56
CA GLU E 46 27.69 -47.92 32.13
C GLU E 46 28.99 -47.81 31.36
N GLY E 47 30.04 -47.30 32.00
CA GLY E 47 31.30 -47.03 31.34
C GLY E 47 31.57 -45.58 31.04
N LYS E 48 30.70 -44.68 31.49
CA LYS E 48 30.91 -43.25 31.31
C LYS E 48 32.11 -42.76 32.11
N ILE E 49 32.39 -43.36 33.26
CA ILE E 49 33.48 -42.93 34.12
C ILE E 49 34.35 -44.15 34.42
N SER E 50 35.64 -43.91 34.68
CA SER E 50 36.58 -44.99 34.95
C SER E 50 37.51 -44.66 36.10
N LYS E 51 37.86 -45.69 36.88
CA LYS E 51 38.84 -45.56 37.95
C LYS E 51 40.25 -45.51 37.40
N ILE E 52 41.15 -44.84 38.14
CA ILE E 52 42.52 -44.63 37.71
C ILE E 52 43.50 -44.99 38.83
N GLY E 53 44.57 -45.70 38.46
CA GLY E 53 45.70 -45.91 39.32
C GLY E 53 46.49 -44.63 39.55
N PRO E 54 47.24 -44.56 40.66
CA PRO E 54 48.01 -43.34 40.99
C PRO E 54 48.93 -42.82 39.89
N GLU E 55 49.09 -43.57 38.80
CA GLU E 55 49.77 -43.07 37.62
C GLU E 55 49.15 -41.78 37.07
N ASN E 56 47.92 -41.46 37.46
CA ASN E 56 47.25 -40.24 37.00
C ASN E 56 47.47 -39.12 38.01
N PRO E 57 48.29 -38.10 37.70
CA PRO E 57 48.60 -37.07 38.70
C PRO E 57 47.64 -35.88 38.69
N TYR E 58 46.86 -35.75 37.62
CA TYR E 58 45.97 -34.61 37.44
C TYR E 58 44.69 -34.70 38.28
N ASN E 59 44.31 -33.57 38.86
CA ASN E 59 43.07 -33.44 39.62
C ASN E 59 42.43 -32.10 39.30
N THR E 60 41.10 -32.12 39.10
CA THR E 60 40.31 -30.93 38.81
C THR E 60 39.00 -30.95 39.60
N PRO E 61 38.62 -29.82 40.19
CA PRO E 61 37.44 -29.81 41.07
C PRO E 61 36.16 -30.21 40.36
N VAL E 62 35.15 -30.56 41.16
CA VAL E 62 33.87 -31.08 40.66
C VAL E 62 32.78 -30.65 41.65
N PHE E 63 31.56 -30.46 41.13
CA PHE E 63 30.40 -30.11 41.93
C PHE E 63 29.15 -30.44 41.12
N ALA E 64 27.98 -30.07 41.66
CA ALA E 64 26.72 -30.44 41.04
C ALA E 64 25.67 -29.37 41.35
N ILE E 65 24.70 -29.24 40.44
CA ILE E 65 23.58 -28.32 40.60
C ILE E 65 22.30 -29.06 40.21
N LYS E 66 21.20 -28.72 40.89
CA LYS E 66 19.92 -29.33 40.55
C LYS E 66 19.48 -28.92 39.15
N LYS E 67 19.10 -29.92 38.35
CA LYS E 67 18.38 -29.62 37.12
C LYS E 67 17.10 -28.87 37.46
N LYS E 68 16.90 -27.72 36.83
CA LYS E 68 15.72 -26.91 37.10
C LYS E 68 14.46 -27.70 36.75
N ASP E 69 13.43 -27.56 37.60
CA ASP E 69 12.15 -28.24 37.43
C ASP E 69 12.32 -29.75 37.37
N SER E 70 13.27 -30.28 38.14
CA SER E 70 13.47 -31.73 38.19
C SER E 70 14.16 -32.09 39.49
N THR E 71 13.97 -33.36 39.90
CA THR E 71 14.67 -33.92 41.04
C THR E 71 16.08 -34.38 40.70
N LYS E 72 16.37 -34.70 39.44
CA LYS E 72 17.66 -35.22 39.04
C LYS E 72 18.75 -34.17 39.24
N TRP E 73 20.01 -34.61 39.27
CA TRP E 73 21.14 -33.73 39.45
C TRP E 73 22.07 -33.75 38.23
N ARG E 74 22.68 -32.60 37.98
CA ARG E 74 23.60 -32.39 36.86
C ARG E 74 25.02 -32.29 37.38
N LYS E 75 25.94 -33.01 36.74
CA LYS E 75 27.32 -33.15 37.23
C LYS E 75 28.25 -32.24 36.43
N LEU E 76 28.74 -31.18 37.08
CA LEU E 76 29.54 -30.14 36.44
C LEU E 76 30.98 -30.20 36.93
N VAL E 77 31.92 -30.08 35.99
CA VAL E 77 33.35 -30.19 36.27
C VAL E 77 34.00 -28.83 36.02
N ASP E 78 34.57 -28.22 37.06
CA ASP E 78 35.23 -26.92 36.95
C ASP E 78 36.54 -27.10 36.20
N PHE E 79 36.43 -27.17 34.88
CA PHE E 79 37.58 -27.38 33.99
C PHE E 79 38.26 -26.09 33.60
N ARG E 80 38.36 -25.12 34.52
CA ARG E 80 38.88 -23.81 34.14
C ARG E 80 40.35 -23.89 33.76
N GLU E 81 41.16 -24.63 34.52
CA GLU E 81 42.58 -24.75 34.18
C GLU E 81 42.82 -25.67 33.00
N LEU E 82 41.97 -26.70 32.81
CA LEU E 82 42.17 -27.58 31.66
C LEU E 82 41.78 -26.90 30.36
N ASN E 83 40.69 -26.14 30.36
CA ASN E 83 40.33 -25.33 29.21
C ASN E 83 41.49 -24.45 28.76
N LYS E 84 42.08 -23.70 29.71
CA LYS E 84 43.21 -22.82 29.41
C LYS E 84 44.30 -23.53 28.61
N ARG E 85 44.51 -24.82 28.87
CA ARG E 85 45.60 -25.56 28.25
C ARG E 85 45.14 -26.44 27.10
N THR E 86 43.84 -26.46 26.80
CA THR E 86 43.30 -27.26 25.71
C THR E 86 43.27 -26.46 24.41
N GLN E 87 43.44 -27.18 23.30
CA GLN E 87 43.46 -26.56 21.97
C GLN E 87 42.17 -25.80 21.69
N ASP E 88 42.29 -24.77 20.84
CA ASP E 88 41.12 -24.00 20.40
C ASP E 88 40.33 -24.80 19.36
N PHE E 89 39.01 -24.70 19.45
CA PHE E 89 38.09 -25.27 18.46
C PHE E 89 37.47 -24.14 17.64
N TRP E 90 36.79 -24.52 16.57
CA TRP E 90 35.94 -23.60 15.84
C TRP E 90 34.48 -23.97 16.11
N GLU E 91 33.78 -23.10 16.85
CA GLU E 91 32.38 -23.36 17.19
C GLU E 91 31.53 -23.46 15.94
N VAL E 92 30.65 -24.48 15.91
CA VAL E 92 29.77 -24.69 14.77
C VAL E 92 28.35 -24.18 15.01
N GLN E 93 28.02 -23.71 16.21
CA GLN E 93 26.72 -23.13 16.50
C GLN E 93 26.81 -21.65 16.13
N LEU E 94 26.23 -21.28 14.99
CA LEU E 94 26.40 -19.94 14.45
C LEU E 94 25.27 -19.00 14.84
N GLY E 95 24.31 -19.47 15.63
CA GLY E 95 23.23 -18.61 16.07
C GLY E 95 22.11 -19.45 16.65
N ILE E 96 21.02 -18.76 16.96
CA ILE E 96 19.88 -19.38 17.65
C ILE E 96 18.68 -19.41 16.72
N PRO E 97 17.96 -20.53 16.62
CA PRO E 97 16.75 -20.57 15.78
C PRO E 97 15.63 -19.76 16.40
N HIS E 98 14.87 -19.10 15.54
CA HIS E 98 13.75 -18.34 16.02
C HIS E 98 12.43 -18.95 15.57
N PRO E 99 11.41 -18.99 16.44
CA PRO E 99 10.12 -19.58 16.03
C PRO E 99 9.50 -18.87 14.83
N ALA E 100 9.74 -17.56 14.68
CA ALA E 100 9.26 -16.83 13.51
C ALA E 100 9.83 -17.38 12.21
N GLY E 101 10.98 -18.05 12.27
CA GLY E 101 11.50 -18.76 11.12
C GLY E 101 10.67 -19.96 10.68
N LEU E 102 10.07 -20.66 11.64
CA LEU E 102 9.39 -21.93 11.36
C LEU E 102 8.21 -21.75 10.42
N LYS E 103 8.05 -22.69 9.48
CA LYS E 103 6.84 -22.76 8.66
C LYS E 103 5.75 -23.54 9.38
N LYS E 104 4.51 -23.32 8.94
CA LYS E 104 3.38 -24.05 9.51
C LYS E 104 3.49 -25.53 9.16
N LYS E 105 3.24 -26.38 10.16
CA LYS E 105 3.32 -27.83 10.00
C LYS E 105 2.08 -28.50 10.53
N LYS E 106 1.66 -29.58 9.85
CA LYS E 106 0.49 -30.33 10.28
C LYS E 106 0.76 -31.07 11.59
N SER E 107 1.91 -31.73 11.70
CA SER E 107 2.29 -32.52 12.87
C SER E 107 3.67 -32.10 13.36
N VAL E 108 3.78 -31.83 14.66
CA VAL E 108 5.01 -31.36 15.27
C VAL E 108 5.36 -32.24 16.47
N THR E 109 6.62 -32.72 16.50
CA THR E 109 7.16 -33.48 17.63
C THR E 109 8.45 -32.84 18.12
N VAL E 110 8.57 -32.67 19.42
CA VAL E 110 9.80 -32.21 20.07
C VAL E 110 10.29 -33.31 21.00
N LEU E 111 11.53 -33.77 20.80
CA LEU E 111 12.12 -34.81 21.66
C LEU E 111 13.53 -34.42 22.08
N ASP E 112 13.90 -34.83 23.29
CA ASP E 112 15.16 -34.48 23.93
C ASP E 112 15.96 -35.74 24.21
N VAL E 113 17.23 -35.74 23.80
CA VAL E 113 18.14 -36.83 24.12
C VAL E 113 18.41 -36.84 25.63
N GLY E 114 18.71 -38.02 26.16
CA GLY E 114 19.04 -38.18 27.57
C GLY E 114 20.52 -38.50 27.76
N ASP E 115 21.14 -37.79 28.69
CA ASP E 115 22.57 -37.93 28.96
C ASP E 115 23.37 -37.73 27.68
N ALA E 116 23.04 -36.65 26.97
CA ALA E 116 23.53 -36.45 25.61
C ALA E 116 25.06 -36.37 25.57
N TYR E 117 25.65 -35.58 26.46
CA TYR E 117 27.11 -35.51 26.51
C TYR E 117 27.70 -36.85 26.91
N PHE E 118 27.09 -37.51 27.89
CA PHE E 118 27.58 -38.77 28.41
C PHE E 118 27.29 -39.95 27.47
N SER E 119 26.95 -39.67 26.21
CA SER E 119 26.76 -40.68 25.19
C SER E 119 27.74 -40.53 24.02
N VAL E 120 28.66 -39.58 24.09
CA VAL E 120 29.59 -39.26 23.02
C VAL E 120 31.00 -39.54 23.52
N PRO E 121 31.74 -40.44 22.89
CA PRO E 121 33.07 -40.83 23.42
C PRO E 121 34.08 -39.70 23.38
N LEU E 122 34.81 -39.56 24.48
CA LEU E 122 35.95 -38.65 24.53
C LEU E 122 37.15 -39.27 23.81
N ASP E 123 38.10 -38.42 23.43
CA ASP E 123 39.31 -38.89 22.75
C ASP E 123 40.14 -39.75 23.69
N GLU E 124 40.62 -40.89 23.18
CA GLU E 124 41.29 -41.87 24.03
C GLU E 124 42.54 -41.28 24.68
N ASP E 125 43.43 -40.70 23.86
CA ASP E 125 44.66 -40.10 24.41
C ASP E 125 44.35 -38.97 25.38
N PHE E 126 43.32 -38.18 25.08
CA PHE E 126 43.00 -37.03 25.92
C PHE E 126 42.30 -37.43 27.22
N ARG E 127 41.82 -38.67 27.34
CA ARG E 127 40.98 -39.05 28.48
C ARG E 127 41.68 -38.84 29.81
N LYS E 128 43.01 -38.97 29.85
CA LYS E 128 43.74 -38.93 31.12
C LYS E 128 43.59 -37.59 31.83
N TYR E 129 43.55 -36.49 31.08
CA TYR E 129 43.55 -35.16 31.69
C TYR E 129 42.25 -34.84 32.42
N THR E 130 41.19 -35.61 32.21
CA THR E 130 39.92 -35.37 32.89
C THR E 130 40.01 -35.57 34.41
N ALA E 131 41.04 -36.27 34.88
CA ALA E 131 40.99 -36.94 36.19
C ALA E 131 40.58 -36.01 37.32
N PHE E 132 39.70 -36.53 38.18
CA PHE E 132 39.23 -35.83 39.38
C PHE E 132 39.05 -36.86 40.49
N THR E 133 39.14 -36.38 41.73
CA THR E 133 39.02 -37.22 42.92
C THR E 133 37.69 -36.97 43.60
N ILE E 134 36.91 -38.03 43.81
CA ILE E 134 35.62 -37.95 44.48
C ILE E 134 35.83 -37.89 45.99
N PRO E 135 34.94 -37.25 46.75
CA PRO E 135 35.07 -37.26 48.21
C PRO E 135 34.00 -38.12 48.87
N SER E 136 34.14 -38.35 50.17
CA SER E 136 33.25 -39.19 50.95
C SER E 136 32.55 -38.32 51.99
N ILE E 137 31.59 -38.94 52.70
CA ILE E 137 30.81 -38.17 53.68
C ILE E 137 31.73 -37.56 54.72
N ASN E 138 32.77 -38.27 55.10
CA ASN E 138 33.88 -37.72 55.88
C ASN E 138 35.14 -37.66 55.02
N ASN E 139 36.18 -37.07 55.59
CA ASN E 139 37.49 -37.04 54.95
C ASN E 139 38.32 -38.28 55.28
N GLU E 140 37.76 -39.22 56.03
CA GLU E 140 38.48 -40.42 56.42
C GLU E 140 38.73 -41.33 55.22
N THR E 141 37.68 -41.64 54.47
CA THR E 141 37.83 -42.47 53.28
C THR E 141 38.58 -41.70 52.21
N PRO E 142 39.61 -42.28 51.59
CA PRO E 142 40.39 -41.50 50.60
C PRO E 142 39.55 -41.02 49.43
N GLY E 143 38.64 -41.85 48.94
CA GLY E 143 37.82 -41.50 47.80
C GLY E 143 38.43 -41.92 46.49
N ILE E 144 37.60 -42.37 45.56
CA ILE E 144 38.09 -42.92 44.30
C ILE E 144 38.43 -41.79 43.35
N ARG E 145 39.42 -42.01 42.49
CA ARG E 145 39.78 -41.07 41.45
C ARG E 145 39.22 -41.57 40.12
N TYR E 146 38.68 -40.64 39.33
CA TYR E 146 37.90 -40.96 38.15
C TYR E 146 38.35 -40.13 36.95
N GLN E 147 38.38 -40.75 35.77
CA GLN E 147 38.65 -40.08 34.50
C GLN E 147 37.47 -40.28 33.55
N TYR E 148 37.02 -39.21 32.91
CA TYR E 148 35.89 -39.30 31.99
C TYR E 148 36.22 -40.14 30.76
N ASN E 149 35.27 -40.97 30.35
CA ASN E 149 35.35 -41.73 29.12
C ASN E 149 34.51 -41.11 28.00
N VAL E 150 33.90 -39.96 28.27
CA VAL E 150 32.92 -39.34 27.39
C VAL E 150 32.98 -37.84 27.63
N LEU E 151 32.29 -37.08 26.78
CA LEU E 151 32.33 -35.62 26.88
C LEU E 151 31.84 -35.19 28.26
N PRO E 152 32.57 -34.30 28.95
CA PRO E 152 32.14 -33.88 30.28
C PRO E 152 31.62 -32.45 30.33
N GLN E 153 30.57 -32.23 31.09
CA GLN E 153 29.95 -30.91 31.19
C GLN E 153 30.89 -29.97 31.93
N GLY E 154 31.25 -28.86 31.31
CA GLY E 154 32.21 -27.92 31.85
C GLY E 154 33.50 -27.82 31.06
N TRP E 155 33.76 -28.74 30.13
CA TRP E 155 34.86 -28.61 29.21
C TRP E 155 34.49 -27.58 28.14
N LYS E 156 35.50 -27.08 27.42
CA LYS E 156 35.23 -26.08 26.38
C LYS E 156 35.14 -26.68 25.00
N GLY E 157 35.43 -27.97 24.84
CA GLY E 157 35.32 -28.59 23.54
C GLY E 157 34.09 -29.47 23.47
N SER E 158 33.41 -29.63 24.60
CA SER E 158 32.25 -30.51 24.63
C SER E 158 31.13 -30.03 23.73
N PRO E 159 30.64 -28.78 23.82
CA PRO E 159 29.51 -28.39 22.97
C PRO E 159 29.79 -28.55 21.48
N ALA E 160 30.93 -28.07 20.99
CA ALA E 160 31.20 -28.17 19.56
C ALA E 160 31.32 -29.62 19.11
N ILE E 161 31.95 -30.46 19.92
CA ILE E 161 32.09 -31.87 19.54
C ILE E 161 30.72 -32.54 19.50
N PHE E 162 29.87 -32.29 20.49
CA PHE E 162 28.55 -32.90 20.47
C PHE E 162 27.74 -32.43 19.27
N GLN E 163 27.74 -31.11 19.02
CA GLN E 163 26.95 -30.57 17.92
C GLN E 163 27.43 -31.13 16.58
N SER E 164 28.75 -31.20 16.39
CA SER E 164 29.27 -31.75 15.15
C SER E 164 28.94 -33.23 15.02
N SER E 165 29.10 -34.00 16.10
CA SER E 165 28.79 -35.43 16.04
C SER E 165 27.31 -35.67 15.77
N MET E 166 26.45 -34.89 16.43
CA MET E 166 25.01 -35.04 16.25
C MET E 166 24.60 -34.77 14.82
N THR E 167 25.20 -33.75 14.19
CA THR E 167 24.85 -33.40 12.81
C THR E 167 25.18 -34.54 11.86
N LYS E 168 26.33 -35.20 12.04
CA LYS E 168 26.69 -36.32 11.18
C LYS E 168 25.71 -37.47 11.32
N ILE E 169 25.28 -37.76 12.55
CA ILE E 169 24.34 -38.84 12.78
C ILE E 169 22.98 -38.53 12.15
N LEU E 170 22.50 -37.30 12.31
CA LEU E 170 21.18 -36.94 11.77
C LEU E 170 21.17 -36.92 10.25
N GLU E 171 22.32 -36.60 9.64
CA GLU E 171 22.35 -36.35 8.20
C GLU E 171 21.83 -37.49 7.33
N PRO E 172 22.14 -38.77 7.59
CA PRO E 172 21.55 -39.82 6.75
C PRO E 172 20.03 -39.90 6.84
N PHE E 173 19.45 -39.76 8.03
CA PHE E 173 18.00 -39.80 8.14
C PHE E 173 17.36 -38.65 7.37
N LYS E 174 17.95 -37.45 7.46
CA LYS E 174 17.38 -36.28 6.79
C LYS E 174 17.54 -36.35 5.28
N LYS E 175 18.52 -37.09 4.78
CA LYS E 175 18.67 -37.27 3.33
C LYS E 175 17.59 -38.21 2.79
N GLN E 176 17.22 -39.24 3.54
CA GLN E 176 16.15 -40.13 3.14
C GLN E 176 14.76 -39.51 3.32
N ASN E 177 14.64 -38.48 4.16
CA ASN E 177 13.35 -37.85 4.46
C ASN E 177 13.42 -36.35 4.14
N PRO E 178 13.58 -35.99 2.86
CA PRO E 178 13.76 -34.57 2.51
C PRO E 178 12.63 -33.66 2.97
N ASP E 179 11.42 -34.18 3.17
CA ASP E 179 10.26 -33.35 3.47
C ASP E 179 9.99 -33.26 4.97
N ILE E 180 10.84 -33.83 5.79
CA ILE E 180 10.79 -33.64 7.24
C ILE E 180 11.70 -32.48 7.60
N VAL E 181 11.23 -31.64 8.52
CA VAL E 181 12.01 -30.54 9.06
C VAL E 181 12.56 -30.97 10.40
N ILE E 182 13.89 -30.95 10.54
CA ILE E 182 14.53 -31.27 11.81
C ILE E 182 15.38 -30.07 12.21
N TYR E 183 14.93 -29.36 13.25
CA TYR E 183 15.72 -28.31 13.88
C TYR E 183 16.56 -28.94 14.98
N GLN E 184 17.88 -28.92 14.79
CA GLN E 184 18.81 -29.51 15.74
C GLN E 184 19.51 -28.40 16.49
N TYR E 185 19.23 -28.28 17.79
CA TYR E 185 19.92 -27.33 18.66
C TYR E 185 20.43 -28.10 19.87
N MET E 186 21.75 -28.33 19.89
CA MET E 186 22.40 -29.16 20.92
C MET E 186 21.75 -30.54 20.84
N ASP E 187 21.15 -31.06 21.91
CA ASP E 187 20.45 -32.34 21.87
C ASP E 187 18.94 -32.20 21.67
N ASP E 188 18.40 -30.99 21.64
CA ASP E 188 16.97 -30.80 21.41
C ASP E 188 16.67 -30.87 19.93
N LEU E 189 15.71 -31.71 19.55
CA LEU E 189 15.31 -31.87 18.17
C LEU E 189 13.85 -31.49 18.00
N TYR E 190 13.59 -30.63 17.02
CA TYR E 190 12.24 -30.25 16.63
C TYR E 190 11.99 -30.93 15.29
N VAL E 191 10.97 -31.77 15.22
CA VAL E 191 10.66 -32.53 14.02
C VAL E 191 9.25 -32.17 13.57
N GLY E 192 9.13 -31.72 12.34
CA GLY E 192 7.84 -31.28 11.81
C GLY E 192 7.60 -31.84 10.43
N SER E 193 6.36 -32.28 10.20
CA SER E 193 5.97 -32.82 8.91
C SER E 193 4.53 -32.41 8.60
N ASP E 194 4.20 -32.43 7.32
CA ASP E 194 2.81 -32.33 6.86
C ASP E 194 2.14 -33.71 6.73
N LEU E 195 2.83 -34.77 7.13
CA LEU E 195 2.23 -36.09 7.19
C LEU E 195 1.09 -36.11 8.19
N GLU E 196 0.11 -36.98 7.94
CA GLU E 196 -1.02 -37.12 8.85
C GLU E 196 -0.55 -37.69 10.18
N ILE E 197 -1.31 -37.38 11.23
CA ILE E 197 -0.84 -37.51 12.61
C ILE E 197 -0.39 -38.93 12.90
N GLY E 198 -1.13 -39.93 12.38
CA GLY E 198 -0.71 -41.31 12.58
C GLY E 198 0.59 -41.64 11.87
N GLN E 199 0.70 -41.27 10.59
CA GLN E 199 1.93 -41.55 9.84
C GLN E 199 3.11 -40.79 10.41
N HIS E 200 2.88 -39.58 10.91
CA HIS E 200 3.95 -38.78 11.48
C HIS E 200 4.62 -39.50 12.66
N ARG E 201 3.81 -40.10 13.54
CA ARG E 201 4.38 -40.83 14.68
C ARG E 201 5.21 -42.02 14.22
N THR E 202 4.88 -42.60 13.07
CA THR E 202 5.70 -43.68 12.51
C THR E 202 7.12 -43.19 12.21
N LYS E 203 7.24 -42.04 11.52
CA LYS E 203 8.56 -41.47 11.25
C LYS E 203 9.30 -41.09 12.51
N ILE E 204 8.58 -40.55 13.51
CA ILE E 204 9.22 -40.14 14.75
C ILE E 204 9.87 -41.35 15.42
N GLU E 205 9.11 -42.45 15.57
CA GLU E 205 9.67 -43.66 16.16
C GLU E 205 10.77 -44.23 15.28
N GLU E 206 10.58 -44.16 13.97
CA GLU E 206 11.58 -44.63 13.02
C GLU E 206 12.89 -43.85 13.19
N LEU E 207 12.79 -42.53 13.38
CA LEU E 207 13.97 -41.72 13.71
C LEU E 207 14.57 -42.12 15.06
N ARG E 208 13.73 -42.43 16.05
CA ARG E 208 14.24 -42.83 17.36
C ARG E 208 15.05 -44.10 17.24
N GLN E 209 14.62 -45.06 16.41
CA GLN E 209 15.42 -46.25 16.17
C GLN E 209 16.77 -45.89 15.56
N HIS E 210 16.75 -44.93 14.62
CA HIS E 210 18.01 -44.50 14.00
C HIS E 210 18.95 -43.90 15.03
N LEU E 211 18.43 -43.03 15.91
CA LEU E 211 19.26 -42.46 16.96
C LEU E 211 19.71 -43.53 17.95
N LEU E 212 18.90 -44.55 18.18
CA LEU E 212 19.28 -45.62 19.09
C LEU E 212 20.51 -46.36 18.57
N ARG E 213 20.61 -46.52 17.25
CA ARG E 213 21.71 -47.27 16.65
C ARG E 213 23.07 -46.72 17.05
N TRP E 214 23.20 -45.42 17.27
CA TRP E 214 24.46 -44.81 17.67
C TRP E 214 24.58 -44.67 19.18
N GLY E 215 23.68 -45.28 19.95
CA GLY E 215 23.73 -45.17 21.40
C GLY E 215 23.08 -43.93 21.94
N LEU E 216 22.35 -43.19 21.12
CA LEU E 216 21.65 -42.00 21.54
C LEU E 216 20.23 -42.36 21.95
N THR E 217 19.85 -42.00 23.17
CA THR E 217 18.57 -42.42 23.74
C THR E 217 17.62 -41.23 23.85
N THR E 218 16.41 -41.40 23.32
CA THR E 218 15.34 -40.41 23.44
C THR E 218 14.30 -40.93 24.43
N PRO E 219 14.32 -40.47 25.68
CA PRO E 219 13.32 -40.96 26.64
C PRO E 219 11.92 -40.46 26.33
N ASP E 220 10.93 -41.28 26.68
CA ASP E 220 9.53 -40.88 26.54
C ASP E 220 9.19 -39.68 27.41
N LYS E 221 9.85 -39.53 28.56
CA LYS E 221 9.51 -38.45 29.49
C LYS E 221 9.65 -37.09 28.83
N LYS E 222 10.68 -36.89 28.01
CA LYS E 222 10.89 -35.65 27.29
C LYS E 222 10.24 -35.63 25.91
N HIS E 223 9.62 -36.73 25.49
CA HIS E 223 8.85 -36.74 24.25
C HIS E 223 7.66 -35.81 24.40
N GLN E 224 7.36 -35.05 23.34
CA GLN E 224 6.29 -34.04 23.34
C GLN E 224 5.42 -34.22 22.10
N LYS E 225 4.50 -35.18 22.18
CA LYS E 225 3.54 -35.38 21.10
C LYS E 225 2.50 -34.27 21.03
N GLU E 226 2.10 -33.69 22.17
CA GLU E 226 0.88 -32.88 22.20
C GLU E 226 1.19 -31.42 22.54
N PRO E 227 0.57 -30.46 21.82
CA PRO E 227 0.72 -29.02 22.03
C PRO E 227 0.09 -28.52 23.33
N PRO E 228 0.59 -27.39 23.87
CA PRO E 228 1.61 -26.54 23.26
C PRO E 228 3.03 -27.02 23.57
N PHE E 229 3.85 -27.19 22.52
CA PHE E 229 5.21 -27.66 22.70
C PHE E 229 6.10 -26.58 23.31
N LEU E 230 7.05 -27.01 24.12
CA LEU E 230 8.03 -26.12 24.73
C LEU E 230 9.34 -26.28 23.99
N TRP E 231 9.82 -25.20 23.39
CA TRP E 231 10.96 -25.26 22.49
C TRP E 231 11.71 -23.94 22.54
N MET E 232 13.00 -24.00 22.86
CA MET E 232 13.86 -22.81 22.93
C MET E 232 13.24 -21.69 23.75
N GLY E 233 12.62 -22.05 24.88
CA GLY E 233 11.99 -21.04 25.70
C GLY E 233 10.67 -20.52 25.19
N TYR E 234 10.10 -21.14 24.15
CA TYR E 234 8.83 -20.72 23.57
C TYR E 234 7.78 -21.81 23.72
N GLU E 235 6.53 -21.39 23.62
CA GLU E 235 5.39 -22.30 23.56
C GLU E 235 4.89 -22.31 22.13
N LEU E 236 4.85 -23.48 21.51
CA LEU E 236 4.45 -23.60 20.12
C LEU E 236 3.02 -24.11 20.04
N HIS E 237 2.14 -23.35 19.39
CA HIS E 237 0.76 -23.71 19.15
C HIS E 237 0.60 -23.97 17.66
N PRO E 238 -0.51 -24.58 17.24
CA PRO E 238 -0.65 -24.91 15.81
C PRO E 238 -0.53 -23.71 14.89
N ASP E 239 -1.11 -22.56 15.26
CA ASP E 239 -1.08 -21.38 14.40
C ASP E 239 -0.38 -20.17 15.01
N LYS E 240 0.12 -20.27 16.24
CA LYS E 240 0.74 -19.14 16.91
C LYS E 240 1.85 -19.65 17.83
N TRP E 241 2.65 -18.71 18.32
CA TRP E 241 3.72 -19.02 19.27
C TRP E 241 3.82 -17.85 20.25
N THR E 242 4.43 -18.12 21.40
CA THR E 242 4.64 -17.08 22.39
C THR E 242 5.83 -17.46 23.26
N VAL E 243 6.34 -16.48 23.99
CA VAL E 243 7.40 -16.74 24.95
C VAL E 243 6.82 -17.42 26.19
N GLN E 244 7.60 -18.32 26.78
CA GLN E 244 7.22 -18.89 28.05
C GLN E 244 7.16 -17.79 29.12
N PRO E 245 6.21 -17.86 30.03
CA PRO E 245 5.95 -16.73 30.95
C PRO E 245 7.22 -16.23 31.64
N ILE E 246 7.30 -14.92 31.81
CA ILE E 246 8.45 -14.25 32.40
C ILE E 246 8.09 -13.76 33.79
N VAL E 247 8.90 -14.14 34.78
CA VAL E 247 8.72 -13.72 36.17
C VAL E 247 9.55 -12.46 36.43
N LEU E 248 8.89 -11.40 36.89
CA LEU E 248 9.56 -10.14 37.18
C LEU E 248 9.87 -10.03 38.66
N PRO E 249 11.13 -9.82 39.05
CA PRO E 249 11.47 -9.66 40.46
C PRO E 249 10.60 -8.60 41.15
N GLU E 250 10.26 -8.87 42.41
CA GLU E 250 9.44 -7.98 43.22
C GLU E 250 10.23 -7.19 44.25
N LYS E 251 11.57 -7.29 44.24
CA LYS E 251 12.42 -6.85 45.34
C LYS E 251 12.02 -5.47 45.85
N ASP E 252 12.02 -5.31 47.18
CA ASP E 252 11.73 -4.01 47.78
C ASP E 252 12.94 -3.08 47.76
N SER E 253 14.14 -3.62 47.84
CA SER E 253 15.38 -2.84 47.75
C SER E 253 16.20 -3.43 46.61
N TRP E 254 16.55 -2.59 45.64
CA TRP E 254 17.17 -3.04 44.40
C TRP E 254 18.66 -2.79 44.45
N THR E 255 19.45 -3.84 44.17
CA THR E 255 20.88 -3.70 43.96
C THR E 255 21.15 -3.46 42.48
N VAL E 256 22.42 -3.55 42.08
CA VAL E 256 22.75 -3.50 40.65
C VAL E 256 22.37 -4.82 39.98
N ASN E 257 22.76 -5.94 40.60
CA ASN E 257 22.37 -7.25 40.09
C ASN E 257 20.87 -7.37 39.90
N ASP E 258 20.07 -6.72 40.76
CA ASP E 258 18.63 -6.69 40.57
C ASP E 258 18.26 -6.11 39.22
N ILE E 259 18.80 -4.93 38.90
CA ILE E 259 18.44 -4.25 37.65
C ILE E 259 18.88 -5.06 36.44
N CYS E 260 20.05 -5.71 36.52
CA CYS E 260 20.55 -6.51 35.41
C CYS E 260 19.58 -7.65 35.09
N LYS E 261 19.18 -8.41 36.12
CA LYS E 261 18.19 -9.45 35.95
C LYS E 261 16.93 -8.90 35.27
N LEU E 262 16.37 -7.82 35.82
CA LEU E 262 15.24 -7.13 35.21
C LEU E 262 15.49 -6.78 33.75
N VAL E 263 16.54 -5.99 33.49
CA VAL E 263 16.83 -5.53 32.12
C VAL E 263 16.91 -6.69 31.15
N GLY E 264 17.67 -7.74 31.50
CA GLY E 264 17.87 -8.84 30.57
C GLY E 264 16.58 -9.56 30.21
N LYS E 265 15.64 -9.62 31.15
CA LYS E 265 14.32 -10.16 30.84
C LYS E 265 13.57 -9.25 29.88
N LEU E 266 13.60 -7.93 30.10
CA LEU E 266 12.91 -7.00 29.22
C LEU E 266 13.47 -7.04 27.81
N ASN E 267 14.78 -7.29 27.66
CA ASN E 267 15.35 -7.47 26.33
C ASN E 267 14.85 -8.77 25.71
N TRP E 268 14.78 -9.84 26.50
CA TRP E 268 14.17 -11.08 26.04
C TRP E 268 12.71 -10.86 25.67
N ALA E 269 11.99 -10.04 26.43
CA ALA E 269 10.58 -9.79 26.16
C ALA E 269 10.34 -9.05 24.85
N SER E 270 11.25 -8.16 24.46
CA SER E 270 11.01 -7.25 23.34
C SER E 270 11.00 -7.93 21.98
N GLN E 271 11.28 -9.24 21.90
CA GLN E 271 11.22 -9.93 20.62
C GLN E 271 9.80 -10.17 20.15
N ILE E 272 8.82 -10.07 21.06
CA ILE E 272 7.43 -10.25 20.69
C ILE E 272 6.59 -9.13 21.30
N TYR E 273 6.83 -8.80 22.56
CA TYR E 273 6.15 -7.70 23.25
C TYR E 273 6.51 -6.36 22.62
N PRO E 274 5.58 -5.68 21.93
CA PRO E 274 5.92 -4.41 21.29
C PRO E 274 6.16 -3.29 22.31
N GLY E 275 7.09 -2.41 21.97
CA GLY E 275 7.24 -1.16 22.70
C GLY E 275 7.98 -1.23 24.01
N ILE E 276 8.74 -2.31 24.25
CA ILE E 276 9.57 -2.37 25.45
C ILE E 276 10.70 -1.35 25.32
N LYS E 277 10.95 -0.63 26.41
CA LYS E 277 11.99 0.40 26.46
C LYS E 277 12.85 0.17 27.70
N VAL E 278 14.15 0.04 27.49
CA VAL E 278 15.10 -0.15 28.58
C VAL E 278 16.06 1.03 28.76
N ARG E 279 15.91 2.09 27.96
CA ARG E 279 16.86 3.21 27.96
C ARG E 279 17.12 3.77 29.36
N GLN E 280 16.05 4.20 30.05
CA GLN E 280 16.23 4.90 31.32
C GLN E 280 16.61 3.94 32.44
N LEU E 281 16.18 2.68 32.37
CA LEU E 281 16.62 1.69 33.36
C LEU E 281 18.11 1.42 33.28
N SER E 282 18.70 1.49 32.07
CA SER E 282 20.12 1.24 31.92
C SER E 282 20.97 2.42 32.39
N LYS E 283 20.45 3.64 32.30
CA LYS E 283 21.13 4.81 32.86
C LYS E 283 21.50 4.63 34.34
N LEU E 284 20.75 3.80 35.07
CA LEU E 284 21.05 3.59 36.47
C LEU E 284 22.31 2.75 36.66
N LEU E 285 22.74 2.02 35.63
CA LEU E 285 23.86 1.10 35.72
C LEU E 285 25.17 1.67 35.19
N ARG E 286 25.17 2.88 34.65
CA ARG E 286 26.36 3.39 33.97
C ARG E 286 27.36 3.94 34.98
N GLY E 287 28.59 3.42 34.92
CA GLY E 287 29.64 3.89 35.79
C GLY E 287 29.44 3.58 37.26
N THR E 288 28.95 2.39 37.57
CA THR E 288 28.75 1.95 38.94
C THR E 288 29.77 0.87 39.26
N LYS E 289 30.21 0.84 40.52
CA LYS E 289 31.30 -0.04 40.94
C LYS E 289 30.80 -1.43 41.30
N ALA E 290 30.01 -1.53 42.37
CA ALA E 290 29.66 -2.81 42.95
C ALA E 290 28.35 -3.34 42.38
N LEU E 291 28.38 -4.61 41.95
CA LEU E 291 27.16 -5.30 41.58
C LEU E 291 26.21 -5.45 42.77
N THR E 292 26.74 -5.48 43.98
CA THR E 292 25.92 -5.66 45.18
C THR E 292 25.32 -4.34 45.68
N GLU E 293 25.95 -3.20 45.38
CA GLU E 293 25.53 -1.91 45.91
C GLU E 293 24.04 -1.66 45.68
N VAL E 294 23.39 -1.06 46.70
CA VAL E 294 21.97 -0.71 46.64
C VAL E 294 21.82 0.65 46.00
N ILE E 295 20.78 0.82 45.18
CA ILE E 295 20.55 2.06 44.45
C ILE E 295 19.07 2.40 44.47
N PRO E 296 18.70 3.66 44.71
CA PRO E 296 17.28 4.06 44.67
C PRO E 296 16.79 4.31 43.26
N LEU E 297 15.50 4.08 43.06
CA LEU E 297 14.90 4.20 41.74
C LEU E 297 14.57 5.65 41.41
N THR E 298 15.11 6.13 40.29
CA THR E 298 14.80 7.46 39.79
C THR E 298 13.35 7.53 39.28
N GLU E 299 12.86 8.76 39.11
CA GLU E 299 11.56 9.00 38.51
C GLU E 299 11.53 8.70 37.01
N GLU E 300 12.68 8.51 36.37
CA GLU E 300 12.70 8.16 34.95
C GLU E 300 12.50 6.65 34.75
N ALA E 301 13.33 5.85 35.40
CA ALA E 301 13.14 4.39 35.39
C ALA E 301 11.80 3.98 35.96
N GLU E 302 11.16 4.84 36.75
CA GLU E 302 9.87 4.48 37.36
C GLU E 302 8.76 4.43 36.31
N LEU E 303 8.65 5.49 35.51
CA LEU E 303 7.69 5.48 34.40
C LEU E 303 7.97 4.31 33.45
N GLU E 304 9.22 4.16 33.04
CA GLU E 304 9.65 3.02 32.23
C GLU E 304 9.18 1.69 32.82
N LEU E 305 9.64 1.38 34.04
CA LEU E 305 9.22 0.17 34.74
C LEU E 305 7.71 0.04 34.82
N ALA E 306 6.99 1.16 34.94
CA ALA E 306 5.54 1.11 35.05
C ALA E 306 4.89 0.64 33.75
N GLU E 307 5.16 1.35 32.65
CA GLU E 307 4.54 1.00 31.38
C GLU E 307 5.07 -0.31 30.81
N ASN E 308 6.33 -0.67 31.09
CA ASN E 308 6.83 -1.98 30.66
C ASN E 308 6.08 -3.11 31.37
N ARG E 309 5.88 -2.99 32.68
CA ARG E 309 5.10 -3.98 33.42
C ARG E 309 3.68 -4.06 32.88
N GLU E 310 3.11 -2.92 32.51
CA GLU E 310 1.76 -2.89 31.98
C GLU E 310 1.65 -3.60 30.63
N ILE E 311 2.71 -3.54 29.81
CA ILE E 311 2.72 -4.31 28.57
C ILE E 311 2.71 -5.81 28.86
N LEU E 312 3.45 -6.25 29.88
CA LEU E 312 3.53 -7.67 30.20
C LEU E 312 2.21 -8.23 30.70
N LYS E 313 1.35 -7.38 31.26
CA LYS E 313 0.06 -7.85 31.76
C LYS E 313 -0.72 -8.63 30.69
N GLU E 314 -0.91 -8.04 29.52
CA GLU E 314 -1.70 -8.67 28.47
C GLU E 314 -0.85 -9.65 27.67
N PRO E 315 -1.32 -10.87 27.41
CA PRO E 315 -0.57 -11.80 26.57
C PRO E 315 -0.56 -11.40 25.09
N VAL E 316 0.60 -11.57 24.46
CA VAL E 316 0.78 -11.34 23.03
C VAL E 316 1.38 -12.61 22.42
N HIS E 317 1.27 -12.72 21.09
CA HIS E 317 1.72 -13.90 20.37
C HIS E 317 2.21 -13.51 18.98
N GLY E 318 3.14 -14.31 18.45
CA GLY E 318 3.60 -14.19 17.08
C GLY E 318 3.08 -15.33 16.20
N VAL E 319 3.22 -15.14 14.88
CA VAL E 319 2.77 -16.15 13.92
C VAL E 319 3.98 -16.80 13.28
N TYR E 320 3.75 -17.67 12.29
CA TYR E 320 4.78 -18.41 11.60
C TYR E 320 4.99 -17.83 10.19
N TYR E 321 5.95 -18.41 9.48
CA TYR E 321 6.47 -17.83 8.24
C TYR E 321 5.82 -18.49 7.04
N ASP E 322 5.37 -17.68 6.09
CA ASP E 322 4.76 -18.13 4.84
C ASP E 322 5.66 -17.75 3.69
N PRO E 323 6.52 -18.66 3.19
CA PRO E 323 7.45 -18.32 2.11
C PRO E 323 6.81 -17.68 0.89
N SER E 324 5.51 -17.90 0.70
CA SER E 324 4.85 -17.34 -0.48
C SER E 324 4.68 -15.82 -0.38
N LYS E 325 4.33 -15.31 0.80
CA LYS E 325 4.07 -13.89 0.96
C LYS E 325 5.33 -13.10 1.28
N ASP E 326 5.30 -11.82 0.93
CA ASP E 326 6.41 -10.91 1.20
C ASP E 326 6.64 -10.73 2.70
N LEU E 327 7.87 -10.28 3.02
CA LEU E 327 8.22 -9.83 4.36
C LEU E 327 8.16 -8.32 4.43
N ILE E 328 7.58 -7.80 5.52
CA ILE E 328 7.38 -6.35 5.69
C ILE E 328 7.93 -5.96 7.06
N ALA E 329 8.78 -4.93 7.07
CA ALA E 329 9.33 -4.36 8.29
C ALA E 329 8.85 -2.93 8.41
N GLU E 330 8.23 -2.60 9.53
CA GLU E 330 7.75 -1.24 9.80
C GLU E 330 8.47 -0.69 11.03
N ILE E 331 8.96 0.54 10.92
CA ILE E 331 9.78 1.14 11.96
C ILE E 331 9.12 2.41 12.48
N GLN E 332 9.12 2.57 13.80
CA GLN E 332 8.61 3.77 14.45
C GLN E 332 9.73 4.38 15.28
N LYS E 333 9.74 5.70 15.34
CA LYS E 333 10.73 6.43 16.12
C LYS E 333 10.10 6.73 17.49
N GLN E 334 10.72 6.22 18.54
CA GLN E 334 10.20 6.41 19.89
C GLN E 334 10.75 7.66 20.58
N GLY E 335 11.73 8.32 19.98
CA GLY E 335 12.35 9.48 20.59
C GLY E 335 13.48 9.05 21.49
N GLN E 336 14.33 10.02 21.85
CA GLN E 336 15.49 9.74 22.69
C GLN E 336 16.38 8.69 22.03
N GLY E 337 16.50 8.76 20.71
CA GLY E 337 17.28 7.79 19.95
C GLY E 337 16.81 6.37 20.13
N GLN E 338 15.49 6.16 20.22
CA GLN E 338 14.92 4.84 20.40
C GLN E 338 13.99 4.52 19.23
N TRP E 339 14.16 3.33 18.67
CA TRP E 339 13.37 2.87 17.54
C TRP E 339 12.80 1.49 17.86
N THR E 340 11.59 1.24 17.38
CA THR E 340 10.94 -0.05 17.50
C THR E 340 10.50 -0.49 16.11
N TYR E 341 10.48 -1.79 15.90
CA TYR E 341 10.06 -2.30 14.60
C TYR E 341 9.21 -3.55 14.76
N GLN E 342 8.39 -3.79 13.74
CA GLN E 342 7.59 -4.99 13.64
C GLN E 342 7.88 -5.62 12.28
N ILE E 343 8.05 -6.94 12.26
CA ILE E 343 8.19 -7.69 11.02
C ILE E 343 6.96 -8.57 10.88
N TYR E 344 6.27 -8.45 9.74
CA TYR E 344 5.01 -9.16 9.51
C TYR E 344 4.83 -9.46 8.04
N GLN E 345 3.78 -10.22 7.73
CA GLN E 345 3.37 -10.49 6.35
C GLN E 345 1.93 -10.07 6.09
N GLU E 346 0.98 -10.55 6.88
CA GLU E 346 -0.34 -9.93 6.88
C GLU E 346 -0.41 -8.88 7.98
N PRO E 347 -0.96 -7.70 7.69
CA PRO E 347 -1.06 -6.64 8.70
C PRO E 347 -1.67 -7.11 10.02
N PHE E 348 -1.07 -6.65 11.12
CA PHE E 348 -1.49 -6.89 12.50
C PHE E 348 -1.21 -8.30 12.98
N LYS E 349 -0.65 -9.18 12.14
CA LYS E 349 -0.19 -10.50 12.56
C LYS E 349 1.34 -10.49 12.50
N ASN E 350 1.97 -10.23 13.64
CA ASN E 350 3.41 -10.02 13.67
C ASN E 350 4.16 -11.35 13.69
N LEU E 351 5.23 -11.41 12.89
CA LEU E 351 6.21 -12.49 13.02
C LEU E 351 7.09 -12.30 14.26
N LYS E 352 7.66 -11.11 14.41
CA LYS E 352 8.41 -10.77 15.61
C LYS E 352 8.49 -9.24 15.68
N THR E 353 8.91 -8.75 16.83
CA THR E 353 9.14 -7.33 17.03
C THR E 353 10.58 -7.13 17.52
N GLY E 354 10.92 -5.88 17.80
CA GLY E 354 12.25 -5.57 18.29
C GLY E 354 12.43 -4.08 18.46
N LYS E 355 13.59 -3.71 18.99
CA LYS E 355 13.94 -2.33 19.23
C LYS E 355 15.39 -2.09 18.82
N TYR E 356 15.70 -0.88 18.38
CA TYR E 356 17.06 -0.44 18.12
C TYR E 356 17.30 0.84 18.89
N ALA E 357 18.13 0.78 19.92
CA ALA E 357 18.42 1.94 20.76
C ALA E 357 19.85 2.42 20.69
N ARG E 358 20.73 1.73 19.95
CA ARG E 358 22.16 2.01 20.02
C ARG E 358 22.49 3.42 19.53
N MET E 359 23.18 4.20 20.37
CA MET E 359 23.70 5.50 19.99
C MET E 359 25.11 5.32 19.43
N ARG E 360 25.28 5.64 18.15
CA ARG E 360 26.53 5.44 17.44
C ARG E 360 27.03 6.79 16.93
N GLY E 361 28.19 7.22 17.41
CA GLY E 361 28.77 8.49 17.01
C GLY E 361 28.62 9.56 18.10
N ALA E 362 29.53 10.53 18.06
CA ALA E 362 29.37 11.66 18.98
C ALA E 362 28.29 12.62 18.49
N HIS E 363 28.16 12.78 17.17
CA HIS E 363 27.13 13.60 16.55
C HIS E 363 26.43 12.79 15.48
N THR E 364 25.10 12.82 15.47
CA THR E 364 24.35 12.03 14.52
C THR E 364 23.01 12.71 14.28
N ASN E 365 22.20 12.11 13.42
CA ASN E 365 20.85 12.59 13.21
C ASN E 365 19.91 11.40 13.06
N ASP E 366 18.61 11.68 12.95
CA ASP E 366 17.62 10.63 12.87
C ASP E 366 17.73 9.86 11.55
N VAL E 367 18.15 10.53 10.46
CA VAL E 367 18.29 9.84 9.18
C VAL E 367 19.40 8.79 9.25
N LYS E 368 20.52 9.12 9.88
CA LYS E 368 21.57 8.14 10.06
C LYS E 368 21.09 6.97 10.92
N GLN E 369 20.41 7.28 12.03
CA GLN E 369 20.01 6.21 12.94
C GLN E 369 18.97 5.31 12.28
N LEU E 370 18.06 5.91 11.49
CA LEU E 370 17.10 5.10 10.76
C LEU E 370 17.82 4.17 9.78
N THR E 371 18.86 4.67 9.10
CA THR E 371 19.65 3.83 8.19
C THR E 371 20.29 2.67 8.94
N GLU E 372 20.77 2.93 10.16
CA GLU E 372 21.34 1.87 10.96
C GLU E 372 20.28 0.83 11.34
N ALA E 373 19.09 1.28 11.74
CA ALA E 373 18.05 0.32 12.10
C ALA E 373 17.66 -0.54 10.91
N VAL E 374 17.59 0.07 9.71
CA VAL E 374 17.31 -0.68 8.49
C VAL E 374 18.37 -1.76 8.28
N GLN E 375 19.63 -1.42 8.52
CA GLN E 375 20.69 -2.40 8.37
C GLN E 375 20.60 -3.50 9.41
N LYS E 376 20.34 -3.14 10.68
CA LYS E 376 20.23 -4.18 11.70
C LYS E 376 19.07 -5.12 11.41
N ILE E 377 17.93 -4.58 11.01
CA ILE E 377 16.78 -5.41 10.69
C ILE E 377 17.07 -6.28 9.47
N THR E 378 17.74 -5.72 8.47
CA THR E 378 18.02 -6.49 7.26
C THR E 378 18.86 -7.73 7.58
N THR E 379 19.94 -7.54 8.34
CA THR E 379 20.80 -8.66 8.67
C THR E 379 20.07 -9.67 9.55
N GLU E 380 19.28 -9.18 10.49
CA GLU E 380 18.48 -10.08 11.32
C GLU E 380 17.52 -10.89 10.45
N SER E 381 16.91 -10.24 9.45
CA SER E 381 15.98 -10.92 8.56
C SER E 381 16.69 -11.97 7.70
N ILE E 382 17.90 -11.68 7.23
CA ILE E 382 18.63 -12.65 6.41
C ILE E 382 18.99 -13.89 7.24
N VAL E 383 19.33 -13.71 8.52
CA VAL E 383 19.60 -14.86 9.37
C VAL E 383 18.37 -15.73 9.51
N ILE E 384 17.23 -15.12 9.89
CA ILE E 384 16.03 -15.89 10.22
C ILE E 384 15.34 -16.44 8.96
N TRP E 385 15.18 -15.63 7.93
CA TRP E 385 14.39 -16.02 6.76
C TRP E 385 15.18 -16.09 5.46
N GLY E 386 16.42 -15.63 5.43
CA GLY E 386 17.21 -15.70 4.21
C GLY E 386 16.82 -14.73 3.13
N LYS E 387 16.07 -13.68 3.48
CA LYS E 387 15.71 -12.65 2.52
C LYS E 387 15.55 -11.34 3.28
N THR E 388 15.51 -10.24 2.51
CA THR E 388 15.38 -8.86 3.00
C THR E 388 13.93 -8.41 2.97
N PRO E 389 13.39 -7.89 4.06
CA PRO E 389 11.99 -7.42 4.02
C PRO E 389 11.82 -6.14 3.23
N LYS E 390 10.60 -5.95 2.74
CA LYS E 390 10.20 -4.62 2.29
C LYS E 390 10.01 -3.75 3.53
N PHE E 391 10.43 -2.50 3.43
CA PHE E 391 10.43 -1.60 4.57
C PHE E 391 9.32 -0.56 4.46
N LYS E 392 8.67 -0.29 5.58
CA LYS E 392 7.77 0.87 5.72
C LYS E 392 8.40 1.83 6.73
N LEU E 393 8.77 3.03 6.27
CA LEU E 393 9.60 3.91 7.07
C LEU E 393 8.93 5.27 7.27
N PRO E 394 8.98 5.81 8.47
CA PRO E 394 8.37 7.11 8.76
C PRO E 394 9.21 8.29 8.29
N ILE E 395 9.65 8.24 7.03
CA ILE E 395 10.48 9.29 6.46
C ILE E 395 9.95 9.56 5.06
N GLN E 396 9.71 10.84 4.76
CA GLN E 396 9.24 11.21 3.44
C GLN E 396 10.24 10.81 2.37
N LYS E 397 9.75 10.41 1.19
CA LYS E 397 10.65 10.06 0.09
C LYS E 397 11.52 11.26 -0.33
N GLU E 398 11.00 12.48 -0.19
CA GLU E 398 11.77 13.65 -0.62
C GLU E 398 12.88 13.96 0.39
N THR E 399 12.61 13.74 1.68
CA THR E 399 13.64 13.88 2.70
C THR E 399 14.82 12.97 2.39
N TRP E 400 14.55 11.68 2.17
CA TRP E 400 15.62 10.74 1.90
C TRP E 400 16.39 11.14 0.63
N GLU E 401 15.67 11.53 -0.43
CA GLU E 401 16.32 11.94 -1.66
C GLU E 401 17.28 13.09 -1.42
N THR E 402 16.88 14.06 -0.61
CA THR E 402 17.77 15.17 -0.30
C THR E 402 18.98 14.67 0.47
N TRP E 403 18.76 13.81 1.46
CA TRP E 403 19.87 13.33 2.27
C TRP E 403 20.92 12.64 1.41
N TRP E 404 20.54 11.55 0.74
CA TRP E 404 21.56 10.69 0.12
C TRP E 404 22.25 11.35 -1.07
N THR E 405 21.51 12.13 -1.86
CA THR E 405 22.15 12.82 -2.99
C THR E 405 23.18 13.83 -2.49
N GLU E 406 22.91 14.48 -1.36
CA GLU E 406 23.82 15.52 -0.88
C GLU E 406 24.96 14.98 -0.03
N TYR E 407 24.73 13.88 0.71
CA TYR E 407 25.74 13.31 1.60
C TYR E 407 27.00 12.93 0.82
N TRP E 408 28.16 13.05 1.47
CA TRP E 408 29.42 12.71 0.83
C TRP E 408 29.78 11.25 0.97
N GLN E 409 29.10 10.51 1.83
CA GLN E 409 29.31 9.08 1.96
C GLN E 409 28.26 8.33 1.15
N ALA E 410 28.65 7.17 0.64
CA ALA E 410 27.69 6.28 0.00
C ALA E 410 26.66 5.80 1.00
N THR E 411 25.39 5.95 0.67
CA THR E 411 24.37 5.41 1.54
C THR E 411 23.19 4.94 0.72
N TRP E 412 22.51 3.90 1.22
CA TRP E 412 21.42 3.30 0.47
C TRP E 412 20.51 2.58 1.45
N ILE E 413 19.22 2.60 1.12
CA ILE E 413 18.19 1.85 1.84
C ILE E 413 17.50 0.94 0.82
N PRO E 414 17.23 -0.32 1.15
CA PRO E 414 16.53 -1.19 0.20
C PRO E 414 15.08 -0.79 0.00
N GLU E 415 14.36 -1.51 -0.86
CA GLU E 415 13.01 -1.13 -1.27
C GLU E 415 12.13 -0.79 -0.08
N TRP E 416 11.52 0.39 -0.13
CA TRP E 416 10.77 0.89 1.01
C TRP E 416 9.71 1.87 0.55
N GLU E 417 8.73 2.07 1.41
CA GLU E 417 7.66 3.02 1.17
C GLU E 417 7.49 3.90 2.38
N PHE E 418 6.91 5.07 2.15
CA PHE E 418 6.64 6.01 3.22
C PHE E 418 5.40 5.55 3.98
N VAL E 419 5.50 5.51 5.30
CA VAL E 419 4.36 5.32 6.19
C VAL E 419 4.22 6.55 7.06
N ASN E 420 3.00 7.04 7.20
CA ASN E 420 2.74 8.29 7.90
C ASN E 420 2.64 8.13 9.42
N THR E 421 3.55 7.38 10.05
CA THR E 421 3.55 7.26 11.50
C THR E 421 4.37 8.38 12.12
N PRO E 422 3.75 9.39 12.76
CA PRO E 422 4.53 10.43 13.46
C PRO E 422 5.12 9.92 14.76
N PRO E 423 6.22 10.54 15.23
CA PRO E 423 6.94 11.67 14.62
C PRO E 423 7.75 11.28 13.38
N LEU E 424 7.58 12.01 12.29
CA LEU E 424 8.32 11.71 11.08
C LEU E 424 9.78 12.08 11.23
N VAL E 425 10.61 11.41 10.46
CA VAL E 425 12.05 11.62 10.46
C VAL E 425 12.35 12.72 9.45
N LYS E 426 13.05 13.75 9.90
CA LYS E 426 13.34 14.86 9.00
C LYS E 426 14.70 15.45 9.33
N LEU E 427 15.23 16.22 8.39
CA LEU E 427 16.40 17.04 8.58
C LEU E 427 15.96 18.38 9.16
N TRP E 428 16.55 18.74 10.30
CA TRP E 428 16.09 19.93 11.03
C TRP E 428 16.57 21.25 10.43
N TYR E 429 17.69 21.27 9.71
CA TYR E 429 18.15 22.50 9.08
C TYR E 429 18.90 22.14 7.81
N GLN E 430 19.04 23.12 6.90
CA GLN E 430 19.74 22.95 5.63
C GLN E 430 20.77 24.06 5.45
N LEU E 431 22.01 23.68 5.20
CA LEU E 431 23.04 24.67 4.86
C LEU E 431 22.91 25.14 3.41
N GLU E 432 23.11 26.45 3.21
CA GLU E 432 23.02 27.04 1.89
C GLU E 432 24.15 26.58 0.96
N LYS E 433 23.84 26.43 -0.31
CA LYS E 433 24.89 26.15 -1.29
C LYS E 433 25.67 27.39 -1.67
N GLU E 434 25.04 28.56 -1.64
CA GLU E 434 25.64 29.81 -2.06
C GLU E 434 25.54 30.86 -0.97
N PRO E 435 26.47 31.83 -0.98
CA PRO E 435 26.40 32.90 0.03
C PRO E 435 25.12 33.68 -0.10
N ILE E 436 24.63 34.16 1.04
CA ILE E 436 23.36 34.87 1.10
C ILE E 436 23.62 36.35 0.87
N VAL E 437 22.97 36.89 -0.17
CA VAL E 437 23.16 38.29 -0.50
C VAL E 437 22.46 39.16 0.54
N GLY E 438 23.16 40.18 1.02
CA GLY E 438 22.63 41.09 2.03
C GLY E 438 22.64 40.59 3.46
N ALA E 439 23.16 39.40 3.73
CA ALA E 439 23.32 38.93 5.10
C ALA E 439 24.74 39.23 5.58
N GLU E 440 24.85 39.60 6.85
CA GLU E 440 26.13 39.97 7.43
C GLU E 440 27.10 38.79 7.41
N THR E 441 28.38 39.07 7.14
CA THR E 441 29.39 38.02 7.06
C THR E 441 30.21 38.01 8.34
N PHE E 442 30.18 36.90 9.06
CA PHE E 442 30.95 36.71 10.29
C PHE E 442 32.19 35.86 10.00
N TYR E 443 33.38 36.46 10.16
CA TYR E 443 34.63 35.69 10.19
C TYR E 443 34.95 35.24 11.60
N VAL E 444 35.01 33.93 11.82
CA VAL E 444 35.13 33.38 13.15
C VAL E 444 36.43 32.61 13.28
N ASP E 445 37.00 32.64 14.49
CA ASP E 445 38.15 31.80 14.82
C ASP E 445 38.26 31.67 16.33
N GLY E 446 39.05 30.70 16.75
CA GLY E 446 39.35 30.49 18.16
C GLY E 446 40.70 29.85 18.33
N ALA E 447 41.33 30.12 19.46
CA ALA E 447 42.61 29.52 19.80
C ALA E 447 42.64 29.22 21.28
N ALA E 448 43.56 28.34 21.65
CA ALA E 448 43.71 27.93 23.05
C ALA E 448 45.15 27.52 23.25
N ASN E 449 45.61 27.64 24.48
CA ASN E 449 46.97 27.33 24.87
C ASN E 449 47.00 25.90 25.38
N ARG E 450 47.82 25.05 24.74
CA ARG E 450 47.87 23.65 25.13
C ARG E 450 48.23 23.46 26.60
N GLU E 451 49.08 24.33 27.15
CA GLU E 451 49.51 24.15 28.54
C GLU E 451 48.49 24.71 29.52
N THR E 452 48.10 25.98 29.36
CA THR E 452 47.18 26.61 30.30
C THR E 452 45.74 26.14 30.12
N LYS E 453 45.39 25.62 28.94
CA LYS E 453 44.01 25.28 28.58
C LYS E 453 43.11 26.50 28.55
N LEU E 454 43.69 27.68 28.33
CA LEU E 454 42.92 28.91 28.24
C LEU E 454 42.84 29.33 26.78
N GLY E 455 41.74 29.98 26.44
CA GLY E 455 41.56 30.32 25.04
C GLY E 455 40.55 31.44 24.86
N LYS E 456 40.46 31.88 23.61
CA LYS E 456 39.55 32.92 23.20
C LYS E 456 38.78 32.45 21.97
N ALA E 457 37.53 32.87 21.88
CA ALA E 457 36.69 32.65 20.71
C ALA E 457 36.09 33.98 20.31
N GLY E 458 36.07 34.26 19.00
CA GLY E 458 35.62 35.57 18.58
C GLY E 458 35.26 35.65 17.12
N TYR E 459 34.73 36.80 16.72
CA TYR E 459 34.40 37.05 15.33
C TYR E 459 34.65 38.50 14.96
N VAL E 460 34.73 38.73 13.65
CA VAL E 460 34.71 40.05 13.04
C VAL E 460 33.74 39.99 11.86
N THR E 461 33.05 41.09 11.60
CA THR E 461 32.05 41.11 10.54
C THR E 461 32.31 42.29 9.64
N ASN E 462 31.77 42.20 8.43
CA ASN E 462 31.98 43.23 7.42
C ASN E 462 31.36 44.57 7.83
N LYS E 463 30.28 44.54 8.63
CA LYS E 463 29.62 45.73 9.13
C LYS E 463 30.37 46.42 10.28
N GLY E 464 31.48 45.84 10.75
CA GLY E 464 32.26 46.40 11.84
C GLY E 464 32.00 45.82 13.21
N ARG E 465 31.04 44.90 13.34
CA ARG E 465 30.81 44.20 14.58
C ARG E 465 32.01 43.30 14.89
N GLN E 466 32.38 43.23 16.17
CA GLN E 466 33.51 42.43 16.64
C GLN E 466 33.18 41.90 18.01
N LYS E 467 33.73 40.74 18.35
CA LYS E 467 33.65 40.20 19.70
C LYS E 467 34.84 39.27 19.93
N VAL E 468 35.35 39.26 21.16
CA VAL E 468 36.30 38.25 21.62
C VAL E 468 35.89 37.85 23.02
N VAL E 469 35.92 36.56 23.30
CA VAL E 469 35.44 36.04 24.57
C VAL E 469 36.50 35.14 25.20
N PRO E 470 36.83 35.32 26.47
CA PRO E 470 37.82 34.44 27.12
C PRO E 470 37.16 33.15 27.58
N LEU E 471 37.93 32.09 27.53
CA LEU E 471 37.45 30.76 27.87
C LEU E 471 38.47 30.04 28.74
N THR E 472 37.97 29.17 29.60
CA THR E 472 38.80 28.48 30.59
C THR E 472 38.57 26.99 30.43
N ASN E 473 39.65 26.22 30.53
CA ASN E 473 39.56 24.76 30.49
C ASN E 473 38.99 24.31 29.14
N THR E 474 39.66 24.73 28.08
CA THR E 474 39.15 24.48 26.74
C THR E 474 40.25 23.92 25.84
N THR E 475 39.93 23.75 24.55
CA THR E 475 40.85 23.25 23.53
C THR E 475 40.69 24.07 22.26
N ASN E 476 41.63 23.93 21.32
CA ASN E 476 41.48 24.61 20.03
C ASN E 476 40.16 24.22 19.35
N GLN E 477 39.89 22.91 19.27
CA GLN E 477 38.64 22.46 18.67
C GLN E 477 37.43 23.11 19.35
N LYS E 478 37.42 23.10 20.69
CA LYS E 478 36.29 23.67 21.41
C LYS E 478 36.14 25.17 21.15
N THR E 479 37.26 25.89 20.97
CA THR E 479 37.13 27.32 20.71
C THR E 479 36.66 27.59 19.28
N GLU E 480 37.01 26.72 18.33
CA GLU E 480 36.53 26.87 16.96
C GLU E 480 35.02 26.67 16.87
N LEU E 481 34.49 25.68 17.60
CA LEU E 481 33.04 25.54 17.73
C LEU E 481 32.43 26.74 18.44
N GLN E 482 33.07 27.17 19.54
CA GLN E 482 32.55 28.29 20.32
C GLN E 482 32.42 29.54 19.46
N ALA E 483 33.46 29.86 18.70
CA ALA E 483 33.41 31.01 17.78
C ALA E 483 32.20 30.94 16.86
N ILE E 484 31.92 29.76 16.31
CA ILE E 484 30.78 29.66 15.41
C ILE E 484 29.48 29.90 16.18
N TYR E 485 29.37 29.33 17.37
CA TYR E 485 28.21 29.59 18.22
C TYR E 485 28.01 31.09 18.45
N LEU E 486 29.10 31.83 18.69
CA LEU E 486 28.95 33.27 18.93
C LEU E 486 28.35 33.96 17.71
N ALA E 487 28.84 33.61 16.51
CA ALA E 487 28.30 34.18 15.29
C ALA E 487 26.81 33.86 15.13
N LEU E 488 26.41 32.65 15.52
CA LEU E 488 25.00 32.29 15.38
C LEU E 488 24.14 33.10 16.37
N GLN E 489 24.59 33.20 17.62
CA GLN E 489 23.87 33.98 18.62
C GLN E 489 23.69 35.43 18.20
N ASP E 490 24.74 36.07 17.71
CA ASP E 490 24.77 37.51 17.50
C ASP E 490 24.33 37.95 16.12
N SER E 491 23.73 37.07 15.33
CA SER E 491 23.36 37.40 13.97
C SER E 491 21.85 37.34 13.79
N GLY E 492 21.37 37.96 12.72
CA GLY E 492 19.98 37.88 12.34
C GLY E 492 19.61 36.51 11.81
N LEU E 493 18.40 36.43 11.26
CA LEU E 493 17.88 35.15 10.76
C LEU E 493 18.64 34.62 9.55
N GLU E 494 19.45 35.44 8.89
CA GLU E 494 20.29 35.01 7.78
C GLU E 494 21.73 35.45 8.05
N VAL E 495 22.69 34.54 7.85
CA VAL E 495 24.07 34.85 8.20
C VAL E 495 25.02 34.06 7.31
N ASN E 496 26.10 34.72 6.87
CA ASN E 496 27.24 34.07 6.25
C ASN E 496 28.33 33.93 7.31
N ILE E 497 28.87 32.72 7.47
CA ILE E 497 29.93 32.46 8.44
C ILE E 497 31.13 31.87 7.72
N VAL E 498 32.31 32.46 7.94
CA VAL E 498 33.56 31.99 7.39
C VAL E 498 34.44 31.50 8.55
N THR E 499 34.76 30.21 8.54
CA THR E 499 35.63 29.57 9.51
C THR E 499 36.83 28.98 8.80
N ASN E 500 37.90 28.75 9.55
CA ASN E 500 39.03 27.96 9.05
C ASN E 500 39.13 26.58 9.70
N SER E 501 38.13 26.19 10.51
CA SER E 501 38.15 24.90 11.21
C SER E 501 37.53 23.79 10.36
N GLN E 502 38.36 22.88 9.87
CA GLN E 502 37.81 21.72 9.18
C GLN E 502 37.02 20.86 10.15
N TYR E 503 37.51 20.73 11.39
CA TYR E 503 36.80 20.00 12.43
C TYR E 503 35.36 20.50 12.57
N ALA E 504 35.19 21.79 12.82
CA ALA E 504 33.85 22.32 13.08
C ALA E 504 32.96 22.19 11.85
N LEU E 505 33.48 22.57 10.67
CA LEU E 505 32.69 22.49 9.45
C LEU E 505 32.25 21.05 9.17
N GLY E 506 33.11 20.08 9.47
CA GLY E 506 32.73 18.70 9.22
C GLY E 506 31.57 18.24 10.07
N ILE E 507 31.57 18.59 11.36
CA ILE E 507 30.46 18.23 12.24
C ILE E 507 29.16 18.83 11.72
N ILE E 508 29.18 20.11 11.38
CA ILE E 508 27.96 20.83 11.06
C ILE E 508 27.43 20.47 9.67
N GLN E 509 28.32 20.14 8.72
CA GLN E 509 27.83 19.83 7.37
C GLN E 509 27.03 18.54 7.33
N ALA E 510 27.26 17.62 8.27
CA ALA E 510 26.50 16.37 8.33
C ALA E 510 25.14 16.52 9.00
N GLN E 511 24.70 17.75 9.26
CA GLN E 511 23.37 18.05 9.75
C GLN E 511 22.97 17.28 11.01
N PRO E 512 23.80 17.25 12.05
CA PRO E 512 23.44 16.52 13.25
C PRO E 512 22.25 17.19 13.92
N ASP E 513 21.37 16.36 14.50
CA ASP E 513 20.30 16.89 15.33
C ASP E 513 20.46 16.56 16.82
N LYS E 514 21.41 15.70 17.19
CA LYS E 514 21.71 15.36 18.57
C LYS E 514 23.22 15.15 18.71
N SER E 515 23.75 15.49 19.88
CA SER E 515 25.19 15.35 20.11
C SER E 515 25.47 15.02 21.57
N GLU E 516 26.57 14.30 21.78
CA GLU E 516 27.11 14.14 23.13
C GLU E 516 27.59 15.46 23.70
N SER E 517 28.14 16.33 22.86
CA SER E 517 28.64 17.64 23.27
C SER E 517 27.50 18.62 23.51
N GLU E 518 27.49 19.24 24.70
CA GLU E 518 26.45 20.25 24.97
C GLU E 518 26.61 21.46 24.07
N LEU E 519 27.86 21.84 23.78
CA LEU E 519 28.10 22.98 22.91
C LEU E 519 27.54 22.75 21.51
N VAL E 520 27.72 21.53 20.96
CA VAL E 520 27.17 21.21 19.64
C VAL E 520 25.65 21.24 19.68
N ASN E 521 25.05 20.71 20.74
CA ASN E 521 23.60 20.80 20.90
C ASN E 521 23.12 22.26 20.87
N GLN E 522 23.88 23.17 21.49
CA GLN E 522 23.49 24.57 21.46
C GLN E 522 23.62 25.15 20.06
N ILE E 523 24.67 24.76 19.33
CA ILE E 523 24.82 25.19 17.94
C ILE E 523 23.65 24.70 17.11
N ILE E 524 23.28 23.43 17.28
CA ILE E 524 22.14 22.86 16.58
C ILE E 524 20.88 23.69 16.84
N GLU E 525 20.61 23.98 18.12
CA GLU E 525 19.48 24.84 18.47
C GLU E 525 19.46 26.12 17.65
N GLN E 526 20.63 26.73 17.44
CA GLN E 526 20.69 27.99 16.70
C GLN E 526 20.49 27.76 15.20
N LEU E 527 21.13 26.73 14.63
CA LEU E 527 20.95 26.43 13.21
C LEU E 527 19.48 26.23 12.87
N ILE E 528 18.74 25.53 13.75
CA ILE E 528 17.31 25.32 13.55
C ILE E 528 16.54 26.65 13.58
N LYS E 529 17.00 27.64 14.36
CA LYS E 529 16.27 28.90 14.42
C LYS E 529 16.52 29.80 13.22
N LYS E 530 17.61 29.59 12.48
CA LYS E 530 17.92 30.49 11.38
C LYS E 530 17.02 30.19 10.18
N GLU E 531 16.84 31.20 9.34
CA GLU E 531 16.20 31.00 8.04
C GLU E 531 17.21 30.57 6.97
N LYS E 532 18.40 31.15 6.97
CA LYS E 532 19.43 30.80 6.00
C LYS E 532 20.80 30.88 6.67
N VAL E 533 21.57 29.80 6.56
CA VAL E 533 22.95 29.78 7.05
C VAL E 533 23.83 29.34 5.89
N TYR E 534 24.87 30.13 5.59
CA TYR E 534 25.91 29.71 4.67
C TYR E 534 27.22 29.58 5.46
N LEU E 535 27.73 28.35 5.57
CA LEU E 535 29.01 28.09 6.21
C LEU E 535 30.08 27.85 5.17
N ALA E 536 31.21 28.55 5.29
CA ALA E 536 32.30 28.44 4.33
C ALA E 536 33.65 28.29 5.01
N TRP E 537 34.57 27.64 4.31
CA TRP E 537 35.88 27.33 4.86
C TRP E 537 36.97 28.02 4.04
N VAL E 538 37.95 28.58 4.75
CA VAL E 538 39.16 29.10 4.14
C VAL E 538 40.35 28.52 4.89
N PRO E 539 41.52 28.49 4.26
CA PRO E 539 42.73 28.02 4.95
C PRO E 539 43.32 29.09 5.86
N ALA E 540 43.81 28.64 7.02
CA ALA E 540 44.41 29.58 7.94
C ALA E 540 45.75 30.07 7.42
N HIS E 541 46.14 31.27 7.90
CA HIS E 541 47.49 31.80 7.74
C HIS E 541 47.86 32.05 6.28
N LYS E 542 46.86 32.32 5.44
CA LYS E 542 47.07 32.65 4.04
C LYS E 542 46.81 34.11 3.74
N GLY E 543 46.63 34.94 4.76
CA GLY E 543 46.35 36.35 4.55
C GLY E 543 45.00 36.61 3.92
N ILE E 544 43.98 35.91 4.38
CA ILE E 544 42.62 36.07 3.86
C ILE E 544 41.82 36.95 4.80
N GLY E 545 41.47 38.14 4.33
CA GLY E 545 40.29 38.87 4.78
C GLY E 545 40.06 38.95 6.27
N GLY E 546 38.80 38.71 6.66
CA GLY E 546 38.44 38.75 8.07
C GLY E 546 39.15 37.67 8.86
N ASN E 547 39.46 36.55 8.22
CA ASN E 547 40.08 35.44 8.93
C ASN E 547 41.42 35.85 9.54
N GLU E 548 42.22 36.65 8.83
CA GLU E 548 43.49 37.11 9.38
C GLU E 548 43.28 37.98 10.61
N GLN E 549 42.30 38.89 10.56
CA GLN E 549 42.07 39.79 11.68
C GLN E 549 41.58 39.04 12.91
N VAL E 550 40.55 38.21 12.76
CA VAL E 550 40.02 37.49 13.91
C VAL E 550 41.03 36.49 14.46
N ASP E 551 41.88 35.92 13.60
CA ASP E 551 42.90 35.02 14.11
C ASP E 551 43.85 35.74 15.05
N LYS E 552 44.21 36.97 14.71
CA LYS E 552 45.09 37.77 15.56
C LYS E 552 44.44 38.06 16.92
N LEU E 553 43.14 38.39 16.92
CA LEU E 553 42.45 38.70 18.18
C LEU E 553 42.47 37.50 19.12
N VAL E 554 42.06 36.32 18.62
CA VAL E 554 41.93 35.14 19.46
C VAL E 554 43.30 34.51 19.76
N SER E 555 44.29 34.70 18.88
CA SER E 555 45.63 34.17 19.17
C SER E 555 46.25 34.85 20.38
N ALA E 556 46.03 36.15 20.52
CA ALA E 556 46.61 36.98 21.59
C ALA E 556 46.55 36.33 22.97
N PRO F 4 47.84 -38.23 -6.58
CA PRO F 4 48.40 -38.71 -7.86
C PRO F 4 49.48 -37.79 -8.41
N ILE F 5 49.30 -36.48 -8.24
CA ILE F 5 50.28 -35.47 -8.60
C ILE F 5 51.05 -35.08 -7.34
N GLU F 6 52.33 -34.72 -7.51
CA GLU F 6 53.13 -34.25 -6.39
C GLU F 6 52.56 -32.96 -5.81
N THR F 7 52.59 -32.86 -4.48
CA THR F 7 52.09 -31.68 -3.77
C THR F 7 53.25 -30.82 -3.27
N VAL F 8 53.31 -29.58 -3.73
CA VAL F 8 54.33 -28.63 -3.27
C VAL F 8 54.05 -28.30 -1.81
N PRO F 9 55.01 -28.47 -0.89
CA PRO F 9 54.74 -28.10 0.51
C PRO F 9 54.66 -26.58 0.67
N VAL F 10 53.81 -26.15 1.60
CA VAL F 10 53.58 -24.74 1.88
C VAL F 10 53.60 -24.48 3.38
N LYS F 11 54.04 -23.28 3.77
CA LYS F 11 54.07 -22.81 5.14
C LYS F 11 53.63 -21.35 5.22
N LEU F 12 53.11 -20.99 6.37
CA LEU F 12 52.75 -19.61 6.67
C LEU F 12 54.00 -18.80 6.97
N LYS F 13 53.86 -17.49 6.91
CA LYS F 13 54.93 -16.59 7.31
C LYS F 13 55.26 -16.84 8.78
N PRO F 14 56.53 -16.77 9.18
CA PRO F 14 56.90 -17.21 10.53
C PRO F 14 56.22 -16.42 11.62
N GLY F 15 55.78 -17.13 12.66
CA GLY F 15 55.10 -16.54 13.79
C GLY F 15 53.64 -16.20 13.57
N MET F 16 53.04 -16.64 12.47
CA MET F 16 51.67 -16.30 12.12
C MET F 16 50.83 -17.57 12.06
N ASP F 17 49.72 -17.58 12.80
CA ASP F 17 48.78 -18.69 12.77
C ASP F 17 47.81 -18.52 11.60
N GLY F 18 47.01 -19.55 11.36
CA GLY F 18 46.03 -19.57 10.29
C GLY F 18 44.83 -18.67 10.52
N PRO F 19 44.02 -18.50 9.48
CA PRO F 19 42.86 -17.59 9.56
C PRO F 19 41.76 -18.13 10.46
N LYS F 20 41.19 -17.22 11.27
CA LYS F 20 40.01 -17.56 12.07
C LYS F 20 39.02 -16.42 11.89
N VAL F 21 38.14 -16.55 10.90
CA VAL F 21 37.25 -15.48 10.50
C VAL F 21 35.84 -16.05 10.41
N LYS F 22 34.94 -15.49 11.21
CA LYS F 22 33.56 -15.98 11.28
C LYS F 22 32.86 -15.84 9.93
N GLN F 23 32.01 -16.82 9.65
CA GLN F 23 31.14 -16.80 8.48
C GLN F 23 30.00 -15.82 8.71
N TRP F 24 29.73 -14.98 7.73
CA TRP F 24 28.64 -14.02 7.86
C TRP F 24 27.34 -14.59 7.32
N PRO F 25 26.20 -13.99 7.65
CA PRO F 25 24.93 -14.54 7.19
C PRO F 25 24.82 -14.50 5.67
N LEU F 26 24.15 -15.52 5.11
CA LEU F 26 23.95 -15.62 3.67
C LEU F 26 22.46 -15.72 3.35
N THR F 27 22.09 -15.17 2.19
CA THR F 27 20.72 -15.24 1.70
C THR F 27 20.37 -16.67 1.28
N GLU F 28 19.07 -16.95 1.20
CA GLU F 28 18.61 -18.30 0.88
C GLU F 28 19.13 -18.75 -0.47
N GLU F 29 19.11 -17.86 -1.46
CA GLU F 29 19.59 -18.22 -2.79
C GLU F 29 21.08 -18.58 -2.74
N LYS F 30 21.88 -17.80 -2.02
CA LYS F 30 23.30 -18.10 -1.91
C LYS F 30 23.53 -19.42 -1.17
N ILE F 31 22.77 -19.68 -0.10
CA ILE F 31 22.95 -20.93 0.63
C ILE F 31 22.58 -22.11 -0.26
N LYS F 32 21.49 -21.98 -1.02
CA LYS F 32 21.10 -23.06 -1.91
C LYS F 32 22.19 -23.32 -2.94
N ALA F 33 22.77 -22.26 -3.49
CA ALA F 33 23.85 -22.41 -4.46
C ALA F 33 25.07 -23.07 -3.83
N LEU F 34 25.47 -22.64 -2.63
CA LEU F 34 26.66 -23.21 -2.00
C LEU F 34 26.47 -24.67 -1.65
N VAL F 35 25.28 -25.04 -1.15
CA VAL F 35 25.04 -26.44 -0.80
C VAL F 35 25.15 -27.32 -2.03
N GLU F 36 24.59 -26.86 -3.15
CA GLU F 36 24.70 -27.61 -4.40
C GLU F 36 26.15 -27.65 -4.89
N ILE F 37 26.87 -26.52 -4.84
CA ILE F 37 28.25 -26.48 -5.31
C ILE F 37 29.15 -27.38 -4.46
N CYS F 38 28.98 -27.33 -3.13
CA CYS F 38 29.83 -28.12 -2.24
C CYS F 38 29.50 -29.61 -2.31
N THR F 39 28.24 -29.96 -2.54
CA THR F 39 27.88 -31.36 -2.66
C THR F 39 28.62 -32.00 -3.84
N GLU F 40 28.64 -31.31 -4.99
CA GLU F 40 29.36 -31.82 -6.14
C GLU F 40 30.86 -31.85 -5.90
N MET F 41 31.40 -30.82 -5.26
CA MET F 41 32.83 -30.77 -4.99
C MET F 41 33.26 -31.89 -4.03
N GLU F 42 32.40 -32.24 -3.07
CA GLU F 42 32.71 -33.37 -2.19
C GLU F 42 32.72 -34.67 -2.99
N LYS F 43 31.75 -34.83 -3.91
CA LYS F 43 31.69 -36.03 -4.73
C LYS F 43 32.95 -36.20 -5.57
N GLU F 44 33.48 -35.11 -6.09
CA GLU F 44 34.70 -35.10 -6.88
C GLU F 44 35.97 -35.05 -6.04
N GLY F 45 35.88 -35.05 -4.72
CA GLY F 45 37.05 -35.09 -3.86
C GLY F 45 37.76 -33.77 -3.71
N LYS F 46 37.22 -32.69 -4.29
CA LYS F 46 37.85 -31.37 -4.16
C LYS F 46 37.83 -30.88 -2.72
N ILE F 47 36.76 -31.16 -1.99
CA ILE F 47 36.64 -30.78 -0.58
C ILE F 47 36.15 -31.98 0.19
N SER F 48 36.40 -31.98 1.50
CA SER F 48 35.87 -33.01 2.38
C SER F 48 35.49 -32.41 3.73
N LYS F 49 34.50 -33.02 4.37
CA LYS F 49 33.98 -32.50 5.63
C LYS F 49 35.00 -32.64 6.76
N ILE F 50 34.91 -31.73 7.73
CA ILE F 50 35.85 -31.65 8.83
C ILE F 50 35.09 -31.33 10.11
N GLY F 51 35.76 -31.55 11.24
CA GLY F 51 35.20 -31.34 12.55
C GLY F 51 35.54 -29.99 13.16
N PRO F 52 35.02 -29.73 14.36
CA PRO F 52 35.41 -28.51 15.08
C PRO F 52 36.84 -28.54 15.61
N GLU F 53 37.52 -29.69 15.59
CA GLU F 53 38.91 -29.75 16.08
C GLU F 53 39.82 -28.86 15.25
N ASN F 54 39.54 -28.71 13.96
CA ASN F 54 40.17 -27.70 13.15
C ASN F 54 39.78 -26.32 13.67
N PRO F 55 40.72 -25.45 14.03
CA PRO F 55 40.35 -24.16 14.64
C PRO F 55 40.34 -22.99 13.66
N TYR F 56 40.43 -23.26 12.36
CA TYR F 56 40.55 -22.24 11.33
C TYR F 56 39.28 -22.14 10.51
N ASN F 57 38.87 -20.90 10.18
CA ASN F 57 37.73 -20.70 9.31
C ASN F 57 37.95 -19.47 8.43
N THR F 58 37.41 -19.52 7.21
CA THR F 58 37.44 -18.46 6.23
C THR F 58 36.02 -18.24 5.70
N PRO F 59 35.60 -17.01 5.46
CA PRO F 59 34.21 -16.80 5.00
C PRO F 59 34.02 -17.28 3.58
N VAL F 60 32.81 -17.75 3.29
CA VAL F 60 32.46 -18.23 1.96
C VAL F 60 31.13 -17.61 1.54
N PHE F 61 30.99 -17.40 0.23
CA PHE F 61 29.73 -16.94 -0.34
C PHE F 61 29.74 -17.18 -1.84
N ALA F 62 28.61 -16.89 -2.47
CA ALA F 62 28.44 -17.13 -3.90
C ALA F 62 28.05 -15.84 -4.62
N ILE F 63 28.50 -15.74 -5.87
CA ILE F 63 28.24 -14.62 -6.76
C ILE F 63 27.78 -15.16 -8.10
N LYS F 64 27.16 -14.30 -8.90
CA LYS F 64 26.94 -14.58 -10.30
C LYS F 64 27.73 -13.56 -11.11
N LYS F 65 28.64 -14.05 -11.96
CA LYS F 65 29.36 -13.14 -12.85
C LYS F 65 28.41 -12.59 -13.91
N LYS F 66 28.87 -11.55 -14.59
CA LYS F 66 28.02 -10.82 -15.53
C LYS F 66 27.44 -11.76 -16.57
N ASP F 67 26.10 -11.81 -16.61
CA ASP F 67 25.27 -12.56 -17.57
C ASP F 67 25.33 -14.07 -17.36
N SER F 68 26.02 -14.57 -16.33
CA SER F 68 26.23 -16.00 -16.19
C SER F 68 24.93 -16.73 -15.90
N THR F 69 24.16 -16.26 -14.92
CA THR F 69 22.94 -16.86 -14.37
C THR F 69 23.26 -18.12 -13.60
N LYS F 70 24.53 -18.51 -13.52
CA LYS F 70 24.98 -19.73 -12.86
C LYS F 70 25.91 -19.32 -11.74
N TRP F 71 25.62 -19.83 -10.55
CA TRP F 71 26.30 -19.44 -9.32
C TRP F 71 27.76 -19.86 -9.34
N ARG F 72 28.60 -19.03 -8.74
CA ARG F 72 30.03 -19.30 -8.62
C ARG F 72 30.42 -19.18 -7.15
N LYS F 73 31.03 -20.24 -6.62
CA LYS F 73 31.52 -20.20 -5.25
C LYS F 73 32.69 -19.23 -5.14
N LEU F 74 32.73 -18.47 -4.05
CA LEU F 74 33.79 -17.49 -3.85
C LEU F 74 34.19 -17.46 -2.39
N VAL F 75 35.49 -17.60 -2.14
CA VAL F 75 36.04 -17.67 -0.80
C VAL F 75 36.83 -16.40 -0.51
N ASP F 76 36.63 -15.82 0.67
CA ASP F 76 37.30 -14.58 1.03
C ASP F 76 38.61 -14.97 1.69
N PHE F 77 39.62 -15.21 0.84
CA PHE F 77 40.90 -15.73 1.29
C PHE F 77 41.88 -14.63 1.65
N ARG F 78 41.38 -13.40 1.83
CA ARG F 78 42.28 -12.27 2.04
C ARG F 78 43.12 -12.48 3.29
N GLU F 79 42.51 -12.97 4.37
CA GLU F 79 43.27 -13.22 5.58
C GLU F 79 44.30 -14.34 5.38
N LEU F 80 43.92 -15.43 4.71
CA LEU F 80 44.89 -16.51 4.46
C LEU F 80 46.01 -16.02 3.54
N ASN F 81 45.65 -15.25 2.51
CA ASN F 81 46.64 -14.81 1.53
C ASN F 81 47.70 -13.96 2.21
N LYS F 82 47.30 -13.08 3.14
CA LYS F 82 48.26 -12.25 3.86
C LYS F 82 49.22 -13.11 4.67
N ARG F 83 48.70 -14.16 5.33
CA ARG F 83 49.49 -15.11 6.10
C ARG F 83 50.38 -16.04 5.25
N THR F 84 50.05 -16.24 3.98
CA THR F 84 50.85 -17.04 3.05
C THR F 84 51.68 -16.17 2.12
N GLN F 85 51.75 -14.86 2.42
CA GLN F 85 52.20 -13.85 1.47
C GLN F 85 53.61 -14.09 0.94
N ASP F 86 54.53 -14.56 1.80
CA ASP F 86 55.89 -14.79 1.33
C ASP F 86 55.93 -15.82 0.21
N PHE F 87 55.15 -16.89 0.30
CA PHE F 87 55.28 -18.00 -0.66
C PHE F 87 54.99 -17.54 -2.08
N TRP F 88 53.85 -16.85 -2.29
CA TRP F 88 53.47 -16.42 -3.62
C TRP F 88 54.33 -15.28 -4.18
N GLU F 89 54.66 -14.24 -3.42
CA GLU F 89 55.63 -13.25 -3.93
C GLU F 89 57.14 -13.56 -4.00
N VAL F 90 57.71 -14.03 -2.88
CA VAL F 90 59.16 -14.20 -2.81
C VAL F 90 59.64 -15.36 -3.67
N GLN F 91 58.92 -16.48 -3.64
CA GLN F 91 59.45 -17.73 -4.21
C GLN F 91 58.96 -18.13 -5.59
N LEU F 92 57.65 -18.14 -5.84
CA LEU F 92 57.10 -18.59 -7.12
C LEU F 92 56.31 -17.50 -7.82
N GLY F 93 56.57 -16.24 -7.45
CA GLY F 93 55.78 -15.13 -7.94
C GLY F 93 55.92 -14.90 -9.44
N ILE F 94 54.88 -14.33 -10.02
CA ILE F 94 54.78 -14.10 -11.46
C ILE F 94 55.25 -12.68 -11.81
N PRO F 95 56.15 -12.51 -12.79
CA PRO F 95 56.56 -11.17 -13.22
C PRO F 95 55.44 -10.44 -13.97
N HIS F 96 55.41 -9.10 -13.88
CA HIS F 96 54.34 -8.30 -14.49
C HIS F 96 54.73 -7.67 -15.83
N PRO F 97 53.99 -7.96 -16.93
CA PRO F 97 54.29 -7.36 -18.23
C PRO F 97 53.97 -5.88 -18.37
N ALA F 98 54.97 -5.02 -18.20
CA ALA F 98 54.79 -3.58 -18.41
C ALA F 98 54.07 -3.22 -19.70
N GLY F 99 54.07 -4.12 -20.70
CA GLY F 99 53.43 -3.83 -21.97
C GLY F 99 51.95 -4.12 -22.06
N LEU F 100 51.37 -4.77 -21.04
CA LEU F 100 49.96 -5.16 -21.12
C LEU F 100 49.03 -3.95 -21.18
N LYS F 101 49.34 -2.90 -20.41
CA LYS F 101 48.52 -1.69 -20.45
C LYS F 101 48.55 -1.00 -21.80
N LYS F 102 49.54 -1.30 -22.63
CA LYS F 102 49.71 -0.65 -23.92
C LYS F 102 48.91 -1.30 -25.04
N LYS F 103 48.37 -2.49 -24.81
CA LYS F 103 47.68 -3.24 -25.86
C LYS F 103 46.29 -2.67 -26.11
N LYS F 104 45.90 -2.66 -27.38
CA LYS F 104 44.65 -2.06 -27.80
C LYS F 104 43.43 -2.79 -27.22
N SER F 105 43.58 -4.08 -26.93
CA SER F 105 42.47 -4.86 -26.36
C SER F 105 43.00 -5.92 -25.40
N VAL F 106 42.31 -6.08 -24.27
CA VAL F 106 42.71 -7.03 -23.24
C VAL F 106 41.45 -7.74 -22.77
N THR F 107 41.42 -9.06 -22.91
CA THR F 107 40.31 -9.89 -22.48
C THR F 107 40.68 -10.68 -21.22
N VAL F 108 39.69 -10.88 -20.35
CA VAL F 108 39.88 -11.56 -19.07
C VAL F 108 39.14 -12.89 -19.11
N LEU F 109 39.85 -13.98 -18.78
CA LEU F 109 39.32 -15.32 -18.78
C LEU F 109 39.43 -15.93 -17.39
N ASP F 110 38.41 -16.69 -16.99
CA ASP F 110 38.40 -17.36 -15.69
C ASP F 110 38.98 -18.77 -15.91
N VAL F 111 40.25 -18.93 -15.53
CA VAL F 111 40.94 -20.21 -15.59
C VAL F 111 40.92 -20.91 -14.23
N GLY F 112 40.12 -20.42 -13.28
CA GLY F 112 40.10 -20.97 -11.93
C GLY F 112 39.89 -22.48 -11.87
N ASP F 113 39.14 -23.04 -12.82
CA ASP F 113 38.86 -24.47 -12.80
C ASP F 113 40.13 -25.31 -12.86
N ALA F 114 41.15 -24.84 -13.58
CA ALA F 114 42.42 -25.59 -13.66
C ALA F 114 42.99 -25.91 -12.29
N TYR F 115 42.89 -24.99 -11.34
CA TYR F 115 43.50 -25.22 -10.04
C TYR F 115 42.95 -26.48 -9.37
N PHE F 116 41.73 -26.88 -9.70
CA PHE F 116 41.15 -28.05 -9.06
C PHE F 116 41.89 -29.33 -9.42
N SER F 117 42.52 -29.38 -10.60
CA SER F 117 43.35 -30.51 -11.00
C SER F 117 44.41 -30.84 -9.96
N VAL F 118 45.33 -29.91 -9.73
CA VAL F 118 46.46 -30.16 -8.82
C VAL F 118 45.96 -30.44 -7.41
N PRO F 119 46.60 -31.33 -6.66
CA PRO F 119 46.25 -31.49 -5.25
C PRO F 119 47.03 -30.52 -4.37
N LEU F 120 46.72 -30.52 -3.08
CA LEU F 120 47.27 -29.55 -2.14
C LEU F 120 47.99 -30.27 -1.00
N ASP F 121 49.07 -29.65 -0.53
CA ASP F 121 49.86 -30.18 0.58
C ASP F 121 48.96 -30.57 1.75
N GLU F 122 49.09 -31.82 2.19
CA GLU F 122 48.24 -32.35 3.26
C GLU F 122 48.36 -31.53 4.54
N ASP F 123 49.55 -31.03 4.82
CA ASP F 123 49.76 -30.23 6.04
C ASP F 123 49.07 -28.88 5.96
N PHE F 124 48.81 -28.38 4.75
CA PHE F 124 48.20 -27.07 4.54
C PHE F 124 46.68 -27.08 4.57
N ARG F 125 46.05 -28.21 4.26
CA ARG F 125 44.59 -28.24 4.12
C ARG F 125 43.85 -27.77 5.36
N LYS F 126 44.45 -27.85 6.55
CA LYS F 126 43.77 -27.39 7.75
C LYS F 126 43.44 -25.90 7.68
N TYR F 127 44.13 -25.14 6.83
CA TYR F 127 43.98 -23.70 6.78
C TYR F 127 42.94 -23.24 5.76
N THR F 128 42.43 -24.12 4.90
CA THR F 128 41.42 -23.75 3.91
C THR F 128 40.00 -24.00 4.39
N ALA F 129 39.79 -24.25 5.69
CA ALA F 129 38.47 -24.54 6.21
C ALA F 129 37.49 -23.40 6.00
N PHE F 130 36.24 -23.76 5.68
CA PHE F 130 35.15 -22.82 5.56
C PHE F 130 33.87 -23.49 6.05
N THR F 131 33.04 -22.72 6.75
CA THR F 131 31.77 -23.21 7.28
C THR F 131 30.59 -22.70 6.45
N ILE F 132 29.63 -23.58 6.19
CA ILE F 132 28.40 -23.22 5.48
C ILE F 132 27.28 -23.05 6.51
N PRO F 133 26.62 -21.90 6.55
CA PRO F 133 25.55 -21.68 7.53
C PRO F 133 24.22 -22.19 7.02
N SER F 134 23.25 -22.23 7.93
CA SER F 134 21.89 -22.64 7.59
C SER F 134 20.91 -21.52 7.92
N ILE F 135 19.86 -21.41 7.11
CA ILE F 135 18.79 -20.45 7.41
C ILE F 135 18.17 -20.76 8.76
N ASN F 136 17.97 -19.70 9.56
CA ASN F 136 17.37 -19.76 10.89
C ASN F 136 18.11 -20.72 11.81
N ASN F 137 19.37 -21.03 11.51
CA ASN F 137 20.20 -21.90 12.34
C ASN F 137 19.50 -23.23 12.64
N GLU F 138 18.88 -23.78 11.60
CA GLU F 138 18.24 -25.08 11.70
C GLU F 138 19.24 -26.17 12.03
N THR F 139 20.39 -26.15 11.38
CA THR F 139 21.51 -27.05 11.58
C THR F 139 22.71 -26.29 12.12
N PRO F 140 23.65 -26.97 12.79
CA PRO F 140 24.95 -26.32 13.04
C PRO F 140 25.68 -26.05 11.73
N GLY F 141 26.82 -25.38 11.82
CA GLY F 141 27.56 -25.06 10.61
C GLY F 141 28.20 -26.32 10.03
N ILE F 142 28.09 -26.48 8.72
CA ILE F 142 28.71 -27.61 8.03
C ILE F 142 30.09 -27.19 7.54
N ARG F 143 31.13 -27.68 8.19
CA ARG F 143 32.49 -27.29 7.87
C ARG F 143 33.09 -28.18 6.80
N TYR F 144 33.89 -27.57 5.91
CA TYR F 144 34.65 -28.30 4.90
C TYR F 144 36.09 -27.84 4.94
N GLN F 145 36.94 -28.52 4.16
CA GLN F 145 38.27 -28.00 3.87
C GLN F 145 38.65 -28.48 2.48
N TYR F 146 39.66 -27.82 1.90
CA TYR F 146 40.03 -28.07 0.52
C TYR F 146 41.11 -29.14 0.42
N ASN F 147 40.89 -30.10 -0.48
CA ASN F 147 41.87 -31.11 -0.84
C ASN F 147 42.69 -30.74 -2.07
N VAL F 148 42.27 -29.73 -2.83
CA VAL F 148 42.98 -29.33 -4.04
C VAL F 148 43.39 -27.85 -3.93
N LEU F 149 43.87 -27.28 -5.04
CA LEU F 149 44.21 -25.86 -5.05
C LEU F 149 42.93 -25.03 -5.09
N PRO F 150 42.65 -24.21 -4.09
CA PRO F 150 41.38 -23.48 -4.06
C PRO F 150 41.38 -22.26 -4.97
N GLN F 151 40.22 -21.99 -5.55
CA GLN F 151 40.04 -20.72 -6.24
C GLN F 151 40.10 -19.58 -5.24
N GLY F 152 40.77 -18.50 -5.63
CA GLY F 152 40.87 -17.31 -4.82
C GLY F 152 42.00 -17.29 -3.82
N TRP F 153 42.68 -18.42 -3.60
CA TRP F 153 43.92 -18.39 -2.84
C TRP F 153 45.08 -17.96 -3.74
N LYS F 154 46.05 -17.26 -3.15
CA LYS F 154 47.15 -16.72 -3.92
C LYS F 154 48.29 -17.72 -4.12
N GLY F 155 48.25 -18.86 -3.41
CA GLY F 155 49.21 -19.92 -3.69
C GLY F 155 48.83 -20.72 -4.91
N SER F 156 47.54 -20.79 -5.23
CA SER F 156 47.08 -21.56 -6.38
C SER F 156 47.76 -21.14 -7.68
N PRO F 157 47.80 -19.86 -8.08
CA PRO F 157 48.48 -19.51 -9.33
C PRO F 157 49.99 -19.71 -9.29
N ALA F 158 50.60 -19.67 -8.11
CA ALA F 158 52.05 -19.84 -8.03
C ALA F 158 52.44 -21.32 -8.19
N ILE F 159 51.76 -22.23 -7.49
CA ILE F 159 52.03 -23.65 -7.63
C ILE F 159 51.71 -24.13 -9.04
N PHE F 160 50.68 -23.56 -9.66
CA PHE F 160 50.25 -23.95 -10.99
C PHE F 160 50.98 -23.20 -12.10
N GLN F 161 51.89 -22.29 -11.75
CA GLN F 161 52.57 -21.50 -12.76
C GLN F 161 53.46 -22.36 -13.64
N SER F 162 54.13 -23.35 -13.04
CA SER F 162 54.92 -24.29 -13.84
C SER F 162 54.04 -25.00 -14.86
N SER F 163 52.90 -25.54 -14.41
CA SER F 163 51.98 -26.19 -15.33
C SER F 163 51.41 -25.21 -16.35
N MET F 164 51.07 -23.98 -15.90
CA MET F 164 50.40 -23.03 -16.77
C MET F 164 51.27 -22.62 -17.95
N THR F 165 52.54 -22.32 -17.69
CA THR F 165 53.39 -21.80 -18.77
C THR F 165 53.56 -22.83 -19.88
N LYS F 166 53.72 -24.10 -19.50
CA LYS F 166 53.87 -25.16 -20.50
C LYS F 166 52.62 -25.28 -21.36
N ILE F 167 51.44 -25.16 -20.75
CA ILE F 167 50.21 -25.18 -21.54
C ILE F 167 50.14 -23.99 -22.47
N LEU F 168 50.53 -22.80 -21.99
CA LEU F 168 50.50 -21.61 -22.83
C LEU F 168 51.51 -21.66 -23.97
N GLU F 169 52.71 -22.23 -23.74
CA GLU F 169 53.83 -21.99 -24.65
C GLU F 169 53.56 -22.34 -26.11
N PRO F 170 52.86 -23.42 -26.46
CA PRO F 170 52.55 -23.61 -27.89
C PRO F 170 51.72 -22.48 -28.48
N PHE F 171 50.70 -22.01 -27.74
CA PHE F 171 49.89 -20.90 -28.23
C PHE F 171 50.72 -19.62 -28.32
N LYS F 172 51.58 -19.38 -27.32
CA LYS F 172 52.37 -18.15 -27.26
C LYS F 172 53.35 -18.02 -28.42
N LYS F 173 54.04 -19.11 -28.76
CA LYS F 173 54.99 -19.07 -29.88
C LYS F 173 54.28 -18.84 -31.21
N GLN F 174 53.10 -19.43 -31.39
CA GLN F 174 52.34 -19.26 -32.63
C GLN F 174 51.96 -17.80 -32.84
N ASN F 175 51.58 -17.09 -31.77
CA ASN F 175 51.34 -15.65 -31.83
C ASN F 175 52.28 -14.94 -30.86
N PRO F 176 53.47 -14.52 -31.34
CA PRO F 176 54.44 -13.87 -30.44
C PRO F 176 53.98 -12.53 -29.91
N ASP F 177 53.24 -11.75 -30.71
CA ASP F 177 52.88 -10.40 -30.28
C ASP F 177 51.98 -10.42 -29.05
N ILE F 178 51.05 -11.38 -28.98
CA ILE F 178 50.08 -11.39 -27.89
C ILE F 178 50.77 -11.53 -26.54
N VAL F 179 50.23 -10.85 -25.53
CA VAL F 179 50.78 -10.78 -24.18
C VAL F 179 49.79 -11.44 -23.23
N ILE F 180 50.28 -12.31 -22.36
CA ILE F 180 49.45 -13.02 -21.40
C ILE F 180 49.94 -12.75 -19.99
N TYR F 181 49.03 -12.35 -19.11
CA TYR F 181 49.30 -12.14 -17.69
C TYR F 181 48.28 -12.91 -16.87
N GLN F 182 48.74 -13.47 -15.77
CA GLN F 182 47.93 -14.30 -14.89
C GLN F 182 47.86 -13.67 -13.51
N TYR F 183 46.65 -13.29 -13.08
CA TYR F 183 46.44 -12.81 -11.72
C TYR F 183 45.35 -13.67 -11.09
N MET F 184 45.72 -14.45 -10.08
CA MET F 184 44.84 -15.41 -9.39
C MET F 184 44.06 -16.22 -10.43
N ASP F 185 42.74 -16.35 -10.31
CA ASP F 185 41.90 -17.15 -11.19
C ASP F 185 41.78 -16.61 -12.60
N ASP F 186 42.38 -15.47 -12.92
CA ASP F 186 42.10 -14.76 -14.15
C ASP F 186 43.29 -14.81 -15.11
N LEU F 187 42.98 -14.86 -16.40
CA LEU F 187 43.98 -14.75 -17.45
C LEU F 187 43.70 -13.51 -18.29
N TYR F 188 44.67 -12.61 -18.32
CA TYR F 188 44.56 -11.37 -19.08
C TYR F 188 45.31 -11.56 -20.40
N VAL F 189 44.58 -11.41 -21.51
CA VAL F 189 45.07 -11.71 -22.86
C VAL F 189 45.03 -10.41 -23.64
N GLY F 190 46.19 -9.81 -23.86
CA GLY F 190 46.28 -8.52 -24.55
C GLY F 190 46.84 -8.56 -25.95
N SER F 191 46.02 -8.19 -26.94
CA SER F 191 46.44 -8.09 -28.32
C SER F 191 46.26 -6.67 -28.88
N ASP F 192 47.04 -6.37 -29.91
CA ASP F 192 46.86 -5.14 -30.71
C ASP F 192 46.01 -5.39 -31.94
N LEU F 193 45.45 -6.58 -32.07
CA LEU F 193 44.66 -6.99 -33.21
C LEU F 193 43.36 -6.19 -33.30
N GLU F 194 42.68 -6.32 -34.44
CA GLU F 194 41.33 -5.81 -34.61
C GLU F 194 40.34 -6.59 -33.76
N ILE F 195 39.17 -5.98 -33.53
CA ILE F 195 38.18 -6.52 -32.61
C ILE F 195 37.87 -7.98 -32.95
N GLY F 196 37.48 -8.22 -34.20
CA GLY F 196 37.06 -9.56 -34.60
C GLY F 196 38.21 -10.55 -34.49
N GLN F 197 39.38 -10.15 -34.98
CA GLN F 197 40.56 -10.99 -34.86
C GLN F 197 40.90 -11.24 -33.40
N HIS F 198 40.78 -10.22 -32.56
CA HIS F 198 41.07 -10.38 -31.14
C HIS F 198 40.20 -11.48 -30.54
N ARG F 199 38.86 -11.35 -30.66
CA ARG F 199 37.95 -12.40 -30.17
C ARG F 199 38.27 -13.76 -30.75
N THR F 200 38.69 -13.83 -32.02
CA THR F 200 38.98 -15.12 -32.61
C THR F 200 40.17 -15.78 -31.91
N LYS F 201 41.26 -15.03 -31.71
CA LYS F 201 42.40 -15.60 -31.00
C LYS F 201 42.01 -16.04 -29.58
N ILE F 202 41.01 -15.40 -28.99
CA ILE F 202 40.55 -15.83 -27.68
C ILE F 202 39.88 -17.20 -27.81
N GLU F 203 39.09 -17.40 -28.86
CA GLU F 203 38.54 -18.73 -29.12
C GLU F 203 39.64 -19.76 -29.33
N GLU F 204 40.72 -19.39 -30.03
CA GLU F 204 41.83 -20.32 -30.21
C GLU F 204 42.44 -20.70 -28.87
N LEU F 205 42.70 -19.71 -28.02
CA LEU F 205 43.20 -19.99 -26.68
C LEU F 205 42.17 -20.69 -25.79
N ARG F 206 40.88 -20.59 -26.09
CA ARG F 206 39.92 -21.37 -25.31
C ARG F 206 40.06 -22.85 -25.65
N GLN F 207 39.96 -23.23 -26.93
CA GLN F 207 40.21 -24.61 -27.32
C GLN F 207 41.59 -25.08 -26.84
N HIS F 208 42.60 -24.23 -27.02
CA HIS F 208 43.95 -24.57 -26.55
C HIS F 208 43.95 -24.92 -25.06
N LEU F 209 43.20 -24.19 -24.25
CA LEU F 209 43.08 -24.57 -22.85
C LEU F 209 42.25 -25.84 -22.71
N LEU F 210 41.30 -26.07 -23.61
CA LEU F 210 40.41 -27.22 -23.47
C LEU F 210 41.13 -28.53 -23.72
N ARG F 211 41.97 -28.60 -24.76
CA ARG F 211 42.65 -29.86 -25.05
C ARG F 211 43.75 -30.19 -24.05
N TRP F 212 44.10 -29.26 -23.15
CA TRP F 212 44.98 -29.56 -22.03
C TRP F 212 44.21 -29.84 -20.75
N GLY F 213 42.89 -29.99 -20.83
CA GLY F 213 42.08 -30.28 -19.66
C GLY F 213 41.77 -29.07 -18.79
N LEU F 214 41.21 -28.02 -19.40
CA LEU F 214 40.85 -26.81 -18.66
C LEU F 214 39.64 -26.17 -19.32
N THR F 215 38.57 -26.01 -18.54
CA THR F 215 37.33 -25.40 -19.00
C THR F 215 37.33 -23.91 -18.67
N THR F 216 36.71 -23.13 -19.56
CA THR F 216 36.67 -21.67 -19.45
C THR F 216 35.25 -21.17 -19.60
N PRO F 217 34.56 -20.83 -18.49
CA PRO F 217 33.19 -20.33 -18.58
C PRO F 217 33.11 -18.90 -19.12
N GLY F 231 34.89 -13.40 -21.48
CA GLY F 231 34.34 -12.45 -22.43
C GLY F 231 34.24 -11.03 -21.89
N TYR F 232 35.07 -10.73 -20.90
CA TYR F 232 35.20 -9.39 -20.31
C TYR F 232 36.32 -8.65 -21.04
N GLU F 233 35.97 -7.59 -21.76
CA GLU F 233 36.89 -6.93 -22.67
C GLU F 233 37.24 -5.54 -22.18
N LEU F 234 38.54 -5.22 -22.19
CA LEU F 234 39.13 -3.97 -21.74
C LEU F 234 39.88 -3.30 -22.88
N HIS F 235 40.04 -1.98 -22.80
CA HIS F 235 40.77 -1.22 -23.82
C HIS F 235 41.74 -0.26 -23.12
N PRO F 236 42.82 -0.81 -22.56
CA PRO F 236 43.73 -0.01 -21.71
C PRO F 236 44.41 1.18 -22.37
N ASP F 237 44.50 1.25 -23.70
CA ASP F 237 45.16 2.40 -24.31
C ASP F 237 44.32 3.67 -24.26
N LYS F 238 43.00 3.54 -24.35
CA LYS F 238 42.08 4.66 -24.14
C LYS F 238 42.21 5.29 -22.75
N TRP F 239 42.59 4.51 -21.73
CA TRP F 239 42.68 5.04 -20.37
C TRP F 239 43.52 6.32 -20.31
N THR F 240 42.95 7.33 -19.67
CA THR F 240 43.51 8.65 -19.45
C THR F 240 43.50 9.01 -17.97
N VAL F 241 43.98 10.22 -17.67
CA VAL F 241 44.07 10.75 -16.32
C VAL F 241 43.14 11.94 -16.16
N GLN F 242 43.06 12.45 -14.94
CA GLN F 242 42.14 13.53 -14.55
C GLN F 242 42.92 14.72 -14.01
N PRO F 243 43.16 15.75 -14.83
CA PRO F 243 43.94 16.89 -14.36
C PRO F 243 43.16 17.74 -13.36
N ILE F 244 43.91 18.37 -12.45
CA ILE F 244 43.35 19.41 -11.59
C ILE F 244 42.92 20.60 -12.44
N VAL F 245 41.68 21.06 -12.24
CA VAL F 245 41.12 22.11 -13.08
C VAL F 245 40.58 23.23 -12.19
N LEU F 246 40.75 24.47 -12.65
CA LEU F 246 40.29 25.68 -12.00
C LEU F 246 39.14 26.30 -12.77
N PRO F 247 38.13 26.79 -12.08
CA PRO F 247 36.95 27.27 -12.79
C PRO F 247 37.32 28.51 -13.60
N GLU F 248 36.59 28.73 -14.67
CA GLU F 248 36.70 29.95 -15.45
C GLU F 248 35.47 30.80 -15.15
N LYS F 249 35.67 32.02 -14.68
CA LYS F 249 34.55 32.87 -14.30
C LYS F 249 34.80 34.28 -14.83
N ASP F 250 33.74 34.86 -15.40
CA ASP F 250 33.77 36.23 -15.88
C ASP F 250 33.86 37.27 -14.76
N SER F 251 33.17 37.06 -13.63
CA SER F 251 33.30 37.96 -12.49
C SER F 251 33.47 37.10 -11.26
N TRP F 252 34.24 37.59 -10.30
CA TRP F 252 34.55 36.80 -9.12
C TRP F 252 34.04 37.51 -7.88
N THR F 253 33.24 36.80 -7.06
CA THR F 253 32.90 37.33 -5.75
C THR F 253 34.00 36.99 -4.73
N VAL F 254 33.90 37.61 -3.56
CA VAL F 254 34.83 37.32 -2.46
C VAL F 254 34.77 35.84 -2.14
N ASN F 255 33.56 35.28 -2.17
CA ASN F 255 33.38 33.86 -1.93
C ASN F 255 34.08 33.03 -2.99
N ASP F 256 34.00 33.47 -4.25
CA ASP F 256 34.64 32.72 -5.34
C ASP F 256 36.14 32.67 -5.14
N ILE F 257 36.75 33.81 -4.79
CA ILE F 257 38.19 33.86 -4.57
C ILE F 257 38.59 33.05 -3.34
N GLN F 258 37.78 33.05 -2.28
CA GLN F 258 38.12 32.24 -1.12
C GLN F 258 38.13 30.75 -1.47
N LYS F 259 37.15 30.29 -2.25
CA LYS F 259 37.17 28.90 -2.70
C LYS F 259 38.37 28.64 -3.58
N LEU F 260 38.68 29.57 -4.48
CA LEU F 260 39.81 29.37 -5.39
C LEU F 260 41.12 29.29 -4.62
N VAL F 261 41.27 30.16 -3.62
CA VAL F 261 42.49 30.15 -2.80
C VAL F 261 42.59 28.84 -2.03
N GLY F 262 41.47 28.36 -1.47
CA GLY F 262 41.51 27.09 -0.75
C GLY F 262 41.86 25.92 -1.66
N LYS F 263 41.29 25.88 -2.86
CA LYS F 263 41.62 24.83 -3.81
C LYS F 263 43.08 24.91 -4.26
N LEU F 264 43.56 26.11 -4.59
CA LEU F 264 44.94 26.24 -5.03
C LEU F 264 45.92 25.91 -3.92
N ASN F 265 45.59 26.32 -2.71
CA ASN F 265 46.46 26.05 -1.57
C ASN F 265 46.58 24.56 -1.31
N TRP F 266 45.47 23.84 -1.39
CA TRP F 266 45.53 22.39 -1.22
C TRP F 266 46.33 21.76 -2.37
N ALA F 267 46.10 22.22 -3.60
CA ALA F 267 46.84 21.72 -4.76
C ALA F 267 48.34 21.92 -4.63
N SER F 268 48.78 22.96 -3.90
CA SER F 268 50.21 23.22 -3.76
C SER F 268 50.92 22.12 -2.98
N GLN F 269 50.18 21.25 -2.30
CA GLN F 269 50.79 20.06 -1.71
C GLN F 269 51.22 19.06 -2.78
N ILE F 270 50.73 19.24 -4.01
CA ILE F 270 51.06 18.38 -5.13
C ILE F 270 51.99 19.10 -6.09
N TYR F 271 51.63 20.31 -6.49
CA TYR F 271 52.50 21.15 -7.30
C TYR F 271 53.05 22.27 -6.42
N PRO F 272 54.31 22.20 -5.95
CA PRO F 272 54.79 23.22 -5.01
C PRO F 272 54.92 24.61 -5.61
N GLY F 273 54.89 24.76 -6.93
CA GLY F 273 54.98 26.06 -7.57
C GLY F 273 53.70 26.88 -7.56
N ILE F 274 52.60 26.34 -7.04
CA ILE F 274 51.35 27.10 -6.96
C ILE F 274 51.55 28.23 -5.96
N LYS F 275 51.04 29.40 -6.31
CA LYS F 275 51.17 30.55 -5.44
C LYS F 275 49.80 31.22 -5.28
N VAL F 276 49.45 31.59 -4.05
CA VAL F 276 48.17 32.24 -3.75
C VAL F 276 48.35 33.67 -3.28
N ARG F 277 49.59 34.13 -3.14
CA ARG F 277 49.87 35.44 -2.55
C ARG F 277 49.06 36.54 -3.22
N GLN F 278 49.18 36.66 -4.55
CA GLN F 278 48.53 37.74 -5.27
C GLN F 278 47.01 37.62 -5.26
N LEU F 279 46.48 36.40 -5.16
CA LEU F 279 45.02 36.25 -5.07
C LEU F 279 44.48 36.57 -3.69
N SER F 280 45.24 36.28 -2.62
CA SER F 280 44.82 36.67 -1.28
C SER F 280 44.74 38.18 -1.11
N LYS F 281 45.71 38.92 -1.68
CA LYS F 281 45.70 40.39 -1.62
C LYS F 281 44.35 40.98 -2.00
N LEU F 282 43.60 40.30 -2.88
CA LEU F 282 42.32 40.84 -3.33
C LEU F 282 41.28 40.86 -2.21
N LEU F 283 41.50 40.09 -1.14
CA LEU F 283 40.58 40.00 -0.02
C LEU F 283 41.24 40.54 1.24
N ARG F 284 41.83 41.73 1.22
CA ARG F 284 42.48 42.23 2.43
C ARG F 284 41.51 42.76 3.47
N GLY F 285 40.43 43.38 3.07
CA GLY F 285 39.55 43.99 4.06
C GLY F 285 38.82 42.94 4.89
N THR F 286 37.68 43.31 5.44
CA THR F 286 36.71 42.40 6.04
C THR F 286 35.42 42.59 5.25
N LYS F 287 35.24 41.73 4.24
CA LYS F 287 34.32 42.00 3.13
C LYS F 287 33.18 41.00 3.10
N ALA F 288 32.07 41.47 2.55
CA ALA F 288 30.92 40.62 2.33
C ALA F 288 31.20 39.56 1.27
N LEU F 289 30.67 38.35 1.51
CA LEU F 289 31.01 37.21 0.67
C LEU F 289 30.58 37.44 -0.79
N THR F 290 29.45 38.12 -1.01
CA THR F 290 28.89 38.35 -2.34
C THR F 290 29.46 39.59 -3.04
N GLU F 291 30.40 40.31 -2.43
CA GLU F 291 31.00 41.48 -3.08
C GLU F 291 31.82 41.07 -4.30
N VAL F 292 31.56 41.71 -5.42
CA VAL F 292 32.31 41.43 -6.63
C VAL F 292 33.69 42.05 -6.50
N ILE F 293 34.72 41.30 -6.85
CA ILE F 293 36.12 41.74 -6.71
C ILE F 293 36.79 41.72 -8.07
N PRO F 294 37.16 42.87 -8.62
CA PRO F 294 37.97 42.88 -9.84
C PRO F 294 39.34 42.28 -9.59
N LEU F 295 39.82 41.51 -10.56
CA LEU F 295 41.15 40.97 -10.46
C LEU F 295 42.17 42.03 -10.90
N THR F 296 43.28 42.11 -10.18
CA THR F 296 44.44 42.90 -10.58
C THR F 296 45.28 42.12 -11.59
N GLU F 297 46.16 42.83 -12.31
CA GLU F 297 47.09 42.15 -13.23
C GLU F 297 47.96 41.13 -12.51
N GLU F 298 48.41 41.44 -11.30
CA GLU F 298 49.25 40.50 -10.58
C GLU F 298 48.48 39.22 -10.29
N ALA F 299 47.19 39.32 -9.98
CA ALA F 299 46.42 38.11 -9.75
C ALA F 299 46.15 37.37 -11.06
N GLU F 300 45.82 38.10 -12.13
CA GLU F 300 45.67 37.50 -13.45
C GLU F 300 46.91 36.72 -13.86
N LEU F 301 48.10 37.30 -13.60
CA LEU F 301 49.35 36.64 -13.94
C LEU F 301 49.62 35.44 -13.03
N GLU F 302 49.37 35.58 -11.73
CA GLU F 302 49.54 34.45 -10.81
C GLU F 302 48.60 33.31 -11.18
N LEU F 303 47.38 33.65 -11.53
CA LEU F 303 46.43 32.62 -11.92
C LEU F 303 46.87 31.98 -13.25
N ALA F 304 47.38 32.79 -14.19
CA ALA F 304 47.91 32.23 -15.44
C ALA F 304 49.05 31.25 -15.17
N GLU F 305 50.06 31.69 -14.41
CA GLU F 305 51.17 30.80 -14.07
C GLU F 305 50.67 29.54 -13.37
N ASN F 306 49.66 29.66 -12.51
CA ASN F 306 49.15 28.49 -11.82
C ASN F 306 48.52 27.52 -12.81
N ARG F 307 47.66 28.03 -13.69
CA ARG F 307 47.03 27.17 -14.70
C ARG F 307 48.08 26.45 -15.55
N GLU F 308 49.21 27.10 -15.84
CA GLU F 308 50.25 26.41 -16.62
C GLU F 308 50.82 25.24 -15.83
N ILE F 309 51.14 25.46 -14.56
CA ILE F 309 51.69 24.41 -13.72
C ILE F 309 50.74 23.22 -13.70
N LEU F 310 49.44 23.48 -13.66
CA LEU F 310 48.50 22.39 -13.55
C LEU F 310 48.40 21.57 -14.83
N LYS F 311 48.75 22.13 -16.00
CA LYS F 311 48.89 21.30 -17.21
C LYS F 311 50.06 20.32 -17.15
N GLU F 312 51.13 20.65 -16.43
CA GLU F 312 52.33 19.84 -16.43
C GLU F 312 52.09 18.60 -15.58
N PRO F 313 52.95 17.59 -15.70
CA PRO F 313 52.87 16.43 -14.81
C PRO F 313 53.57 16.69 -13.48
N VAL F 314 53.15 15.92 -12.47
CA VAL F 314 53.86 16.00 -11.19
C VAL F 314 55.26 15.44 -11.32
N HIS F 315 56.19 16.09 -10.60
CA HIS F 315 57.61 15.76 -10.60
C HIS F 315 57.92 14.57 -9.71
N GLY F 316 58.69 13.62 -10.24
CA GLY F 316 59.14 12.48 -9.44
C GLY F 316 58.07 11.55 -8.92
N VAL F 317 57.11 11.19 -9.75
CA VAL F 317 56.18 10.11 -9.46
C VAL F 317 56.62 8.88 -10.25
N TYR F 318 57.03 7.83 -9.54
CA TYR F 318 57.37 6.58 -10.22
C TYR F 318 56.88 5.42 -9.35
N TYR F 319 56.46 4.35 -10.02
CA TYR F 319 55.97 3.18 -9.32
C TYR F 319 57.08 2.45 -8.56
N ASP F 320 56.76 1.93 -7.38
CA ASP F 320 57.70 1.16 -6.57
C ASP F 320 57.13 -0.24 -6.36
N PRO F 321 57.78 -1.30 -6.86
CA PRO F 321 57.18 -2.63 -6.75
C PRO F 321 57.02 -3.14 -5.32
N SER F 322 57.90 -2.73 -4.41
CA SER F 322 57.79 -3.19 -3.02
C SER F 322 56.56 -2.63 -2.32
N LYS F 323 56.26 -1.34 -2.52
CA LYS F 323 55.21 -0.66 -1.75
C LYS F 323 53.80 -1.00 -2.25
N ASP F 324 52.86 -0.97 -1.31
CA ASP F 324 51.45 -1.20 -1.62
C ASP F 324 50.82 0.00 -2.32
N LEU F 325 49.88 -0.29 -3.21
CA LEU F 325 49.02 0.71 -3.81
C LEU F 325 47.88 1.09 -2.86
N ILE F 326 47.55 2.37 -2.83
CA ILE F 326 46.43 2.89 -2.06
C ILE F 326 45.50 3.62 -3.02
N ALA F 327 44.20 3.34 -2.89
CA ALA F 327 43.16 4.00 -3.70
C ALA F 327 42.20 4.79 -2.82
N GLU F 328 41.94 6.03 -3.22
CA GLU F 328 40.96 6.89 -2.56
C GLU F 328 39.85 7.21 -3.54
N ILE F 329 38.62 7.18 -3.05
CA ILE F 329 37.43 7.44 -3.85
C ILE F 329 36.62 8.56 -3.20
N GLN F 330 36.04 9.42 -4.03
CA GLN F 330 35.15 10.48 -3.58
C GLN F 330 33.84 10.38 -4.34
N LYS F 331 32.74 10.53 -3.62
CA LYS F 331 31.43 10.57 -4.23
C LYS F 331 31.16 12.03 -4.62
N GLN F 332 31.07 12.29 -5.92
CA GLN F 332 30.90 13.63 -6.46
C GLN F 332 29.45 14.00 -6.75
N GLY F 333 28.52 13.08 -6.58
CA GLY F 333 27.13 13.36 -6.89
C GLY F 333 26.81 13.12 -8.35
N GLN F 334 25.50 13.03 -8.61
CA GLN F 334 24.97 12.84 -9.96
C GLN F 334 25.58 11.60 -10.62
N GLY F 335 25.79 10.55 -9.81
CA GLY F 335 26.33 9.29 -10.30
C GLY F 335 27.78 9.33 -10.69
N GLN F 336 28.52 10.33 -10.21
CA GLN F 336 29.91 10.53 -10.58
C GLN F 336 30.81 10.29 -9.38
N TRP F 337 31.92 9.59 -9.63
CA TRP F 337 32.89 9.23 -8.62
C TRP F 337 34.29 9.52 -9.15
N THR F 338 35.17 9.97 -8.28
CA THR F 338 36.54 10.28 -8.64
C THR F 338 37.45 9.44 -7.75
N TYR F 339 38.59 9.03 -8.30
CA TYR F 339 39.52 8.20 -7.55
C TYR F 339 40.96 8.61 -7.85
N GLN F 340 41.84 8.36 -6.87
CA GLN F 340 43.26 8.57 -7.04
C GLN F 340 43.98 7.31 -6.55
N ILE F 341 44.94 6.81 -7.33
CA ILE F 341 45.81 5.70 -6.90
C ILE F 341 47.21 6.23 -6.63
N TYR F 342 47.76 5.86 -5.48
CA TYR F 342 49.09 6.35 -5.12
C TYR F 342 49.73 5.38 -4.14
N GLN F 343 51.01 5.63 -3.87
CA GLN F 343 51.77 4.94 -2.84
C GLN F 343 52.26 5.89 -1.76
N GLU F 344 52.77 7.03 -2.16
CA GLU F 344 53.09 8.13 -1.26
C GLU F 344 52.04 9.23 -1.37
N PRO F 345 51.75 9.93 -0.27
CA PRO F 345 50.79 11.04 -0.33
C PRO F 345 51.22 12.08 -1.36
N PHE F 346 50.27 12.51 -2.18
CA PHE F 346 50.40 13.58 -3.16
C PHE F 346 51.27 13.19 -4.36
N LYS F 347 51.76 11.96 -4.41
CA LYS F 347 52.46 11.41 -5.57
C LYS F 347 51.53 10.37 -6.21
N ASN F 348 50.69 10.82 -7.14
CA ASN F 348 49.62 10.00 -7.67
C ASN F 348 50.07 9.31 -8.96
N LEU F 349 49.94 7.98 -8.98
CA LEU F 349 50.29 7.21 -10.18
C LEU F 349 49.18 7.27 -11.21
N LYS F 350 47.94 7.44 -10.77
CA LYS F 350 46.81 7.61 -11.67
C LYS F 350 45.69 8.33 -10.93
N THR F 351 44.90 9.09 -11.68
CA THR F 351 43.71 9.75 -11.16
C THR F 351 42.64 9.55 -12.22
N GLY F 352 41.43 9.23 -11.76
CA GLY F 352 40.38 8.88 -12.70
C GLY F 352 39.00 9.27 -12.21
N LYS F 353 38.03 9.03 -13.09
CA LYS F 353 36.63 9.25 -12.77
C LYS F 353 35.85 8.06 -13.31
N TYR F 354 34.85 7.60 -12.57
CA TYR F 354 33.97 6.55 -13.06
C TYR F 354 32.55 7.07 -12.96
N ALA F 355 31.75 6.94 -14.03
CA ALA F 355 30.40 7.46 -13.93
C ALA F 355 29.33 6.60 -14.60
N ARG F 356 28.11 6.71 -14.08
CA ARG F 356 26.88 6.27 -14.77
C ARG F 356 26.87 4.83 -15.32
N MET F 357 27.34 3.84 -14.58
CA MET F 357 27.27 2.51 -15.21
C MET F 357 25.92 1.82 -15.05
N ARG F 358 25.57 1.38 -13.85
CA ARG F 358 24.28 0.73 -13.64
C ARG F 358 23.83 0.96 -12.21
N GLY F 359 22.54 1.19 -12.03
CA GLY F 359 22.07 1.56 -10.71
C GLY F 359 22.37 2.99 -10.38
N ALA F 360 22.80 3.76 -11.38
CA ALA F 360 23.14 5.16 -11.22
C ALA F 360 21.91 5.98 -10.87
N HIS F 361 22.05 6.88 -9.87
CA HIS F 361 20.99 7.78 -9.44
C HIS F 361 19.98 7.03 -8.59
N THR F 362 20.17 5.74 -8.35
CA THR F 362 19.26 5.01 -7.47
C THR F 362 20.01 4.25 -6.38
N ASN F 363 21.26 3.82 -6.60
CA ASN F 363 21.94 2.97 -5.61
C ASN F 363 23.41 3.36 -5.54
N ASP F 364 23.78 4.02 -4.44
CA ASP F 364 25.17 4.42 -4.19
C ASP F 364 26.06 3.23 -3.94
N VAL F 365 25.56 2.25 -3.20
CA VAL F 365 26.40 1.12 -2.80
C VAL F 365 26.77 0.28 -4.03
N LYS F 366 25.79 0.01 -4.90
CA LYS F 366 26.11 -0.67 -6.15
C LYS F 366 27.10 0.11 -6.99
N GLN F 367 26.96 1.44 -7.05
CA GLN F 367 27.89 2.20 -7.87
C GLN F 367 29.29 2.17 -7.27
N LEU F 368 29.40 2.33 -5.95
CA LEU F 368 30.72 2.29 -5.33
C LEU F 368 31.36 0.93 -5.49
N THR F 369 30.58 -0.14 -5.40
CA THR F 369 31.11 -1.48 -5.61
C THR F 369 31.62 -1.65 -7.02
N GLU F 370 30.81 -1.29 -8.02
CA GLU F 370 31.26 -1.33 -9.41
C GLU F 370 32.54 -0.53 -9.60
N ALA F 371 32.64 0.64 -8.97
CA ALA F 371 33.81 1.48 -9.09
C ALA F 371 35.04 0.76 -8.52
N VAL F 372 34.89 0.17 -7.33
CA VAL F 372 36.00 -0.58 -6.72
C VAL F 372 36.51 -1.67 -7.65
N GLN F 373 35.59 -2.40 -8.28
CA GLN F 373 36.01 -3.46 -9.21
C GLN F 373 36.78 -2.88 -10.39
N LYS F 374 36.21 -1.86 -11.06
CA LYS F 374 36.91 -1.27 -12.21
C LYS F 374 38.29 -0.74 -11.82
N ILE F 375 38.39 -0.07 -10.68
CA ILE F 375 39.69 0.48 -10.27
C ILE F 375 40.68 -0.66 -10.02
N THR F 376 40.21 -1.72 -9.36
CA THR F 376 41.06 -2.87 -9.10
C THR F 376 41.53 -3.52 -10.39
N THR F 377 40.62 -3.65 -11.36
CA THR F 377 40.99 -4.24 -12.65
C THR F 377 42.09 -3.44 -13.32
N GLU F 378 41.95 -2.11 -13.36
CA GLU F 378 42.99 -1.28 -13.94
C GLU F 378 44.32 -1.49 -13.22
N SER F 379 44.28 -1.61 -11.89
CA SER F 379 45.52 -1.80 -11.14
C SER F 379 46.17 -3.13 -11.48
N ILE F 380 45.37 -4.16 -11.70
CA ILE F 380 45.93 -5.45 -12.09
C ILE F 380 46.61 -5.34 -13.46
N VAL F 381 45.98 -4.65 -14.40
CA VAL F 381 46.54 -4.47 -15.74
C VAL F 381 47.80 -3.61 -15.69
N ILE F 382 47.73 -2.49 -14.98
CA ILE F 382 48.83 -1.53 -15.00
C ILE F 382 50.01 -2.01 -14.15
N TRP F 383 49.75 -2.55 -12.96
CA TRP F 383 50.83 -2.87 -12.04
C TRP F 383 50.84 -4.33 -11.57
N GLY F 384 49.83 -5.13 -11.93
CA GLY F 384 49.72 -6.48 -11.40
C GLY F 384 49.58 -6.53 -9.90
N LYS F 385 48.93 -5.54 -9.30
CA LYS F 385 48.67 -5.52 -7.87
C LYS F 385 47.25 -5.01 -7.65
N THR F 386 46.70 -5.31 -6.46
CA THR F 386 45.43 -4.67 -6.12
C THR F 386 45.66 -3.64 -5.01
N PRO F 387 45.07 -2.46 -5.10
CA PRO F 387 45.31 -1.44 -4.10
C PRO F 387 44.48 -1.68 -2.84
N LYS F 388 44.85 -0.99 -1.76
CA LYS F 388 44.01 -0.92 -0.58
C LYS F 388 43.09 0.29 -0.67
N PHE F 389 41.79 0.03 -0.59
CA PHE F 389 40.82 1.07 -0.82
C PHE F 389 40.45 1.78 0.48
N LYS F 390 40.41 3.10 0.42
CA LYS F 390 39.79 3.94 1.45
C LYS F 390 38.40 4.29 0.96
N LEU F 391 37.38 3.59 1.49
CA LEU F 391 36.02 3.63 0.94
C LEU F 391 35.19 4.70 1.65
N PRO F 392 34.51 5.66 0.87
CA PRO F 392 33.66 6.71 1.49
C PRO F 392 32.27 6.18 1.84
N ILE F 393 32.23 5.31 2.85
CA ILE F 393 30.99 4.65 3.24
C ILE F 393 31.14 4.20 4.69
N GLN F 394 30.02 3.96 5.36
CA GLN F 394 30.05 3.47 6.73
C GLN F 394 30.21 1.96 6.71
N LYS F 395 31.08 1.46 7.61
CA LYS F 395 31.43 0.04 7.62
C LYS F 395 30.21 -0.87 7.57
N GLU F 396 29.17 -0.57 8.35
CA GLU F 396 28.02 -1.47 8.39
C GLU F 396 27.21 -1.40 7.11
N THR F 397 27.17 -0.24 6.45
CA THR F 397 26.44 -0.16 5.19
C THR F 397 27.11 -1.02 4.12
N TRP F 398 28.44 -0.95 4.04
CA TRP F 398 29.17 -1.70 3.03
C TRP F 398 29.04 -3.20 3.27
N GLU F 399 29.26 -3.63 4.51
CA GLU F 399 29.26 -5.05 4.82
C GLU F 399 27.89 -5.68 4.60
N THR F 400 26.82 -4.91 4.81
CA THR F 400 25.48 -5.45 4.59
C THR F 400 25.24 -5.78 3.11
N TRP F 401 25.71 -4.94 2.20
CA TRP F 401 25.28 -5.00 0.79
C TRP F 401 26.35 -5.39 -0.22
N TRP F 402 27.64 -5.29 0.09
CA TRP F 402 28.63 -5.30 -0.99
C TRP F 402 28.63 -6.63 -1.76
N THR F 403 28.48 -7.76 -1.06
CA THR F 403 28.48 -9.05 -1.74
C THR F 403 27.35 -9.17 -2.76
N GLU F 404 26.25 -8.45 -2.54
CA GLU F 404 25.12 -8.48 -3.45
C GLU F 404 25.49 -8.02 -4.87
N TYR F 405 26.45 -7.12 -5.00
CA TYR F 405 26.80 -6.53 -6.30
C TYR F 405 28.17 -6.99 -6.80
N TRP F 406 28.80 -7.97 -6.14
CA TRP F 406 30.18 -8.32 -6.46
C TRP F 406 30.24 -9.41 -7.54
N GLN F 407 31.01 -9.14 -8.60
CA GLN F 407 31.12 -10.06 -9.75
C GLN F 407 32.57 -10.42 -10.10
N ALA F 408 33.52 -10.23 -9.20
CA ALA F 408 34.92 -10.52 -9.48
C ALA F 408 35.36 -11.70 -8.62
N THR F 409 36.41 -12.38 -9.07
CA THR F 409 36.89 -13.57 -8.38
C THR F 409 37.91 -13.27 -7.29
N TRP F 410 38.44 -12.06 -7.23
CA TRP F 410 39.31 -11.57 -6.17
C TRP F 410 38.57 -10.57 -5.29
N ILE F 411 39.18 -10.22 -4.16
CA ILE F 411 38.60 -9.27 -3.22
C ILE F 411 39.71 -8.39 -2.67
N PRO F 412 39.74 -7.09 -2.98
CA PRO F 412 40.82 -6.24 -2.48
C PRO F 412 40.66 -5.99 -0.99
N GLU F 413 41.71 -5.37 -0.43
CA GLU F 413 41.67 -4.91 0.95
C GLU F 413 41.05 -3.51 0.99
N TRP F 414 40.26 -3.24 2.02
CA TRP F 414 39.65 -1.93 2.14
C TRP F 414 39.65 -1.47 3.60
N GLU F 415 39.54 -0.16 3.77
CA GLU F 415 39.26 0.45 5.05
C GLU F 415 38.24 1.55 4.81
N PHE F 416 37.63 2.05 5.88
CA PHE F 416 36.53 3.00 5.77
C PHE F 416 36.90 4.37 6.33
N VAL F 417 36.52 5.42 5.59
CA VAL F 417 36.86 6.78 6.00
C VAL F 417 35.58 7.60 5.98
N ASN F 418 35.56 8.65 6.82
CA ASN F 418 34.45 9.62 6.87
C ASN F 418 35.01 11.04 6.91
N THR F 419 35.39 11.62 5.76
CA THR F 419 35.87 13.01 5.81
C THR F 419 35.36 13.87 4.68
N PRO F 420 34.40 14.77 4.95
CA PRO F 420 34.02 15.83 3.98
C PRO F 420 35.10 16.89 3.83
N PRO F 421 36.28 16.65 3.25
CA PRO F 421 37.30 17.70 3.37
C PRO F 421 37.28 18.65 2.19
N LEU F 422 36.13 18.83 1.53
CA LEU F 422 36.04 19.75 0.40
C LEU F 422 37.10 19.36 -0.63
N VAL F 423 37.47 18.09 -0.57
CA VAL F 423 38.45 17.44 -1.43
C VAL F 423 37.99 17.49 -2.88
N LYS F 424 36.94 18.26 -3.21
CA LYS F 424 36.65 18.33 -4.63
C LYS F 424 37.49 19.49 -5.15
N LEU F 425 38.78 19.19 -5.11
CA LEU F 425 39.84 19.48 -6.07
C LEU F 425 39.62 18.71 -7.36
N TRP F 426 39.31 17.42 -7.20
CA TRP F 426 39.24 16.46 -8.29
C TRP F 426 38.04 16.76 -9.17
N TYR F 427 36.93 17.18 -8.59
CA TYR F 427 35.77 17.56 -9.36
C TYR F 427 35.76 19.08 -9.47
N GLN F 428 34.79 19.62 -10.19
CA GLN F 428 34.73 21.06 -10.38
C GLN F 428 33.58 21.71 -9.61
P MRG H 16 32.19 -11.19 35.20
OP1 MRG H 16 32.57 -11.42 36.66
OP2 MRG H 16 32.46 -12.45 34.35
O5' MRG H 16 30.69 -10.72 35.11
N9 MRG H 16 28.04 -8.97 32.52
C4 MRG H 16 27.35 -8.60 31.41
N3 MRG H 16 26.25 -7.69 31.23
C2 MRG H 16 25.67 -7.46 29.93
N1 MRG H 16 26.22 -8.16 28.80
C6 MRG H 16 27.30 -9.06 28.97
O6 MRG H 16 27.77 -9.66 27.98
C5 MRG H 16 27.89 -9.28 30.33
N7 MRG H 16 28.90 -10.04 30.80
C8 MRG H 16 28.99 -9.85 32.13
N2 MRG H 16 24.53 -6.53 29.73
C21 MRG H 16 23.86 -5.74 30.76
C22 MRG H 16 23.93 -6.08 32.24
C23 MRG H 16 24.23 -4.92 33.19
S24 MRG H 16 24.66 -5.33 34.88
C2' MRG H 16 26.89 -9.33 34.68
C5' MRG H 16 30.28 -9.73 35.98
C4' MRG H 16 28.90 -9.11 35.80
O4' MRG H 16 28.96 -8.25 34.71
C1' MRG H 16 27.78 -8.45 33.89
C3' MRG H 16 27.79 -10.07 35.52
O3' MRG H 16 27.09 -10.49 36.64
C1 GLC I . -23.17 2.25 -6.26
C2 GLC I . -22.19 1.27 -5.68
C3 GLC I . -22.01 1.54 -4.18
C4 GLC I . -21.48 2.93 -3.98
C5 GLC I . -22.49 3.88 -4.59
C6 GLC I . -22.02 5.33 -4.39
O2 GLC I . -22.70 -0.06 -5.83
O3 GLC I . -21.07 0.60 -3.63
O4 GLC I . -21.38 3.17 -2.56
O5 GLC I . -22.70 3.61 -5.99
O6 GLC I . -20.75 5.48 -5.00
C1 FRU I . -26.32 1.75 -7.23
C2 FRU I . -25.78 2.36 -5.89
C3 FRU I . -26.95 2.44 -5.02
C4 FRU I . -26.99 3.86 -4.63
C5 FRU I . -26.45 4.56 -5.95
C6 FRU I . -25.99 5.98 -5.65
O1 FRU I . -25.35 1.63 -8.29
O2 FRU I . -24.40 2.10 -5.54
O3 FRU I . -27.34 1.29 -4.19
O4 FRU I . -28.32 4.25 -4.34
O5 FRU I . -25.33 3.81 -5.78
O6 FRU I . -25.64 6.67 -6.87
C1 GLC J . 38.29 -8.53 6.54
C2 GLC J . 39.38 -9.51 6.13
C3 GLC J . 40.72 -8.88 6.40
C4 GLC J . 40.80 -7.61 5.60
C5 GLC J . 39.70 -6.64 6.00
C6 GLC J . 39.84 -5.40 5.13
O2 GLC J . 39.21 -10.76 6.87
O3 GLC J . 41.72 -9.75 5.87
O4 GLC J . 42.07 -7.00 5.88
O5 GLC J . 38.46 -7.29 5.75
O6 GLC J . 39.84 -5.77 3.76
C1 FRU J . 36.23 -9.89 8.35
C2 FRU J . 36.88 -8.53 8.07
C3 FRU J . 37.38 -7.97 9.51
C4 FRU J . 37.66 -6.31 9.40
C5 FRU J . 36.44 -6.53 8.94
C6 FRU J . 36.44 -5.37 7.92
O1 FRU J . 35.67 -10.43 7.14
O2 FRU J . 38.31 -8.20 8.03
O3 FRU J . 38.43 -8.81 10.05
O4 FRU J . 37.46 -5.71 10.70
O5 FRU J . 36.21 -7.35 7.82
O6 FRU J . 35.25 -5.32 7.12
MG MG K . -52.21 -20.15 -15.28
MG MG L . -26.16 37.76 15.59
N1 DDS M . -50.89 -16.29 -4.03
C2 DDS M . -49.77 -16.96 -4.38
N3 DDS M . -49.46 -17.20 -5.65
C4 DDS M . -50.27 -16.79 -6.64
C5 DDS M . -51.46 -16.10 -6.31
C6 DDS M . -51.74 -15.87 -4.95
N6 DDS M . -52.97 -15.16 -4.55
N7 DDS M . -52.09 -15.81 -7.48
C8 DDS M . -51.33 -16.29 -8.49
N9 DDS M . -50.24 -16.88 -7.99
PA DDS M . -52.96 -18.66 -12.37
PB DDS M . -52.52 -21.40 -12.43
PG DDS M . -54.62 -22.06 -14.07
C1' DDS M . -49.15 -17.53 -8.74
O1A DDS M . -53.93 -17.75 -11.60
O1B DDS M . -51.70 -22.08 -11.43
O1G DDS M . -55.57 -23.18 -14.25
C2' DDS M . -49.26 -19.02 -8.73
O2A DDS M . -53.30 -18.66 -13.81
O2B DDS M . -51.68 -21.05 -13.63
O2G DDS M . -53.82 -21.89 -15.34
C3' DDS M . -49.04 -19.43 -10.12
O3A DDS M . -53.13 -20.14 -11.77
O3B DDS M . -53.64 -22.41 -12.89
O3G DDS M . -55.44 -20.76 -13.75
C4' DDS M . -49.45 -18.26 -10.90
O4' DDS M . -49.07 -17.14 -10.08
C5' DDS M . -50.87 -18.32 -11.01
O5' DDS M . -51.49 -18.13 -12.18
C1 EDO N . -50.19 28.04 -7.44
O1 EDO N . -48.76 27.92 -7.52
C2 EDO N . -50.82 26.68 -7.17
O2 EDO N . -50.39 26.19 -5.90
S SO4 O . -31.28 5.58 -16.43
O1 SO4 O . -31.88 4.25 -16.55
O2 SO4 O . -30.22 5.52 -15.44
O3 SO4 O . -30.73 5.98 -17.72
O4 SO4 O . -32.32 6.51 -16.01
C1 EDO P . -2.00 15.96 6.47
O1 EDO P . -1.18 16.77 5.63
C2 EDO P . -1.36 14.58 6.64
O2 EDO P . -2.37 13.64 7.00
C1 EDO Q . -11.58 21.13 2.25
O1 EDO Q . -10.80 21.84 1.26
C2 EDO Q . -12.84 21.92 2.56
O2 EDO Q . -13.67 21.18 3.48
C1 EDO R . -47.43 -7.26 -1.93
O1 EDO R . -48.66 -6.68 -2.38
C2 EDO R . -47.66 -8.65 -1.36
O2 EDO R . -48.15 -9.52 -2.39
N1 DDS S . 26.29 -26.50 31.97
C2 DDS S . 27.02 -27.17 31.04
N3 DDS S . 26.44 -27.86 30.04
C4 DDS S . 25.11 -27.91 29.94
C5 DDS S . 24.30 -27.23 30.87
C6 DDS S . 24.95 -26.52 31.90
N6 DDS S . 24.19 -25.80 32.92
N7 DDS S . 23.01 -27.44 30.53
C8 DDS S . 22.99 -28.22 29.42
N9 DDS S . 24.27 -28.50 29.07
PA DDS S . 20.00 -31.74 28.59
PB DDS S . 21.04 -34.13 29.52
PG DDS S . 18.59 -35.23 30.26
C1' DDS S . 24.71 -29.30 27.93
O1A DDS S . 18.78 -32.37 28.03
O1B DDS S . 22.43 -34.29 29.88
O1G DDS S . 18.22 -36.64 30.54
C2' DDS S . 25.11 -30.67 28.35
O2A DDS S . 19.63 -30.40 29.24
O2B DDS S . 20.83 -34.54 28.08
O2G DDS S . 18.17 -34.92 28.84
C3' DDS S . 24.30 -31.60 27.57
O3A DDS S . 20.66 -32.65 29.73
O3B DDS S . 20.15 -35.06 30.44
O3G DDS S . 17.83 -34.29 31.26
C4' DDS S . 23.26 -30.79 26.92
O4' DDS S . 23.77 -29.44 26.90
C5' DDS S . 22.11 -30.81 27.76
O5' DDS S . 21.02 -31.50 27.42
MG MG T . 19.13 -34.38 27.00
MG MG U . 43.29 30.22 14.02
C1 EDO V . 46.65 12.99 -1.15
O1 EDO V . 46.00 12.19 -0.16
C2 EDO V . 46.08 12.68 -2.54
O2 EDO V . 46.81 11.59 -3.10
C1 EDO W . 25.51 -16.08 10.83
O1 EDO W . 26.50 -16.58 9.91
C2 EDO W . 24.27 -16.96 10.82
O2 EDO W . 23.56 -16.75 12.07
#